data_1OZH
#
_entry.id   1OZH
#
_cell.length_a   86.320
_cell.length_b   92.814
_cell.length_c   97.420
_cell.angle_alpha   67.97
_cell.angle_beta   63.48
_cell.angle_gamma   67.68
#
_symmetry.space_group_name_H-M   'P 1'
#
loop_
_entity.id
_entity.type
_entity.pdbx_description
1 polymer 'Acetolactate synthase, catabolic'
2 non-polymer 'PHOSPHATE ION'
3 non-polymer 'MAGNESIUM ION'
4 non-polymer 'TRIETHYLENE GLYCOL'
5 non-polymer '2-HYDROXYETHYL DIHYDROTHIACHROME DIPHOSPHATE'
6 non-polymer DI(HYDROXYETHYL)ETHER
7 water water
#
_entity_poly.entity_id   1
_entity_poly.type   'polypeptide(L)'
_entity_poly.pdbx_seq_one_letter_code
;MDKQYPVRQWAHGADLVVSQLEAQGVRQVFGIPGAKIDKVFDSLLDSSIRIIPVRHEANAAFMAAAVGRITGKAGVALVT
SGPGCSNLITGMATANSEGDPVVALGGAVKRADKAKQVHQSMDTVAMFSPVTKYAIEVTAPDALAEVVSNAFRAAEQGRP
GSAFVSLPQDVVDGPVSGKVLPASGAPQMGAAPDDAIDQVAKLIAQAKNPIFLLGLMASQPENSKALRRLLETSHIPVTS
TYQAAGAVNQDNFSRFAGRVGLFNNQAGDRLLQLADLVICIGYSPVEYEPAMWNSGNATLVHIDVLPAYEERNYTPDVEL
VGDIAGTLNKLAQNIDHRLVLSPQAAEILRDRQHQRELLDRRGAQLNQFALHPLRIVRAMQDIVNSDVTLTVDMGSFHIW
IARYLYTFRARQVMISNGQQTMGVALPWAIGAWLVNPERKVVSVSGDGGFLQSSMELETAVRLKANVLHLIWVDNGYNMV
AIQEEKKYQRLSGVEFGPMDFKAYAESFGAKGFAVESAEALEPTLRAAMDVDGPAVVAIPVDYRDNPLLMGQLHLSQILE
HHHHHH
;
_entity_poly.pdbx_strand_id   A,B,C,D
#
# COMPACT_ATOMS: atom_id res chain seq x y z
N VAL A 7 -33.77 13.53 -0.29
CA VAL A 7 -32.59 13.84 -1.14
C VAL A 7 -32.92 14.94 -2.15
N ARG A 8 -31.93 15.77 -2.46
CA ARG A 8 -32.11 16.86 -3.40
C ARG A 8 -31.29 16.60 -4.66
N GLN A 9 -31.61 17.34 -5.72
CA GLN A 9 -30.92 17.20 -7.00
C GLN A 9 -29.84 18.29 -7.06
N TRP A 10 -28.59 17.89 -7.23
CA TRP A 10 -27.51 18.85 -7.28
C TRP A 10 -26.87 18.97 -8.66
N ALA A 11 -26.75 20.19 -9.15
CA ALA A 11 -26.13 20.42 -10.45
C ALA A 11 -24.64 20.13 -10.37
N HIS A 12 -24.06 20.36 -9.19
CA HIS A 12 -22.63 20.14 -8.96
C HIS A 12 -22.37 19.40 -7.66
N GLY A 13 -21.56 18.34 -7.71
CA GLY A 13 -21.24 17.61 -6.50
C GLY A 13 -20.68 18.61 -5.50
N ALA A 14 -19.99 19.62 -6.02
CA ALA A 14 -19.38 20.65 -5.19
C ALA A 14 -20.37 21.31 -4.25
N ASP A 15 -21.59 21.57 -4.73
CA ASP A 15 -22.61 22.20 -3.90
C ASP A 15 -22.98 21.29 -2.75
N LEU A 16 -23.06 19.99 -3.03
CA LEU A 16 -23.38 19.01 -2.02
C LEU A 16 -22.28 19.03 -0.96
N VAL A 17 -21.03 19.05 -1.43
CA VAL A 17 -19.87 19.08 -0.54
C VAL A 17 -19.94 20.28 0.40
N VAL A 18 -20.24 21.45 -0.16
CA VAL A 18 -20.33 22.64 0.68
C VAL A 18 -21.44 22.49 1.71
N SER A 19 -22.60 21.97 1.30
CA SER A 19 -23.71 21.78 2.22
C SER A 19 -23.31 20.84 3.35
N GLN A 20 -22.57 19.80 2.99
CA GLN A 20 -22.11 18.82 3.97
C GLN A 20 -21.18 19.51 4.97
N LEU A 21 -20.37 20.45 4.48
CA LEU A 21 -19.47 21.19 5.35
C LEU A 21 -20.26 22.05 6.32
N GLU A 22 -21.29 22.74 5.81
CA GLU A 22 -22.11 23.58 6.67
C GLU A 22 -22.84 22.73 7.72
N ALA A 23 -23.29 21.55 7.34
CA ALA A 23 -23.96 20.66 8.28
C ALA A 23 -23.02 20.33 9.43
N GLN A 24 -21.72 20.38 9.16
CA GLN A 24 -20.70 20.09 10.16
C GLN A 24 -20.41 21.33 11.01
N GLY A 25 -20.85 22.49 10.54
CA GLY A 25 -20.62 23.72 11.29
C GLY A 25 -19.30 24.39 11.00
N VAL A 26 -18.68 24.02 9.88
CA VAL A 26 -17.40 24.60 9.48
C VAL A 26 -17.53 26.12 9.29
N ARG A 27 -16.66 26.87 9.94
CA ARG A 27 -16.70 28.34 9.82
C ARG A 27 -15.76 28.87 8.74
N GLN A 28 -14.69 28.16 8.47
CA GLN A 28 -13.76 28.58 7.43
C GLN A 28 -13.02 27.39 6.86
N VAL A 29 -12.46 27.60 5.66
CA VAL A 29 -11.68 26.57 4.97
C VAL A 29 -10.34 27.21 4.63
N PHE A 30 -9.25 26.48 4.86
CA PHE A 30 -7.91 26.98 4.55
C PHE A 30 -7.39 26.24 3.33
N GLY A 31 -6.74 26.96 2.42
CA GLY A 31 -6.22 26.30 1.25
C GLY A 31 -5.76 27.18 0.12
N ILE A 32 -5.43 26.54 -1.00
CA ILE A 32 -4.99 27.21 -2.21
C ILE A 32 -5.75 26.54 -3.36
N PRO A 33 -6.47 27.33 -4.17
CA PRO A 33 -7.22 26.77 -5.28
C PRO A 33 -6.37 26.30 -6.46
N GLY A 34 -6.96 25.41 -7.25
CA GLY A 34 -6.33 24.85 -8.43
C GLY A 34 -7.45 24.43 -9.36
N ALA A 35 -7.13 24.16 -10.62
CA ALA A 35 -8.16 23.76 -11.59
C ALA A 35 -9.07 22.61 -11.18
N LYS A 36 -8.47 21.50 -10.77
CA LYS A 36 -9.24 20.32 -10.36
C LYS A 36 -10.21 20.53 -9.21
N ILE A 37 -9.90 21.48 -8.33
CA ILE A 37 -10.74 21.73 -7.17
C ILE A 37 -11.45 23.08 -7.15
N ASP A 38 -11.22 23.94 -8.12
CA ASP A 38 -11.85 25.26 -8.05
C ASP A 38 -13.37 25.32 -7.97
N LYS A 39 -14.07 24.25 -8.35
CA LYS A 39 -15.51 24.30 -8.25
C LYS A 39 -15.95 24.38 -6.79
N VAL A 40 -15.24 23.67 -5.91
CA VAL A 40 -15.58 23.69 -4.49
C VAL A 40 -15.32 25.10 -3.97
N PHE A 41 -14.21 25.70 -4.40
CA PHE A 41 -13.89 27.06 -3.98
C PHE A 41 -15.02 27.98 -4.44
N ASP A 42 -15.45 27.78 -5.68
CA ASP A 42 -16.52 28.58 -6.25
C ASP A 42 -17.81 28.43 -5.45
N SER A 43 -18.20 27.18 -5.18
CA SER A 43 -19.42 26.92 -4.42
C SER A 43 -19.38 27.52 -3.03
N LEU A 44 -18.17 27.66 -2.45
CA LEU A 44 -18.04 28.24 -1.12
C LEU A 44 -18.39 29.72 -1.14
N LEU A 45 -18.42 30.29 -2.35
CA LEU A 45 -18.76 31.70 -2.51
C LEU A 45 -20.22 31.95 -2.15
N ASP A 46 -21.07 30.95 -2.39
CA ASP A 46 -22.49 31.07 -2.07
C ASP A 46 -22.78 30.50 -0.69
N SER A 47 -21.75 30.35 0.12
CA SER A 47 -21.89 29.80 1.46
C SER A 47 -21.46 30.76 2.55
N SER A 48 -21.87 30.47 3.78
CA SER A 48 -21.50 31.29 4.92
C SER A 48 -20.06 30.97 5.35
N ILE A 49 -19.54 29.85 4.83
CA ILE A 49 -18.17 29.43 5.15
C ILE A 49 -17.16 30.39 4.54
N ARG A 50 -16.26 30.90 5.37
CA ARG A 50 -15.24 31.83 4.91
C ARG A 50 -14.08 31.12 4.24
N ILE A 51 -13.65 31.64 3.08
CA ILE A 51 -12.53 31.08 2.34
C ILE A 51 -11.25 31.78 2.77
N ILE A 52 -10.28 31.03 3.27
CA ILE A 52 -9.02 31.64 3.68
C ILE A 52 -7.85 31.12 2.87
N PRO A 53 -7.42 31.89 1.87
CA PRO A 53 -6.30 31.52 1.01
C PRO A 53 -4.99 31.60 1.81
N VAL A 54 -4.20 30.53 1.78
CA VAL A 54 -2.91 30.52 2.47
C VAL A 54 -1.82 30.60 1.42
N ARG A 55 -0.56 30.71 1.84
CA ARG A 55 0.52 30.82 0.86
C ARG A 55 1.24 29.50 0.58
N HIS A 56 1.10 28.54 1.47
CA HIS A 56 1.66 27.19 1.27
C HIS A 56 0.70 26.22 1.93
N GLU A 57 0.24 25.22 1.17
CA GLU A 57 -0.71 24.22 1.68
C GLU A 57 -0.34 23.58 3.00
N ALA A 58 0.95 23.39 3.26
CA ALA A 58 1.35 22.76 4.51
C ALA A 58 0.75 23.55 5.67
N ASN A 59 0.73 24.86 5.54
CA ASN A 59 0.20 25.72 6.59
C ASN A 59 -1.31 25.67 6.72
N ALA A 60 -2.00 25.20 5.67
CA ALA A 60 -3.46 25.09 5.74
C ALA A 60 -3.73 23.97 6.74
N ALA A 61 -2.96 22.90 6.64
CA ALA A 61 -3.11 21.76 7.55
C ALA A 61 -2.77 22.16 9.00
N PHE A 62 -1.71 22.97 9.17
CA PHE A 62 -1.33 23.42 10.50
C PHE A 62 -2.42 24.30 11.11
N MET A 63 -2.93 25.24 10.33
CA MET A 63 -3.99 26.12 10.83
C MET A 63 -5.21 25.29 11.20
N ALA A 64 -5.56 24.34 10.34
CA ALA A 64 -6.71 23.48 10.59
C ALA A 64 -6.53 22.69 11.89
N ALA A 65 -5.30 22.27 12.16
CA ALA A 65 -5.03 21.50 13.38
C ALA A 65 -5.34 22.31 14.63
N ALA A 66 -5.03 23.61 14.58
CA ALA A 66 -5.28 24.48 15.72
C ALA A 66 -6.78 24.59 15.95
N VAL A 67 -7.52 24.81 14.87
CA VAL A 67 -8.97 24.93 14.96
C VAL A 67 -9.53 23.65 15.57
N GLY A 68 -9.05 22.52 15.08
CA GLY A 68 -9.50 21.24 15.59
C GLY A 68 -9.21 21.03 17.07
N ARG A 69 -7.99 21.33 17.49
CA ARG A 69 -7.62 21.14 18.88
C ARG A 69 -8.45 21.99 19.85
N ILE A 70 -8.76 23.21 19.43
CA ILE A 70 -9.52 24.13 20.26
C ILE A 70 -11.03 23.85 20.28
N THR A 71 -11.64 23.78 19.11
CA THR A 71 -13.08 23.56 19.02
C THR A 71 -13.53 22.11 19.14
N GLY A 72 -12.58 21.17 19.02
CA GLY A 72 -12.96 19.76 19.10
C GLY A 72 -13.64 19.34 17.80
N LYS A 73 -13.84 20.29 16.90
CA LYS A 73 -14.44 20.03 15.61
C LYS A 73 -13.34 20.25 14.56
N ALA A 74 -13.17 19.29 13.67
CA ALA A 74 -12.12 19.34 12.65
C ALA A 74 -11.95 20.63 11.84
N GLY A 75 -10.70 21.09 11.75
CA GLY A 75 -10.41 22.26 10.94
C GLY A 75 -10.43 21.71 9.52
N VAL A 76 -10.67 22.56 8.53
CA VAL A 76 -10.76 22.11 7.15
C VAL A 76 -9.76 22.72 6.17
N ALA A 77 -9.07 21.84 5.43
CA ALA A 77 -8.10 22.26 4.43
C ALA A 77 -8.67 21.87 3.07
N LEU A 78 -8.43 22.70 2.07
CA LEU A 78 -8.93 22.45 0.71
C LEU A 78 -7.83 22.80 -0.28
N VAL A 79 -7.39 21.81 -1.05
CA VAL A 79 -6.31 22.02 -2.00
C VAL A 79 -6.57 21.34 -3.34
N THR A 80 -5.76 21.67 -4.34
CA THR A 80 -5.93 21.08 -5.65
C THR A 80 -5.18 19.75 -5.77
N SER A 81 -5.27 19.14 -6.94
CA SER A 81 -4.64 17.85 -7.17
C SER A 81 -3.12 17.94 -7.23
N GLY A 82 -2.48 16.77 -7.24
CA GLY A 82 -1.03 16.70 -7.35
C GLY A 82 -0.26 17.39 -6.26
N PRO A 83 0.59 18.37 -6.60
CA PRO A 83 1.37 19.08 -5.57
C PRO A 83 0.49 19.78 -4.54
N GLY A 84 -0.74 20.07 -4.91
CA GLY A 84 -1.67 20.70 -3.98
C GLY A 84 -1.85 19.77 -2.80
N CYS A 85 -1.94 18.47 -3.09
CA CYS A 85 -2.12 17.45 -2.07
C CYS A 85 -0.82 17.05 -1.38
N SER A 86 0.22 16.74 -2.16
CA SER A 86 1.47 16.33 -1.55
C SER A 86 2.09 17.41 -0.63
N ASN A 87 1.72 18.67 -0.85
CA ASN A 87 2.23 19.75 0.00
C ASN A 87 1.59 19.74 1.40
N LEU A 88 0.54 18.93 1.57
CA LEU A 88 -0.17 18.81 2.85
C LEU A 88 0.34 17.70 3.77
N ILE A 89 0.98 16.70 3.18
CA ILE A 89 1.42 15.53 3.94
C ILE A 89 2.06 15.75 5.30
N THR A 90 3.11 16.57 5.39
CA THR A 90 3.75 16.81 6.68
C THR A 90 2.72 17.38 7.67
N GLY A 91 1.95 18.37 7.21
CA GLY A 91 0.95 18.95 8.09
C GLY A 91 -0.05 17.93 8.59
N MET A 92 -0.49 17.05 7.70
CA MET A 92 -1.45 16.02 8.06
C MET A 92 -0.87 15.01 9.06
N ALA A 93 0.41 14.69 8.89
CA ALA A 93 1.07 13.76 9.81
C ALA A 93 1.21 14.38 11.20
N THR A 94 1.50 15.68 11.23
CA THR A 94 1.67 16.40 12.49
C THR A 94 0.36 16.41 13.28
N ALA A 95 -0.71 16.73 12.57
CA ALA A 95 -2.05 16.74 13.16
C ALA A 95 -2.42 15.36 13.67
N ASN A 96 -2.13 14.32 12.88
CA ASN A 96 -2.48 12.97 13.28
C ASN A 96 -1.68 12.50 14.51
N SER A 97 -0.40 12.84 14.57
CA SER A 97 0.40 12.42 15.70
C SER A 97 0.01 13.15 16.99
N GLU A 98 -0.48 14.38 16.85
CA GLU A 98 -0.88 15.18 18.02
C GLU A 98 -2.33 14.96 18.41
N GLY A 99 -3.06 14.22 17.60
CA GLY A 99 -4.46 13.95 17.91
C GLY A 99 -5.38 15.11 17.60
N ASP A 100 -4.99 15.95 16.65
CA ASP A 100 -5.81 17.10 16.27
C ASP A 100 -6.74 16.73 15.10
N PRO A 101 -8.05 16.97 15.27
CA PRO A 101 -9.02 16.66 14.20
C PRO A 101 -8.89 17.60 13.01
N VAL A 102 -8.61 17.01 11.84
CA VAL A 102 -8.43 17.78 10.62
C VAL A 102 -8.97 17.01 9.42
N VAL A 103 -9.78 17.68 8.62
CA VAL A 103 -10.31 17.08 7.40
C VAL A 103 -9.73 17.84 6.23
N ALA A 104 -9.06 17.15 5.33
CA ALA A 104 -8.48 17.77 4.15
C ALA A 104 -9.15 17.21 2.90
N LEU A 105 -9.68 18.11 2.07
CA LEU A 105 -10.34 17.73 0.83
C LEU A 105 -9.39 18.13 -0.30
N GLY A 106 -8.88 17.13 -1.01
CA GLY A 106 -7.96 17.42 -2.10
C GLY A 106 -8.50 17.05 -3.46
N GLY A 107 -8.26 17.91 -4.43
CA GLY A 107 -8.71 17.65 -5.79
C GLY A 107 -7.98 16.47 -6.40
N ALA A 108 -8.50 15.98 -7.53
CA ALA A 108 -7.88 14.86 -8.21
C ALA A 108 -8.29 14.89 -9.69
N VAL A 109 -7.51 14.24 -10.54
CA VAL A 109 -7.83 14.23 -11.96
C VAL A 109 -9.17 13.53 -12.18
N LYS A 110 -9.81 13.80 -13.32
CA LYS A 110 -11.08 13.16 -13.61
C LYS A 110 -10.93 11.65 -13.48
N ARG A 111 -12.02 10.98 -13.14
CA ARG A 111 -11.99 9.54 -12.98
C ARG A 111 -11.49 8.83 -14.24
N ALA A 112 -11.86 9.37 -15.40
CA ALA A 112 -11.45 8.80 -16.69
C ALA A 112 -9.94 8.93 -16.93
N ASP A 113 -9.34 9.99 -16.39
CA ASP A 113 -7.91 10.21 -16.57
C ASP A 113 -7.05 9.35 -15.65
N LYS A 114 -7.62 8.87 -14.55
CA LYS A 114 -6.88 8.03 -13.61
C LYS A 114 -6.76 6.59 -14.10
N SER A 121 -1.34 9.05 -12.85
CA SER A 121 -1.82 10.02 -11.86
C SER A 121 -1.27 9.69 -10.47
N MET A 122 -1.24 10.69 -9.60
CA MET A 122 -0.73 10.54 -8.24
C MET A 122 -1.72 9.79 -7.34
N ASP A 123 -1.28 8.69 -6.76
CA ASP A 123 -2.13 7.90 -5.86
C ASP A 123 -2.06 8.53 -4.48
N THR A 124 -2.74 9.66 -4.33
CA THR A 124 -2.74 10.39 -3.07
C THR A 124 -3.28 9.58 -1.89
N VAL A 125 -4.31 8.78 -2.13
CA VAL A 125 -4.88 7.97 -1.06
C VAL A 125 -3.80 7.09 -0.44
N ALA A 126 -2.97 6.49 -1.30
CA ALA A 126 -1.89 5.62 -0.83
C ALA A 126 -0.87 6.45 -0.07
N MET A 127 -0.67 7.69 -0.50
CA MET A 127 0.30 8.59 0.13
C MET A 127 -0.11 9.09 1.51
N PHE A 128 -1.41 9.34 1.70
CA PHE A 128 -1.91 9.85 2.98
C PHE A 128 -2.23 8.77 4.01
N SER A 129 -2.49 7.55 3.57
CA SER A 129 -2.82 6.45 4.49
C SER A 129 -1.83 6.31 5.65
N PRO A 130 -0.52 6.44 5.38
CA PRO A 130 0.47 6.30 6.45
C PRO A 130 0.42 7.39 7.53
N VAL A 131 -0.08 8.57 7.20
CA VAL A 131 -0.13 9.67 8.17
C VAL A 131 -1.53 10.20 8.48
N THR A 132 -2.54 9.35 8.33
CA THR A 132 -3.92 9.75 8.60
C THR A 132 -4.71 8.60 9.22
N LYS A 133 -5.86 8.92 9.82
CA LYS A 133 -6.74 7.90 10.41
C LYS A 133 -7.70 7.45 9.32
N TYR A 134 -7.90 8.32 8.34
CA TYR A 134 -8.87 8.08 7.28
C TYR A 134 -8.41 8.71 5.98
N ALA A 135 -8.41 7.94 4.90
CA ALA A 135 -8.01 8.43 3.59
C ALA A 135 -8.83 7.66 2.57
N ILE A 136 -9.63 8.38 1.80
CA ILE A 136 -10.48 7.74 0.80
C ILE A 136 -10.78 8.67 -0.37
N GLU A 137 -10.97 8.07 -1.54
CA GLU A 137 -11.28 8.83 -2.75
C GLU A 137 -12.71 8.52 -3.18
N VAL A 138 -13.45 9.57 -3.53
CA VAL A 138 -14.82 9.43 -3.98
C VAL A 138 -14.82 8.95 -5.42
N THR A 139 -15.15 7.68 -5.61
CA THR A 139 -15.15 7.10 -6.95
C THR A 139 -16.55 7.09 -7.58
N ALA A 140 -17.55 7.51 -6.81
CA ALA A 140 -18.93 7.56 -7.28
C ALA A 140 -19.61 8.79 -6.68
N PRO A 141 -20.20 9.64 -7.54
CA PRO A 141 -20.88 10.86 -7.07
C PRO A 141 -21.89 10.65 -5.94
N ASP A 142 -22.61 9.55 -5.98
CA ASP A 142 -23.62 9.27 -4.95
C ASP A 142 -23.03 8.92 -3.59
N ALA A 143 -21.70 8.86 -3.51
CA ALA A 143 -21.02 8.54 -2.25
C ALA A 143 -20.38 9.80 -1.68
N LEU A 144 -20.41 10.87 -2.48
CA LEU A 144 -19.82 12.14 -2.11
C LEU A 144 -20.12 12.62 -0.68
N ALA A 145 -21.40 12.76 -0.35
CA ALA A 145 -21.79 13.23 0.97
C ALA A 145 -21.33 12.33 2.11
N GLU A 146 -21.58 11.03 2.02
CA GLU A 146 -21.19 10.14 3.10
C GLU A 146 -19.67 10.08 3.31
N VAL A 147 -18.91 10.13 2.23
CA VAL A 147 -17.45 10.08 2.34
C VAL A 147 -16.94 11.31 3.10
N VAL A 148 -17.50 12.47 2.79
CA VAL A 148 -17.09 13.70 3.46
C VAL A 148 -17.57 13.66 4.91
N SER A 149 -18.81 13.21 5.11
CA SER A 149 -19.37 13.13 6.44
C SER A 149 -18.57 12.18 7.32
N ASN A 150 -18.22 11.01 6.78
CA ASN A 150 -17.44 10.03 7.52
C ASN A 150 -16.01 10.51 7.78
N ALA A 151 -15.54 11.44 6.96
CA ALA A 151 -14.18 11.99 7.15
C ALA A 151 -14.16 12.70 8.50
N PHE A 152 -15.21 13.47 8.77
CA PHE A 152 -15.32 14.20 10.02
C PHE A 152 -15.47 13.28 11.22
N ARG A 153 -16.28 12.23 11.07
CA ARG A 153 -16.50 11.27 12.13
C ARG A 153 -15.18 10.64 12.54
N ALA A 154 -14.39 10.24 11.54
CA ALA A 154 -13.10 9.62 11.78
C ALA A 154 -12.13 10.59 12.46
N ALA A 155 -12.11 11.82 11.97
CA ALA A 155 -11.21 12.83 12.51
C ALA A 155 -11.52 13.18 13.96
N GLU A 156 -12.81 13.35 14.26
CA GLU A 156 -13.23 13.76 15.59
C GLU A 156 -13.44 12.72 16.68
N GLN A 157 -13.89 11.52 16.32
CA GLN A 157 -14.16 10.49 17.33
C GLN A 157 -12.93 9.70 17.78
N GLY A 158 -13.11 8.92 18.85
CA GLY A 158 -12.03 8.12 19.40
C GLY A 158 -10.85 9.04 19.67
N ARG A 159 -9.65 8.56 19.37
CA ARG A 159 -8.45 9.38 19.51
C ARG A 159 -8.52 10.22 18.23
N PRO A 160 -8.79 11.53 18.34
CA PRO A 160 -8.86 12.37 17.14
C PRO A 160 -7.61 12.29 16.27
N GLY A 161 -7.77 12.63 14.98
CA GLY A 161 -6.66 12.60 14.05
C GLY A 161 -7.05 13.26 12.73
N SER A 162 -6.22 13.10 11.71
CA SER A 162 -6.50 13.72 10.42
C SER A 162 -7.13 12.74 9.41
N ALA A 163 -7.91 13.31 8.50
CA ALA A 163 -8.59 12.54 7.48
C ALA A 163 -8.46 13.22 6.13
N PHE A 164 -8.20 12.45 5.09
CA PHE A 164 -8.03 12.99 3.75
C PHE A 164 -9.12 12.43 2.83
N VAL A 165 -9.68 13.29 2.00
CA VAL A 165 -10.70 12.87 1.05
C VAL A 165 -10.27 13.35 -0.32
N SER A 166 -10.15 12.41 -1.26
CA SER A 166 -9.77 12.75 -2.64
C SER A 166 -11.04 12.96 -3.44
N LEU A 167 -11.12 14.10 -4.14
CA LEU A 167 -12.29 14.47 -4.92
C LEU A 167 -12.03 14.63 -6.42
N PRO A 168 -12.36 13.61 -7.23
CA PRO A 168 -12.16 13.69 -8.68
C PRO A 168 -12.90 14.90 -9.27
N GLN A 169 -12.23 15.60 -10.18
CA GLN A 169 -12.80 16.80 -10.80
C GLN A 169 -14.17 16.62 -11.44
N ASP A 170 -14.39 15.48 -12.09
CA ASP A 170 -15.67 15.24 -12.75
C ASP A 170 -16.78 15.02 -11.72
N VAL A 171 -16.44 14.41 -10.59
CA VAL A 171 -17.43 14.15 -9.53
C VAL A 171 -17.87 15.44 -8.84
N VAL A 172 -16.95 16.38 -8.67
CA VAL A 172 -17.26 17.65 -8.03
C VAL A 172 -17.93 18.63 -9.00
N ASP A 173 -17.55 18.56 -10.27
CA ASP A 173 -18.11 19.44 -11.30
C ASP A 173 -19.45 18.92 -11.84
N GLY A 174 -19.61 17.60 -11.83
CA GLY A 174 -20.82 16.99 -12.33
C GLY A 174 -21.99 16.96 -11.37
N PRO A 175 -23.22 16.81 -11.89
CA PRO A 175 -24.41 16.77 -11.04
C PRO A 175 -24.43 15.50 -10.20
N VAL A 176 -25.16 15.55 -9.09
CA VAL A 176 -25.27 14.41 -8.21
C VAL A 176 -26.65 14.40 -7.55
N SER A 177 -27.12 13.21 -7.19
CA SER A 177 -28.40 13.07 -6.53
C SER A 177 -28.09 12.48 -5.17
N GLY A 178 -28.49 13.19 -4.12
CA GLY A 178 -28.24 12.70 -2.79
C GLY A 178 -28.62 13.77 -1.77
N LYS A 179 -28.71 13.36 -0.52
CA LYS A 179 -29.08 14.29 0.54
C LYS A 179 -27.92 14.52 1.48
N VAL A 180 -27.93 15.69 2.11
CA VAL A 180 -26.90 16.03 3.07
C VAL A 180 -27.07 15.07 4.24
N LEU A 181 -25.97 14.67 4.86
CA LEU A 181 -26.04 13.78 5.99
C LEU A 181 -25.80 14.61 7.25
N PRO A 182 -26.77 14.60 8.17
CA PRO A 182 -26.63 15.38 9.41
C PRO A 182 -25.41 14.98 10.22
N ALA A 183 -24.78 15.97 10.85
CA ALA A 183 -23.61 15.74 11.68
C ALA A 183 -24.07 15.15 13.00
N SER A 184 -23.73 13.88 13.22
CA SER A 184 -24.11 13.15 14.42
C SER A 184 -23.39 13.64 15.66
N GLY A 185 -22.12 13.98 15.50
CA GLY A 185 -21.35 14.43 16.65
C GLY A 185 -20.86 13.23 17.42
N ALA A 186 -20.62 13.42 18.72
CA ALA A 186 -20.12 12.34 19.58
C ALA A 186 -21.21 11.41 20.10
N PRO A 187 -21.06 10.11 19.86
CA PRO A 187 -22.03 9.11 20.30
C PRO A 187 -22.20 9.13 21.83
N GLN A 188 -23.32 8.59 22.30
CA GLN A 188 -23.58 8.52 23.73
C GLN A 188 -22.96 7.24 24.25
N MET A 189 -21.70 7.36 24.69
CA MET A 189 -20.93 6.23 25.18
C MET A 189 -21.06 6.09 26.69
N GLY A 190 -21.22 4.85 27.14
CA GLY A 190 -21.35 4.61 28.56
C GLY A 190 -20.05 4.77 29.31
N ALA A 191 -20.14 5.03 30.61
CA ALA A 191 -18.97 5.17 31.45
C ALA A 191 -18.46 3.75 31.64
N ALA A 192 -17.33 3.59 32.33
CA ALA A 192 -16.80 2.26 32.57
C ALA A 192 -17.81 1.55 33.47
N PRO A 193 -17.76 0.21 33.53
CA PRO A 193 -18.70 -0.53 34.38
C PRO A 193 -18.61 -0.08 35.84
N ASP A 194 -19.77 0.07 36.48
CA ASP A 194 -19.83 0.51 37.87
C ASP A 194 -19.00 -0.37 38.80
N ASP A 195 -19.15 -1.68 38.67
CA ASP A 195 -18.39 -2.60 39.52
C ASP A 195 -16.89 -2.37 39.34
N ALA A 196 -16.48 -2.03 38.12
CA ALA A 196 -15.06 -1.79 37.86
C ALA A 196 -14.66 -0.48 38.51
N ILE A 197 -15.56 0.51 38.42
CA ILE A 197 -15.32 1.82 39.00
C ILE A 197 -15.21 1.70 40.53
N ASP A 198 -16.14 0.97 41.14
CA ASP A 198 -16.13 0.77 42.58
C ASP A 198 -14.81 0.13 42.99
N GLN A 199 -14.31 -0.75 42.13
CA GLN A 199 -13.06 -1.45 42.37
C GLN A 199 -11.88 -0.48 42.40
N VAL A 200 -11.93 0.55 41.54
CA VAL A 200 -10.84 1.52 41.51
C VAL A 200 -11.01 2.47 42.70
N ALA A 201 -12.27 2.80 43.01
CA ALA A 201 -12.56 3.67 44.15
C ALA A 201 -12.01 2.99 45.40
N LYS A 202 -12.09 1.66 45.43
CA LYS A 202 -11.61 0.88 46.56
C LYS A 202 -10.07 0.89 46.59
N LEU A 203 -9.44 0.78 45.43
CA LEU A 203 -7.98 0.81 45.38
C LEU A 203 -7.49 2.17 45.85
N ILE A 204 -8.22 3.22 45.47
CA ILE A 204 -7.86 4.58 45.87
C ILE A 204 -7.96 4.71 47.39
N ALA A 205 -8.97 4.07 47.97
CA ALA A 205 -9.17 4.11 49.41
C ALA A 205 -8.02 3.46 50.19
N GLN A 206 -7.41 2.44 49.60
CA GLN A 206 -6.31 1.74 50.26
C GLN A 206 -4.92 2.14 49.75
N ALA A 207 -4.88 3.09 48.83
CA ALA A 207 -3.61 3.54 48.26
C ALA A 207 -2.89 4.50 49.19
N LYS A 208 -1.56 4.36 49.28
CA LYS A 208 -0.75 5.22 50.12
C LYS A 208 -0.14 6.33 49.26
N ASN A 209 0.34 5.96 48.08
CA ASN A 209 0.94 6.92 47.16
C ASN A 209 0.32 6.84 45.77
N PRO A 210 -0.94 7.27 45.64
CA PRO A 210 -1.60 7.23 44.34
C PRO A 210 -1.17 8.42 43.49
N ILE A 211 -1.39 8.32 42.18
CA ILE A 211 -1.05 9.41 41.28
C ILE A 211 -1.74 9.22 39.95
N PHE A 212 -2.20 10.34 39.39
CA PHE A 212 -2.86 10.33 38.09
C PHE A 212 -1.85 10.67 37.02
N LEU A 213 -1.83 9.90 35.93
CA LEU A 213 -0.93 10.19 34.81
C LEU A 213 -1.90 10.58 33.70
N LEU A 214 -1.86 11.84 33.29
CA LEU A 214 -2.75 12.32 32.26
C LEU A 214 -2.15 12.27 30.86
N GLY A 215 -2.99 11.83 29.91
CA GLY A 215 -2.59 11.74 28.52
C GLY A 215 -3.51 12.63 27.71
N LEU A 216 -3.30 12.67 26.39
CA LEU A 216 -4.07 13.49 25.47
C LEU A 216 -5.56 13.68 25.76
N MET A 217 -6.31 12.59 25.83
CA MET A 217 -7.75 12.70 26.05
C MET A 217 -8.13 13.41 27.34
N ALA A 218 -7.27 13.37 28.34
CA ALA A 218 -7.57 14.05 29.60
C ALA A 218 -7.63 15.56 29.40
N SER A 219 -6.99 16.07 28.35
CA SER A 219 -6.98 17.50 28.09
C SER A 219 -8.12 18.00 27.22
N GLN A 220 -9.01 17.10 26.81
CA GLN A 220 -10.16 17.49 25.99
C GLN A 220 -11.15 18.29 26.84
N PRO A 221 -11.81 19.30 26.23
CA PRO A 221 -12.79 20.16 26.92
C PRO A 221 -13.91 19.34 27.52
N GLU A 222 -14.33 18.33 26.77
CA GLU A 222 -15.39 17.41 27.16
C GLU A 222 -15.10 16.74 28.50
N ASN A 223 -13.83 16.65 28.88
CA ASN A 223 -13.44 16.03 30.13
C ASN A 223 -12.91 17.05 31.13
N SER A 224 -12.90 18.31 30.72
CA SER A 224 -12.39 19.38 31.56
C SER A 224 -13.04 19.45 32.93
N LYS A 225 -14.35 19.64 32.97
CA LYS A 225 -15.08 19.74 34.23
C LYS A 225 -14.95 18.46 35.06
N ALA A 226 -15.08 17.31 34.41
CA ALA A 226 -14.97 16.03 35.11
C ALA A 226 -13.61 15.92 35.80
N LEU A 227 -12.54 16.22 35.07
CA LEU A 227 -11.20 16.15 35.63
C LEU A 227 -11.08 17.06 36.85
N ARG A 228 -11.45 18.31 36.68
CA ARG A 228 -11.38 19.29 37.77
C ARG A 228 -12.09 18.78 39.02
N ARG A 229 -13.31 18.26 38.85
CA ARG A 229 -14.08 17.74 39.96
C ARG A 229 -13.34 16.60 40.67
N LEU A 230 -12.74 15.72 39.89
CA LEU A 230 -12.02 14.59 40.46
C LEU A 230 -10.78 15.05 41.23
N LEU A 231 -10.04 15.99 40.67
CA LEU A 231 -8.84 16.49 41.35
C LEU A 231 -9.24 17.24 42.63
N GLU A 232 -10.30 18.04 42.52
CA GLU A 232 -10.79 18.80 43.66
C GLU A 232 -11.27 17.90 44.80
N THR A 233 -11.89 16.77 44.46
CA THR A 233 -12.41 15.83 45.44
C THR A 233 -11.37 14.93 46.09
N SER A 234 -10.42 14.47 45.29
CA SER A 234 -9.39 13.55 45.78
C SER A 234 -8.06 14.17 46.17
N HIS A 235 -7.73 15.33 45.60
CA HIS A 235 -6.46 15.99 45.87
C HIS A 235 -5.29 15.03 45.68
N ILE A 236 -5.44 14.14 44.69
CA ILE A 236 -4.41 13.17 44.35
C ILE A 236 -3.45 13.82 43.37
N PRO A 237 -2.12 13.60 43.54
CA PRO A 237 -1.07 14.16 42.68
C PRO A 237 -1.30 13.87 41.21
N VAL A 238 -0.90 14.82 40.35
CA VAL A 238 -1.08 14.70 38.90
C VAL A 238 0.18 15.01 38.12
N THR A 239 0.46 14.17 37.12
CA THR A 239 1.60 14.40 36.24
C THR A 239 0.99 14.24 34.84
N SER A 240 1.58 14.88 33.83
CA SER A 240 1.02 14.82 32.48
C SER A 240 2.02 14.68 31.36
N THR A 241 1.57 14.05 30.26
CA THR A 241 2.40 13.89 29.07
C THR A 241 2.31 15.25 28.39
N TYR A 242 3.16 15.51 27.41
CA TYR A 242 3.07 16.79 26.75
C TYR A 242 1.80 16.99 25.94
N GLN A 243 1.18 15.90 25.51
CA GLN A 243 -0.09 16.03 24.77
C GLN A 243 -1.15 16.58 25.73
N ALA A 244 -0.98 16.32 27.01
CA ALA A 244 -1.91 16.81 28.02
C ALA A 244 -1.29 17.96 28.84
N ALA A 245 -0.30 18.63 28.26
CA ALA A 245 0.39 19.72 28.97
C ALA A 245 -0.58 20.78 29.51
N GLY A 246 -1.62 21.10 28.76
CA GLY A 246 -2.56 22.11 29.19
C GLY A 246 -3.73 21.68 30.06
N ALA A 247 -3.83 20.40 30.38
CA ALA A 247 -4.94 19.92 31.19
C ALA A 247 -4.91 20.47 32.62
N VAL A 248 -3.72 20.52 33.20
CA VAL A 248 -3.50 20.99 34.56
C VAL A 248 -2.17 21.71 34.58
N ASN A 249 -2.02 22.70 35.45
CA ASN A 249 -0.75 23.41 35.57
C ASN A 249 -0.48 23.76 37.03
N GLN A 250 0.77 24.10 37.32
CA GLN A 250 1.17 24.42 38.68
C GLN A 250 0.27 25.42 39.40
N ASP A 251 -0.22 26.43 38.67
CA ASP A 251 -1.07 27.45 39.29
C ASP A 251 -2.53 27.10 39.56
N ASN A 252 -3.01 25.95 39.06
CA ASN A 252 -4.40 25.58 39.31
C ASN A 252 -4.53 24.29 40.14
N PHE A 253 -3.39 23.73 40.52
CA PHE A 253 -3.41 22.51 41.33
C PHE A 253 -2.10 22.40 42.10
N SER A 254 -2.19 22.57 43.41
CA SER A 254 -1.01 22.54 44.28
C SER A 254 -0.24 21.23 44.25
N ARG A 255 -0.87 20.14 43.81
CA ARG A 255 -0.20 18.86 43.78
C ARG A 255 0.20 18.43 42.38
N PHE A 256 0.32 19.41 41.49
CA PHE A 256 0.75 19.16 40.12
C PHE A 256 2.23 18.81 40.21
N ALA A 257 2.65 17.77 39.49
CA ALA A 257 4.04 17.32 39.55
C ALA A 257 4.82 17.52 38.26
N GLY A 258 4.30 18.35 37.36
CA GLY A 258 4.97 18.64 36.12
C GLY A 258 4.67 17.69 34.97
N ARG A 259 5.15 18.06 33.78
CA ARG A 259 4.96 17.23 32.61
C ARG A 259 6.13 16.25 32.48
N VAL A 260 5.82 15.00 32.15
CA VAL A 260 6.85 13.97 32.00
C VAL A 260 7.07 13.56 30.53
N GLY A 261 8.31 13.22 30.20
CA GLY A 261 8.62 12.82 28.84
C GLY A 261 9.83 13.53 28.26
N LEU A 262 10.21 14.65 28.86
CA LEU A 262 11.33 15.43 28.35
C LEU A 262 12.50 15.50 29.35
N PHE A 263 12.22 15.96 30.56
CA PHE A 263 13.25 16.13 31.58
C PHE A 263 13.44 14.94 32.52
N ASN A 264 14.69 14.73 32.94
CA ASN A 264 15.06 13.62 33.82
C ASN A 264 15.01 13.89 35.32
N ASN A 265 14.45 15.04 35.71
CA ASN A 265 14.37 15.38 37.13
C ASN A 265 12.98 15.89 37.51
N GLN A 266 11.95 15.26 36.98
CA GLN A 266 10.57 15.66 37.27
C GLN A 266 9.98 14.92 38.45
N ALA A 267 9.23 15.65 39.27
CA ALA A 267 8.58 15.05 40.44
C ALA A 267 7.58 14.01 39.96
N GLY A 268 7.03 14.23 38.77
CA GLY A 268 6.06 13.29 38.22
C GLY A 268 6.64 11.89 38.15
N ASP A 269 7.85 11.78 37.60
CA ASP A 269 8.53 10.49 37.48
C ASP A 269 8.84 9.89 38.84
N ARG A 270 9.29 10.72 39.77
CA ARG A 270 9.62 10.26 41.11
C ARG A 270 8.36 9.72 41.76
N LEU A 271 7.24 10.40 41.51
CA LEU A 271 5.97 9.96 42.09
C LEU A 271 5.46 8.69 41.44
N LEU A 272 5.76 8.51 40.16
CA LEU A 272 5.34 7.32 39.43
C LEU A 272 6.14 6.11 39.93
N GLN A 273 7.39 6.35 40.29
CA GLN A 273 8.27 5.29 40.80
C GLN A 273 7.85 4.91 42.21
N LEU A 274 7.49 5.91 43.01
CA LEU A 274 7.08 5.71 44.39
C LEU A 274 5.65 5.18 44.49
N ALA A 275 4.88 5.39 43.44
CA ALA A 275 3.49 4.98 43.40
C ALA A 275 3.18 3.52 43.70
N ASP A 276 2.06 3.31 44.40
CA ASP A 276 1.58 1.98 44.72
C ASP A 276 0.28 1.82 43.92
N LEU A 277 -0.17 2.94 43.36
CA LEU A 277 -1.36 2.98 42.51
C LEU A 277 -1.20 4.09 41.49
N VAL A 278 -1.24 3.71 40.21
CA VAL A 278 -1.13 4.69 39.13
C VAL A 278 -2.39 4.62 38.29
N ILE A 279 -3.06 5.75 38.13
CA ILE A 279 -4.28 5.81 37.32
C ILE A 279 -4.03 6.67 36.10
N CYS A 280 -4.01 6.05 34.93
CA CYS A 280 -3.80 6.77 33.67
C CYS A 280 -5.14 7.18 33.08
N ILE A 281 -5.23 8.42 32.63
CA ILE A 281 -6.47 8.93 32.05
C ILE A 281 -6.23 9.48 30.64
N GLY A 282 -6.87 8.87 29.65
CA GLY A 282 -6.74 9.29 28.26
C GLY A 282 -5.32 9.19 27.75
N TYR A 283 -4.57 8.26 28.34
CA TYR A 283 -3.18 8.06 27.99
C TYR A 283 -2.88 6.84 27.12
N SER A 284 -1.94 7.01 26.21
CA SER A 284 -1.50 5.94 25.32
C SER A 284 0.04 5.95 25.43
N PRO A 285 0.64 4.77 25.58
CA PRO A 285 2.10 4.63 25.70
C PRO A 285 2.91 5.49 24.73
N VAL A 286 2.35 5.76 23.56
CA VAL A 286 3.05 6.56 22.55
C VAL A 286 3.38 7.97 23.05
N GLU A 287 2.58 8.47 23.99
CA GLU A 287 2.79 9.81 24.53
C GLU A 287 4.00 9.92 25.44
N TYR A 288 4.40 8.80 26.03
CA TYR A 288 5.55 8.76 26.92
C TYR A 288 5.89 7.31 27.20
N GLU A 289 6.93 6.83 26.54
CA GLU A 289 7.39 5.44 26.67
C GLU A 289 7.28 4.88 28.08
N PRO A 290 6.36 3.90 28.28
CA PRO A 290 6.13 3.25 29.57
C PRO A 290 7.42 2.68 30.14
N ALA A 291 8.34 2.35 29.25
CA ALA A 291 9.63 1.78 29.62
C ALA A 291 10.50 2.73 30.43
N MET A 292 9.94 3.89 30.79
CA MET A 292 10.71 4.85 31.57
C MET A 292 10.07 5.33 32.86
N TRP A 293 8.85 4.86 33.14
CA TRP A 293 8.19 5.26 34.38
C TRP A 293 7.49 4.10 35.08
N ASN A 294 6.98 3.16 34.31
CA ASN A 294 6.28 2.01 34.88
C ASN A 294 7.21 0.84 35.14
N SER A 295 7.45 0.55 36.41
CA SER A 295 8.31 -0.56 36.78
C SER A 295 7.46 -1.84 36.70
N GLY A 296 6.18 -1.69 36.99
CA GLY A 296 5.27 -2.82 36.97
C GLY A 296 4.95 -3.20 38.40
N ASN A 297 5.55 -2.45 39.33
CA ASN A 297 5.38 -2.69 40.75
C ASN A 297 4.01 -2.24 41.28
N ALA A 298 3.56 -1.06 40.83
CA ALA A 298 2.29 -0.51 41.30
C ALA A 298 1.08 -1.03 40.53
N THR A 299 -0.07 -1.00 41.17
CA THR A 299 -1.31 -1.42 40.54
C THR A 299 -1.63 -0.35 39.51
N LEU A 300 -1.78 -0.76 38.26
CA LEU A 300 -2.06 0.15 37.17
C LEU A 300 -3.52 0.15 36.72
N VAL A 301 -4.11 1.33 36.64
CA VAL A 301 -5.49 1.49 36.20
C VAL A 301 -5.48 2.30 34.90
N HIS A 302 -6.18 1.79 33.88
CA HIS A 302 -6.24 2.46 32.59
C HIS A 302 -7.63 3.00 32.34
N ILE A 303 -7.73 4.31 32.16
CA ILE A 303 -9.01 4.95 31.89
C ILE A 303 -8.91 5.69 30.56
N ASP A 304 -9.80 5.36 29.62
CA ASP A 304 -9.80 6.00 28.31
C ASP A 304 -10.97 5.58 27.42
N VAL A 305 -11.19 6.32 26.35
CA VAL A 305 -12.28 6.05 25.41
C VAL A 305 -12.07 4.77 24.60
N LEU A 306 -10.85 4.24 24.66
CA LEU A 306 -10.51 3.02 23.93
C LEU A 306 -9.73 2.09 24.84
N PRO A 307 -9.72 0.78 24.54
CA PRO A 307 -8.98 -0.19 25.35
C PRO A 307 -7.48 0.14 25.31
N ALA A 308 -6.78 -0.23 26.37
CA ALA A 308 -5.35 0.03 26.46
C ALA A 308 -4.55 -0.57 25.30
N TYR A 309 -3.76 0.26 24.64
CA TYR A 309 -2.91 -0.21 23.55
C TYR A 309 -1.80 -1.00 24.24
N GLU A 310 -2.20 -2.07 24.91
CA GLU A 310 -1.32 -2.94 25.66
C GLU A 310 0.09 -3.03 25.08
N GLU A 311 1.07 -3.06 25.97
CA GLU A 311 2.48 -3.12 25.59
C GLU A 311 3.25 -3.97 26.59
N ARG A 312 4.53 -4.18 26.31
CA ARG A 312 5.39 -4.98 27.18
C ARG A 312 5.48 -4.34 28.57
N ASN A 313 5.55 -3.02 28.61
CA ASN A 313 5.64 -2.29 29.87
C ASN A 313 4.34 -1.58 30.23
N TYR A 314 3.26 -1.98 29.58
CA TYR A 314 1.96 -1.39 29.86
C TYR A 314 0.83 -2.42 29.79
N THR A 315 0.59 -3.10 30.90
CA THR A 315 -0.46 -4.11 30.99
C THR A 315 -1.33 -3.79 32.21
N PRO A 316 -2.32 -2.90 32.03
CA PRO A 316 -3.24 -2.48 33.10
C PRO A 316 -3.75 -3.62 33.95
N ASP A 317 -4.01 -3.33 35.22
CA ASP A 317 -4.53 -4.34 36.14
C ASP A 317 -6.04 -4.21 36.16
N VAL A 318 -6.51 -3.00 35.88
CA VAL A 318 -7.94 -2.71 35.82
C VAL A 318 -8.09 -1.77 34.64
N GLU A 319 -8.98 -2.12 33.71
CA GLU A 319 -9.17 -1.30 32.53
C GLU A 319 -10.58 -0.72 32.53
N LEU A 320 -10.67 0.61 32.57
CA LEU A 320 -11.96 1.30 32.57
C LEU A 320 -12.15 1.98 31.23
N VAL A 321 -12.75 1.26 30.29
CA VAL A 321 -12.99 1.80 28.96
C VAL A 321 -14.40 2.36 28.80
N GLY A 322 -14.47 3.58 28.29
CA GLY A 322 -15.75 4.22 28.08
C GLY A 322 -15.60 5.72 28.05
N ASP A 323 -16.71 6.43 28.16
CA ASP A 323 -16.69 7.88 28.18
C ASP A 323 -15.84 8.31 29.39
N ILE A 324 -14.76 9.03 29.14
CA ILE A 324 -13.88 9.49 30.21
C ILE A 324 -14.57 10.37 31.26
N ALA A 325 -15.30 11.39 30.81
CA ALA A 325 -15.98 12.29 31.74
C ALA A 325 -16.89 11.47 32.64
N GLY A 326 -17.64 10.57 32.03
CA GLY A 326 -18.56 9.74 32.77
C GLY A 326 -17.86 8.92 33.83
N THR A 327 -16.74 8.32 33.46
CA THR A 327 -15.99 7.50 34.42
C THR A 327 -15.44 8.34 35.57
N LEU A 328 -14.83 9.49 35.23
CA LEU A 328 -14.26 10.37 36.26
C LEU A 328 -15.32 10.90 37.22
N ASN A 329 -16.50 11.22 36.70
CA ASN A 329 -17.57 11.72 37.57
C ASN A 329 -17.99 10.64 38.56
N LYS A 330 -18.15 9.41 38.08
CA LYS A 330 -18.55 8.30 38.94
C LYS A 330 -17.45 7.98 39.95
N LEU A 331 -16.20 8.12 39.55
CA LEU A 331 -15.10 7.85 40.45
C LEU A 331 -15.13 8.90 41.56
N ALA A 332 -15.31 10.16 41.14
CA ALA A 332 -15.36 11.28 42.07
C ALA A 332 -16.45 11.07 43.11
N GLN A 333 -17.58 10.52 42.69
CA GLN A 333 -18.70 10.29 43.60
C GLN A 333 -18.42 9.19 44.61
N ASN A 334 -17.45 8.34 44.33
CA ASN A 334 -17.11 7.25 45.22
C ASN A 334 -15.83 7.47 46.03
N ILE A 335 -15.40 8.73 46.10
CA ILE A 335 -14.22 9.09 46.86
C ILE A 335 -14.73 9.94 48.02
N ASP A 336 -14.51 9.46 49.25
CA ASP A 336 -15.01 10.16 50.42
C ASP A 336 -14.15 11.31 50.96
N HIS A 337 -12.84 11.09 51.03
CA HIS A 337 -11.96 12.14 51.55
C HIS A 337 -10.78 12.44 50.64
N ARG A 338 -10.14 13.58 50.91
CA ARG A 338 -8.97 14.00 50.13
C ARG A 338 -7.76 13.24 50.65
N LEU A 339 -6.82 12.99 49.75
CA LEU A 339 -5.61 12.25 50.09
C LEU A 339 -4.69 13.00 51.05
N VAL A 340 -4.08 12.26 51.97
CA VAL A 340 -3.12 12.84 52.89
C VAL A 340 -1.77 12.33 52.40
N LEU A 341 -1.03 13.22 51.76
CA LEU A 341 0.27 12.90 51.20
C LEU A 341 1.18 12.20 52.21
N SER A 342 1.77 11.10 51.78
CA SER A 342 2.69 10.36 52.63
C SER A 342 3.93 11.23 52.77
N PRO A 343 4.84 10.87 53.69
CA PRO A 343 6.06 11.67 53.88
C PRO A 343 6.88 11.82 52.59
N GLN A 344 7.03 10.72 51.87
CA GLN A 344 7.79 10.71 50.62
C GLN A 344 7.14 11.59 49.55
N ALA A 345 5.86 11.37 49.31
CA ALA A 345 5.12 12.14 48.31
C ALA A 345 5.23 13.63 48.61
N ALA A 346 5.05 13.99 49.87
CA ALA A 346 5.14 15.39 50.26
C ALA A 346 6.55 15.92 50.03
N GLU A 347 7.56 15.09 50.31
CA GLU A 347 8.95 15.48 50.13
C GLU A 347 9.23 15.75 48.65
N ILE A 348 8.71 14.90 47.79
CA ILE A 348 8.90 15.04 46.35
C ILE A 348 8.31 16.36 45.87
N LEU A 349 7.11 16.69 46.33
CA LEU A 349 6.46 17.92 45.92
C LEU A 349 7.20 19.14 46.48
N ARG A 350 7.79 18.99 47.66
CA ARG A 350 8.55 20.08 48.26
C ARG A 350 9.82 20.28 47.44
N ASP A 351 10.38 19.18 46.95
CA ASP A 351 11.59 19.25 46.14
C ASP A 351 11.32 20.05 44.86
N ARG A 352 10.18 19.78 44.23
CA ARG A 352 9.80 20.48 43.00
C ARG A 352 9.64 21.96 43.30
N GLN A 353 9.16 22.25 44.51
CA GLN A 353 8.96 23.61 44.95
C GLN A 353 10.31 24.32 44.97
N HIS A 354 11.31 23.65 45.55
CA HIS A 354 12.65 24.23 45.62
C HIS A 354 13.24 24.26 44.21
N GLN A 355 12.99 23.20 43.46
CA GLN A 355 13.48 23.09 42.09
C GLN A 355 13.00 24.27 41.27
N ARG A 356 11.74 24.66 41.46
CA ARG A 356 11.19 25.78 40.72
C ARG A 356 11.78 27.11 41.20
N GLU A 357 12.11 27.17 42.49
CA GLU A 357 12.70 28.38 43.05
C GLU A 357 14.05 28.62 42.41
N LEU A 358 14.82 27.56 42.23
CA LEU A 358 16.15 27.66 41.62
C LEU A 358 16.06 28.06 40.15
N LEU A 359 15.11 27.45 39.45
CA LEU A 359 14.92 27.75 38.02
C LEU A 359 14.48 29.18 37.80
N ASP A 360 13.69 29.72 38.74
CA ASP A 360 13.20 31.09 38.62
C ASP A 360 14.24 32.14 39.00
N ARG A 361 14.91 31.91 40.12
CA ARG A 361 15.94 32.84 40.61
C ARG A 361 15.34 34.17 41.02
N GLY A 363 14.62 38.10 40.46
CA GLY A 363 15.85 37.96 41.22
C GLY A 363 17.07 38.43 40.46
N ALA A 364 17.53 37.64 39.49
CA ALA A 364 18.70 37.95 38.69
C ALA A 364 18.42 39.08 37.69
N GLN A 365 19.48 39.75 37.23
CA GLN A 365 19.34 40.85 36.28
C GLN A 365 19.30 40.36 34.82
N LEU A 366 20.25 39.51 34.45
CA LEU A 366 20.32 38.97 33.09
C LEU A 366 20.22 40.09 32.04
N ASN A 367 21.24 40.94 32.02
CA ASN A 367 21.27 42.08 31.11
C ASN A 367 22.21 41.85 29.92
N GLN A 368 22.76 40.65 29.79
CA GLN A 368 23.67 40.36 28.68
C GLN A 368 22.98 40.45 27.31
N PHE A 369 23.79 40.53 26.26
CA PHE A 369 23.29 40.60 24.89
C PHE A 369 24.34 40.05 23.95
N ALA A 370 24.00 39.13 23.05
CA ALA A 370 22.64 38.59 22.89
C ALA A 370 22.03 38.06 24.18
N LEU A 371 20.70 38.15 24.26
CA LEU A 371 19.95 37.74 25.44
C LEU A 371 20.14 36.32 25.91
N HIS A 372 20.03 36.13 27.21
CA HIS A 372 20.15 34.80 27.80
C HIS A 372 18.74 34.23 27.70
N PRO A 373 18.62 32.92 27.43
CA PRO A 373 17.31 32.29 27.31
C PRO A 373 16.37 32.61 28.49
N LEU A 374 16.92 32.63 29.70
CA LEU A 374 16.12 32.93 30.88
C LEU A 374 15.47 34.30 30.85
N ARG A 375 16.20 35.30 30.34
CA ARG A 375 15.66 36.64 30.25
C ARG A 375 14.50 36.67 29.26
N ILE A 376 14.65 35.93 28.15
CA ILE A 376 13.60 35.87 27.15
C ILE A 376 12.37 35.16 27.71
N VAL A 377 12.59 34.06 28.41
CA VAL A 377 11.49 33.31 28.99
C VAL A 377 10.72 34.17 29.99
N ARG A 378 11.45 34.96 30.77
CA ARG A 378 10.81 35.82 31.78
C ARG A 378 9.97 36.91 31.11
N ALA A 379 10.50 37.54 30.07
CA ALA A 379 9.77 38.59 29.38
C ALA A 379 8.54 38.01 28.68
N MET A 380 8.64 36.77 28.21
CA MET A 380 7.52 36.12 27.54
C MET A 380 6.41 35.83 28.55
N GLN A 381 6.79 35.45 29.77
CA GLN A 381 5.79 35.17 30.79
C GLN A 381 5.04 36.43 31.24
N ASP A 382 5.65 37.59 31.03
CA ASP A 382 5.02 38.86 31.39
C ASP A 382 3.88 39.22 30.45
N ILE A 383 4.02 38.86 29.17
CA ILE A 383 2.99 39.20 28.20
C ILE A 383 1.94 38.12 27.95
N VAL A 384 2.22 36.90 28.41
CA VAL A 384 1.27 35.81 28.22
C VAL A 384 0.42 35.62 29.48
N ASN A 385 -0.87 35.92 29.39
CA ASN A 385 -1.78 35.78 30.51
C ASN A 385 -2.92 34.84 30.14
N SER A 386 -3.83 34.61 31.08
CA SER A 386 -4.95 33.70 30.85
C SER A 386 -5.89 34.08 29.70
N ASP A 387 -5.59 35.19 29.02
CA ASP A 387 -6.43 35.61 27.90
C ASP A 387 -5.63 35.50 26.60
N VAL A 388 -4.39 35.06 26.71
CA VAL A 388 -3.51 34.93 25.56
C VAL A 388 -3.15 33.49 25.24
N THR A 389 -3.19 33.13 23.96
CA THR A 389 -2.83 31.78 23.55
C THR A 389 -1.38 31.82 23.11
N LEU A 390 -0.63 30.77 23.45
CA LEU A 390 0.78 30.66 23.09
C LEU A 390 1.03 29.42 22.23
N THR A 391 1.68 29.60 21.07
CA THR A 391 2.02 28.46 20.23
C THR A 391 3.54 28.41 20.19
N VAL A 392 4.09 27.20 20.28
CA VAL A 392 5.53 27.03 20.32
C VAL A 392 6.05 26.13 19.20
N ASP A 393 7.06 26.61 18.47
CA ASP A 393 7.64 25.85 17.37
C ASP A 393 8.66 24.84 17.91
N MET A 394 9.47 24.25 17.02
CA MET A 394 10.46 23.28 17.47
C MET A 394 11.89 23.81 17.31
N GLY A 395 12.69 23.60 18.35
CA GLY A 395 14.06 24.06 18.38
C GLY A 395 14.50 24.19 19.84
N SER A 396 15.72 24.65 20.08
CA SER A 396 16.21 24.77 21.46
C SER A 396 15.32 25.61 22.37
N PHE A 397 14.75 26.67 21.81
CA PHE A 397 13.84 27.56 22.56
C PHE A 397 12.64 26.76 23.09
N HIS A 398 12.27 25.70 22.38
CA HIS A 398 11.16 24.85 22.79
C HIS A 398 11.51 24.18 24.11
N ILE A 399 12.75 23.70 24.22
CA ILE A 399 13.17 23.03 25.45
C ILE A 399 13.15 24.03 26.61
N TRP A 400 13.63 25.24 26.37
CA TRP A 400 13.64 26.26 27.41
C TRP A 400 12.21 26.54 27.89
N ILE A 401 11.30 26.76 26.94
CA ILE A 401 9.92 27.04 27.31
C ILE A 401 9.31 25.87 28.06
N ALA A 402 9.55 24.66 27.58
CA ALA A 402 9.04 23.47 28.26
C ALA A 402 9.56 23.39 29.70
N ARG A 403 10.82 23.76 29.90
CA ARG A 403 11.42 23.71 31.23
C ARG A 403 10.67 24.63 32.20
N TYR A 404 10.14 25.74 31.68
CA TYR A 404 9.40 26.68 32.50
C TYR A 404 7.89 26.72 32.23
N LEU A 405 7.33 25.64 31.71
CA LEU A 405 5.89 25.62 31.43
C LEU A 405 5.08 25.93 32.67
N TYR A 406 5.57 25.52 33.83
CA TYR A 406 4.86 25.75 35.08
C TYR A 406 4.61 27.23 35.37
N THR A 407 5.41 28.11 34.75
CA THR A 407 5.25 29.55 34.98
C THR A 407 4.55 30.36 33.90
N PHE A 408 3.98 29.69 32.90
CA PHE A 408 3.25 30.39 31.88
C PHE A 408 1.78 30.26 32.27
N ARG A 409 1.03 31.36 32.18
CA ARG A 409 -0.38 31.34 32.56
C ARG A 409 -1.28 31.58 31.36
N ALA A 410 -0.95 30.96 30.23
CA ALA A 410 -1.73 31.16 29.02
C ALA A 410 -3.12 30.57 29.09
N ARG A 411 -4.03 31.12 28.29
CA ARG A 411 -5.39 30.60 28.24
C ARG A 411 -5.24 29.19 27.70
N GLN A 412 -4.28 29.03 26.78
CA GLN A 412 -3.98 27.75 26.16
C GLN A 412 -2.58 27.75 25.55
N VAL A 413 -1.94 26.59 25.54
CA VAL A 413 -0.59 26.47 24.98
C VAL A 413 -0.47 25.33 23.98
N MET A 414 -0.11 25.66 22.74
CA MET A 414 0.11 24.64 21.72
C MET A 414 1.61 24.44 21.66
N ILE A 415 2.08 23.32 22.17
CA ILE A 415 3.51 23.05 22.20
C ILE A 415 3.86 21.61 21.86
N SER A 416 3.02 20.66 22.28
CA SER A 416 3.24 19.25 22.01
C SER A 416 3.57 19.03 20.52
N ASN A 417 4.64 18.29 20.25
CA ASN A 417 5.08 18.09 18.87
C ASN A 417 5.97 16.84 18.79
N GLY A 418 5.34 15.67 18.85
CA GLY A 418 6.07 14.41 18.81
C GLY A 418 6.93 14.23 17.58
N GLN A 419 6.45 14.70 16.43
CA GLN A 419 7.21 14.58 15.19
C GLN A 419 8.32 15.61 15.14
N GLN A 420 8.29 16.55 16.07
CA GLN A 420 9.29 17.62 16.14
C GLN A 420 9.34 18.44 14.84
N THR A 421 8.16 18.68 14.28
CA THR A 421 8.02 19.42 13.04
C THR A 421 8.23 20.92 13.22
N MET A 422 9.21 21.47 12.53
CA MET A 422 9.49 22.90 12.60
C MET A 422 8.54 23.67 11.68
N GLY A 423 8.29 24.93 12.02
CA GLY A 423 7.40 25.76 11.22
C GLY A 423 5.95 25.84 11.67
N VAL A 424 5.59 25.01 12.65
CA VAL A 424 4.22 24.97 13.15
C VAL A 424 3.64 26.19 13.89
N ALA A 425 4.47 26.90 14.65
CA ALA A 425 3.99 28.02 15.48
C ALA A 425 3.15 29.10 14.82
N LEU A 426 3.69 29.80 13.82
CA LEU A 426 2.92 30.86 13.18
C LEU A 426 1.56 30.35 12.65
N PRO A 427 1.55 29.27 11.84
CA PRO A 427 0.28 28.74 11.32
C PRO A 427 -0.68 28.37 12.45
N TRP A 428 -0.17 27.72 13.49
CA TRP A 428 -0.99 27.34 14.63
C TRP A 428 -1.63 28.58 15.25
N ALA A 429 -0.84 29.65 15.36
CA ALA A 429 -1.31 30.89 15.95
C ALA A 429 -2.43 31.52 15.12
N ILE A 430 -2.26 31.53 13.81
CA ILE A 430 -3.28 32.09 12.93
C ILE A 430 -4.57 31.29 13.05
N GLY A 431 -4.45 29.97 13.06
CA GLY A 431 -5.64 29.14 13.19
C GLY A 431 -6.34 29.39 14.52
N ALA A 432 -5.55 29.49 15.59
CA ALA A 432 -6.09 29.73 16.93
C ALA A 432 -6.78 31.09 17.02
N TRP A 433 -6.17 32.11 16.43
CA TRP A 433 -6.76 33.44 16.45
C TRP A 433 -8.12 33.48 15.75
N LEU A 434 -8.25 32.74 14.66
CA LEU A 434 -9.52 32.70 13.93
C LEU A 434 -10.66 32.09 14.73
N VAL A 435 -10.33 31.21 15.66
CA VAL A 435 -11.36 30.58 16.50
C VAL A 435 -11.91 31.60 17.50
N ASN A 436 -11.02 32.46 18.02
CA ASN A 436 -11.39 33.50 18.99
C ASN A 436 -10.67 34.78 18.57
N PRO A 437 -11.13 35.41 17.48
CA PRO A 437 -10.50 36.64 16.99
C PRO A 437 -10.48 37.84 17.92
N GLU A 438 -11.25 37.79 19.01
CA GLU A 438 -11.27 38.92 19.95
C GLU A 438 -10.09 38.86 20.92
N ARG A 439 -9.34 37.77 20.90
CA ARG A 439 -8.19 37.61 21.79
C ARG A 439 -6.86 37.68 21.04
N LYS A 440 -5.78 37.80 21.79
CA LYS A 440 -4.43 37.89 21.23
C LYS A 440 -3.75 36.51 21.24
N VAL A 441 -2.83 36.30 20.30
CA VAL A 441 -2.09 35.04 20.24
C VAL A 441 -0.61 35.37 20.08
N VAL A 442 0.25 34.63 20.78
CA VAL A 442 1.68 34.83 20.69
C VAL A 442 2.28 33.53 20.17
N SER A 443 3.06 33.63 19.10
CA SER A 443 3.73 32.45 18.56
C SER A 443 5.24 32.69 18.66
N VAL A 444 5.97 31.65 19.02
CA VAL A 444 7.42 31.77 19.14
C VAL A 444 8.13 30.64 18.41
N SER A 445 9.20 30.98 17.69
CA SER A 445 9.97 29.99 16.94
C SER A 445 11.43 30.43 16.84
N GLY A 446 12.25 29.60 16.21
CA GLY A 446 13.65 29.94 15.99
C GLY A 446 13.69 30.47 14.57
N ASP A 447 14.86 30.86 14.08
CA ASP A 447 14.95 31.37 12.71
C ASP A 447 14.73 30.30 11.64
N GLY A 448 15.11 29.06 11.95
CA GLY A 448 14.92 27.97 11.01
C GLY A 448 13.44 27.67 10.82
N GLY A 449 12.74 27.46 11.93
CA GLY A 449 11.31 27.18 11.86
C GLY A 449 10.57 28.35 11.24
N PHE A 450 10.94 29.57 11.63
CA PHE A 450 10.30 30.77 11.10
C PHE A 450 10.23 30.79 9.56
N LEU A 451 11.37 30.58 8.91
CA LEU A 451 11.41 30.61 7.44
C LEU A 451 10.69 29.48 6.73
N GLN A 452 10.32 28.41 7.42
CA GLN A 452 9.59 27.34 6.75
C GLN A 452 8.11 27.72 6.58
N SER A 453 7.60 28.62 7.44
CA SER A 453 6.20 29.03 7.31
C SER A 453 5.94 30.54 7.33
N SER A 454 6.99 31.35 7.28
CA SER A 454 6.83 32.80 7.31
C SER A 454 6.07 33.39 6.14
N MET A 455 5.83 32.61 5.08
CA MET A 455 5.08 33.14 3.94
C MET A 455 3.66 33.45 4.43
N GLU A 456 3.25 32.81 5.52
CA GLU A 456 1.92 33.07 6.06
C GLU A 456 1.80 34.45 6.75
N LEU A 457 2.89 35.20 6.81
CA LEU A 457 2.82 36.53 7.40
C LEU A 457 1.90 37.38 6.51
N GLU A 458 1.90 37.08 5.22
CA GLU A 458 1.05 37.84 4.30
C GLU A 458 -0.41 37.52 4.64
N THR A 459 -0.67 36.25 4.92
CA THR A 459 -2.01 35.80 5.28
C THR A 459 -2.46 36.52 6.56
N ALA A 460 -1.56 36.59 7.54
CA ALA A 460 -1.86 37.26 8.81
C ALA A 460 -2.21 38.72 8.58
N VAL A 461 -1.40 39.42 7.78
CA VAL A 461 -1.64 40.82 7.46
C VAL A 461 -3.01 40.95 6.79
N ARG A 462 -3.25 40.10 5.79
CA ARG A 462 -4.50 40.12 5.07
C ARG A 462 -5.71 39.87 5.98
N LEU A 463 -5.56 38.98 6.95
CA LEU A 463 -6.63 38.67 7.90
C LEU A 463 -6.63 39.65 9.07
N LYS A 464 -5.55 40.44 9.17
CA LYS A 464 -5.41 41.38 10.28
C LYS A 464 -5.44 40.57 11.58
N ALA A 465 -4.82 39.39 11.52
CA ALA A 465 -4.76 38.50 12.67
C ALA A 465 -3.98 39.16 13.79
N ASN A 466 -4.50 39.08 15.01
CA ASN A 466 -3.85 39.71 16.16
C ASN A 466 -2.83 38.73 16.76
N VAL A 467 -1.76 38.52 16.00
CA VAL A 467 -0.70 37.60 16.38
C VAL A 467 0.66 38.28 16.52
N LEU A 468 1.35 37.95 17.60
CA LEU A 468 2.68 38.48 17.83
C LEU A 468 3.61 37.29 17.68
N HIS A 469 4.49 37.34 16.70
CA HIS A 469 5.42 36.24 16.49
C HIS A 469 6.80 36.62 16.98
N LEU A 470 7.38 35.77 17.84
CA LEU A 470 8.70 36.02 18.38
C LEU A 470 9.73 35.08 17.77
N ILE A 471 10.86 35.63 17.35
CA ILE A 471 11.93 34.83 16.76
C ILE A 471 13.19 34.82 17.62
N TRP A 472 13.59 33.66 18.10
CA TRP A 472 14.83 33.54 18.87
C TRP A 472 15.88 33.38 17.76
N VAL A 473 16.72 34.39 17.59
CA VAL A 473 17.74 34.38 16.53
C VAL A 473 19.13 33.90 16.95
N ASP A 474 19.63 32.89 16.24
CA ASP A 474 20.95 32.32 16.51
C ASP A 474 21.68 32.05 15.20
N ASN A 475 20.96 32.19 14.09
CA ASN A 475 21.52 31.95 12.76
C ASN A 475 21.92 30.51 12.55
N GLY A 476 21.12 29.58 13.06
CA GLY A 476 21.42 28.18 12.87
C GLY A 476 20.31 27.28 13.34
N TYR A 477 20.51 25.99 13.12
CA TYR A 477 19.57 24.96 13.57
C TYR A 477 20.21 24.47 14.88
N ASN A 478 20.09 25.28 15.92
CA ASN A 478 20.72 24.95 17.20
C ASN A 478 20.35 23.60 17.82
N MET A 479 19.07 23.27 17.86
CA MET A 479 18.68 22.01 18.47
C MET A 479 19.39 20.80 17.86
N VAL A 480 19.68 20.86 16.58
CA VAL A 480 20.36 19.77 15.90
C VAL A 480 21.86 19.87 16.21
N ALA A 481 22.38 21.10 16.16
CA ALA A 481 23.79 21.37 16.42
C ALA A 481 24.25 20.81 17.77
N ILE A 482 23.47 21.07 18.82
CA ILE A 482 23.84 20.61 20.15
C ILE A 482 23.88 19.09 20.26
N GLN A 483 23.07 18.40 19.46
CA GLN A 483 23.07 16.95 19.51
C GLN A 483 24.27 16.42 18.73
N GLU A 484 24.60 17.07 17.62
CA GLU A 484 25.75 16.66 16.83
C GLU A 484 26.99 16.77 17.71
N GLU A 485 27.10 17.90 18.40
CA GLU A 485 28.24 18.18 19.29
C GLU A 485 28.38 17.09 20.35
N LYS A 486 27.33 16.89 21.13
CA LYS A 486 27.32 15.90 22.19
C LYS A 486 27.76 14.51 21.68
N LYS A 487 27.46 14.22 20.42
CA LYS A 487 27.80 12.92 19.86
C LYS A 487 29.07 12.85 19.03
N TYR A 488 29.35 13.89 18.26
CA TYR A 488 30.52 13.91 17.38
C TYR A 488 31.54 15.02 17.68
N GLN A 489 31.20 15.89 18.62
CA GLN A 489 32.11 16.99 18.99
C GLN A 489 32.44 17.89 17.82
N ARG A 490 31.53 17.99 16.85
CA ARG A 490 31.71 18.86 15.68
C ARG A 490 30.38 19.06 14.96
N LEU A 491 30.26 20.18 14.25
CA LEU A 491 29.02 20.53 13.55
C LEU A 491 29.00 20.21 12.05
N SER A 492 27.81 20.04 11.52
CA SER A 492 27.61 19.76 10.09
C SER A 492 26.21 20.15 9.64
N GLY A 493 26.14 21.06 8.68
CA GLY A 493 24.88 21.52 8.13
C GLY A 493 23.91 22.21 9.08
N VAL A 494 24.43 22.85 10.14
CA VAL A 494 23.55 23.52 11.10
C VAL A 494 23.72 25.03 11.21
N GLU A 495 24.59 25.61 10.39
CA GLU A 495 24.82 27.05 10.45
C GLU A 495 24.45 27.75 9.14
N PHE A 496 23.81 28.90 9.25
CA PHE A 496 23.44 29.68 8.06
C PHE A 496 23.67 31.17 8.27
N GLY A 497 23.34 31.97 7.26
CA GLY A 497 23.55 33.40 7.35
C GLY A 497 22.53 34.21 8.11
N PRO A 498 22.84 35.47 8.41
CA PRO A 498 21.95 36.37 9.15
C PRO A 498 20.93 37.06 8.24
N MET A 499 19.91 37.65 8.86
CA MET A 499 18.85 38.34 8.15
C MET A 499 18.33 39.51 8.97
N ASP A 500 17.82 40.52 8.29
CA ASP A 500 17.23 41.67 8.94
C ASP A 500 15.75 41.36 9.10
N PHE A 501 15.41 40.64 10.15
CA PHE A 501 14.04 40.23 10.41
C PHE A 501 13.05 41.37 10.58
N LYS A 502 13.52 42.52 11.05
CA LYS A 502 12.63 43.65 11.21
C LYS A 502 12.16 44.11 9.83
N ALA A 503 13.10 44.28 8.91
CA ALA A 503 12.76 44.70 7.56
C ALA A 503 11.96 43.62 6.86
N TYR A 504 12.28 42.36 7.16
CA TYR A 504 11.59 41.23 6.56
C TYR A 504 10.10 41.35 6.86
N ALA A 505 9.77 41.47 8.14
CA ALA A 505 8.38 41.58 8.57
C ALA A 505 7.65 42.80 8.00
N GLU A 506 8.35 43.93 7.94
CA GLU A 506 7.73 45.14 7.43
C GLU A 506 7.40 45.06 5.94
N SER A 507 8.17 44.28 5.18
CA SER A 507 7.91 44.15 3.75
C SER A 507 6.54 43.51 3.51
N PHE A 508 6.01 42.83 4.53
CA PHE A 508 4.70 42.19 4.45
C PHE A 508 3.60 43.19 4.84
N GLY A 509 4.01 44.28 5.46
CA GLY A 509 3.04 45.26 5.92
C GLY A 509 2.68 44.96 7.36
N ALA A 510 3.44 44.06 7.97
CA ALA A 510 3.22 43.72 9.37
C ALA A 510 4.19 44.60 10.17
N LYS A 511 3.97 44.71 11.47
CA LYS A 511 4.86 45.53 12.28
C LYS A 511 6.09 44.71 12.66
N GLY A 512 7.26 45.30 12.48
CA GLY A 512 8.48 44.59 12.81
C GLY A 512 9.34 45.24 13.88
N PHE A 513 9.98 44.42 14.70
CA PHE A 513 10.83 44.92 15.76
C PHE A 513 12.10 44.08 15.83
N ALA A 514 13.19 44.70 16.25
CA ALA A 514 14.46 44.01 16.40
C ALA A 514 15.07 44.46 17.73
N VAL A 515 15.25 43.50 18.64
CA VAL A 515 15.79 43.80 19.97
C VAL A 515 17.32 43.92 19.92
N GLU A 516 17.82 45.10 20.24
CA GLU A 516 19.25 45.36 20.20
C GLU A 516 19.95 45.43 21.56
N SER A 517 19.18 45.24 22.63
CA SER A 517 19.73 45.25 23.99
C SER A 517 18.74 44.59 24.93
N ALA A 518 19.24 44.04 26.03
CA ALA A 518 18.37 43.39 27.01
C ALA A 518 17.35 44.39 27.53
N GLU A 519 17.78 45.65 27.67
CA GLU A 519 16.89 46.67 28.20
C GLU A 519 15.70 46.97 27.31
N ALA A 520 15.84 46.73 26.01
CA ALA A 520 14.75 47.00 25.08
C ALA A 520 13.74 45.85 24.95
N LEU A 521 14.06 44.70 25.53
CA LEU A 521 13.19 43.53 25.44
C LEU A 521 11.74 43.71 25.90
N GLU A 522 11.52 43.91 27.20
CA GLU A 522 10.15 44.08 27.71
C GLU A 522 9.38 45.18 27.03
N PRO A 523 10.01 46.36 26.85
CA PRO A 523 9.32 47.48 26.20
C PRO A 523 8.92 47.12 24.76
N THR A 524 9.82 46.44 24.06
CA THR A 524 9.54 46.04 22.69
C THR A 524 8.39 45.05 22.63
N LEU A 525 8.44 44.02 23.49
CA LEU A 525 7.39 43.02 23.54
C LEU A 525 6.05 43.64 23.88
N ARG A 526 6.05 44.58 24.83
CA ARG A 526 4.82 45.23 25.24
C ARG A 526 4.24 46.05 24.10
N ALA A 527 5.10 46.72 23.35
CA ALA A 527 4.66 47.53 22.21
C ALA A 527 4.12 46.63 21.10
N ALA A 528 4.82 45.53 20.83
CA ALA A 528 4.41 44.59 19.78
C ALA A 528 3.09 43.93 20.16
N MET A 529 2.91 43.65 21.45
CA MET A 529 1.68 43.03 21.94
C MET A 529 0.49 43.98 21.84
N ASP A 530 0.75 45.27 22.03
CA ASP A 530 -0.30 46.28 21.97
C ASP A 530 -0.72 46.62 20.55
N VAL A 531 0.10 46.22 19.57
CA VAL A 531 -0.23 46.47 18.18
C VAL A 531 -1.50 45.69 17.86
N ASP A 532 -2.43 46.32 17.15
CA ASP A 532 -3.69 45.66 16.80
C ASP A 532 -3.53 45.03 15.41
N GLY A 533 -2.86 43.89 15.36
CA GLY A 533 -2.63 43.22 14.11
C GLY A 533 -1.33 42.43 14.20
N PRO A 534 -0.85 41.85 13.10
CA PRO A 534 0.40 41.08 13.14
C PRO A 534 1.68 41.87 13.41
N ALA A 535 2.53 41.33 14.26
CA ALA A 535 3.79 41.94 14.60
C ALA A 535 4.86 40.86 14.74
N VAL A 536 6.10 41.21 14.40
CA VAL A 536 7.19 40.26 14.50
C VAL A 536 8.36 40.89 15.28
N VAL A 537 8.85 40.17 16.28
CA VAL A 537 9.97 40.64 17.09
C VAL A 537 11.14 39.67 17.01
N ALA A 538 12.27 40.16 16.50
CA ALA A 538 13.48 39.36 16.39
C ALA A 538 14.25 39.52 17.69
N ILE A 539 14.68 38.41 18.28
CA ILE A 539 15.39 38.46 19.55
C ILE A 539 16.70 37.68 19.52
N PRO A 540 17.84 38.37 19.36
CA PRO A 540 19.12 37.65 19.34
C PRO A 540 19.27 36.88 20.66
N VAL A 541 19.70 35.64 20.58
CA VAL A 541 19.83 34.82 21.78
C VAL A 541 21.20 34.16 21.88
N ASP A 542 21.67 34.00 23.12
CA ASP A 542 22.95 33.36 23.41
C ASP A 542 22.62 31.95 23.88
N TYR A 543 22.97 30.95 23.07
CA TYR A 543 22.68 29.54 23.38
C TYR A 543 23.82 28.76 24.02
N ARG A 544 24.88 29.44 24.46
CA ARG A 544 26.00 28.74 25.06
C ARG A 544 25.69 27.98 26.35
N ASP A 545 24.62 28.36 27.05
CA ASP A 545 24.25 27.65 28.27
C ASP A 545 23.34 26.47 27.97
N ASN A 546 23.01 26.28 26.70
CA ASN A 546 22.13 25.19 26.30
C ASN A 546 22.61 23.82 26.77
N PRO A 547 23.94 23.61 26.82
CA PRO A 547 24.41 22.30 27.28
C PRO A 547 23.92 22.03 28.69
N LEU A 548 23.82 23.08 29.50
CA LEU A 548 23.34 22.93 30.88
C LEU A 548 21.92 22.38 30.86
N LEU A 549 21.08 23.00 30.04
CA LEU A 549 19.69 22.59 29.95
C LEU A 549 19.55 21.20 29.36
N MET A 550 20.35 20.90 28.35
CA MET A 550 20.31 19.59 27.71
C MET A 550 20.73 18.49 28.67
N GLY A 551 21.41 18.88 29.75
CA GLY A 551 21.85 17.91 30.73
C GLY A 551 20.70 17.42 31.59
N GLN A 552 19.56 18.10 31.50
CA GLN A 552 18.37 17.74 32.27
C GLN A 552 17.38 16.89 31.46
N LEU A 553 17.74 16.55 30.23
CA LEU A 553 16.88 15.75 29.36
C LEU A 553 17.10 14.25 29.51
N HIS A 554 16.09 13.47 29.12
CA HIS A 554 16.21 12.02 29.18
C HIS A 554 17.21 11.60 28.10
N LEU A 555 17.19 12.34 27.00
CA LEU A 555 18.08 12.07 25.88
C LEU A 555 19.50 11.81 26.38
N SER A 556 19.90 12.56 27.40
CA SER A 556 21.23 12.41 28.00
C SER A 556 21.45 10.96 28.41
N GLN A 557 20.43 10.35 28.98
CA GLN A 557 20.50 8.95 29.40
C GLN A 557 20.24 8.07 28.18
N ILE A 558 19.48 8.61 27.23
CA ILE A 558 19.15 7.89 26.01
C ILE A 558 20.24 8.12 24.97
N VAL B 7 35.74 -5.83 -0.09
CA VAL B 7 35.40 -6.10 1.34
C VAL B 7 36.08 -5.08 2.25
N ARG B 8 35.47 -4.82 3.39
CA ARG B 8 36.00 -3.86 4.36
C ARG B 8 35.08 -3.71 5.57
N GLN B 9 35.66 -3.42 6.72
CA GLN B 9 34.90 -3.24 7.96
C GLN B 9 34.76 -1.75 8.26
N TRP B 10 33.51 -1.28 8.38
CA TRP B 10 33.27 0.13 8.66
C TRP B 10 32.76 0.39 10.07
N ALA B 11 33.28 1.46 10.66
CA ALA B 11 32.89 1.86 12.01
C ALA B 11 31.42 2.27 12.03
N HIS B 12 31.04 3.05 11.01
CA HIS B 12 29.68 3.54 10.88
C HIS B 12 29.14 3.27 9.49
N GLY B 13 27.89 2.81 9.40
CA GLY B 13 27.30 2.56 8.10
C GLY B 13 27.30 3.87 7.34
N ALA B 14 27.31 4.97 8.09
CA ALA B 14 27.31 6.31 7.52
C ALA B 14 28.55 6.53 6.65
N ASP B 15 29.68 6.02 7.11
CA ASP B 15 30.92 6.16 6.37
C ASP B 15 30.83 5.38 5.06
N LEU B 16 30.19 4.22 5.10
CA LEU B 16 30.04 3.42 3.90
C LEU B 16 29.11 4.16 2.93
N VAL B 17 28.05 4.77 3.46
CA VAL B 17 27.13 5.53 2.63
C VAL B 17 27.88 6.63 1.91
N VAL B 18 28.67 7.39 2.67
CA VAL B 18 29.45 8.48 2.10
C VAL B 18 30.42 7.96 1.04
N SER B 19 31.04 6.82 1.32
CA SER B 19 31.97 6.23 0.37
C SER B 19 31.25 5.90 -0.93
N GLN B 20 30.05 5.34 -0.80
CA GLN B 20 29.27 4.97 -1.98
C GLN B 20 28.91 6.22 -2.78
N LEU B 21 28.64 7.32 -2.07
CA LEU B 21 28.29 8.57 -2.73
C LEU B 21 29.45 9.09 -3.58
N GLU B 22 30.65 9.07 -3.01
CA GLU B 22 31.83 9.54 -3.74
C GLU B 22 32.06 8.63 -4.96
N ALA B 23 31.78 7.35 -4.79
CA ALA B 23 31.93 6.40 -5.88
C ALA B 23 30.97 6.74 -7.02
N GLN B 24 29.90 7.45 -6.69
CA GLN B 24 28.90 7.86 -7.68
C GLN B 24 29.28 9.17 -8.35
N GLY B 25 30.26 9.86 -7.78
CA GLY B 25 30.67 11.14 -8.33
C GLY B 25 29.82 12.29 -7.85
N VAL B 26 29.33 12.19 -6.62
CA VAL B 26 28.50 13.22 -6.02
C VAL B 26 29.36 14.43 -5.64
N ARG B 27 28.98 15.61 -6.12
CA ARG B 27 29.70 16.84 -5.83
C ARG B 27 29.25 17.51 -4.54
N GLN B 28 27.93 17.55 -4.33
CA GLN B 28 27.37 18.15 -3.13
C GLN B 28 26.11 17.41 -2.72
N VAL B 29 25.61 17.75 -1.53
CA VAL B 29 24.39 17.16 -1.01
C VAL B 29 23.53 18.31 -0.48
N PHE B 30 22.24 18.30 -0.78
CA PHE B 30 21.33 19.35 -0.32
C PHE B 30 20.43 18.76 0.74
N GLY B 31 20.17 19.51 1.81
CA GLY B 31 19.31 19.00 2.85
C GLY B 31 19.29 19.78 4.14
N ILE B 32 18.71 19.16 5.15
CA ILE B 32 18.60 19.74 6.48
C ILE B 32 18.82 18.61 7.47
N PRO B 33 19.81 18.77 8.36
CA PRO B 33 20.13 17.75 9.36
C PRO B 33 19.09 17.54 10.45
N GLY B 34 19.13 16.35 11.05
CA GLY B 34 18.22 15.98 12.12
C GLY B 34 18.91 14.87 12.91
N ALA B 35 18.43 14.58 14.11
CA ALA B 35 19.05 13.56 14.95
C ALA B 35 19.25 12.18 14.31
N LYS B 36 18.21 11.68 13.65
CA LYS B 36 18.27 10.38 13.00
C LYS B 36 19.29 10.26 11.87
N ILE B 37 19.51 11.35 11.14
CA ILE B 37 20.44 11.32 10.01
C ILE B 37 21.73 12.12 10.22
N ASP B 38 21.93 12.70 11.40
CA ASP B 38 23.13 13.51 11.60
C ASP B 38 24.47 12.77 11.49
N LYS B 39 24.49 11.45 11.56
CA LYS B 39 25.77 10.76 11.42
C LYS B 39 26.24 10.86 9.97
N VAL B 40 25.29 10.83 9.03
CA VAL B 40 25.63 10.93 7.62
C VAL B 40 26.19 12.31 7.32
N PHE B 41 25.58 13.33 7.92
CA PHE B 41 26.06 14.71 7.72
C PHE B 41 27.47 14.79 8.29
N ASP B 42 27.65 14.22 9.48
CA ASP B 42 28.95 14.25 10.13
C ASP B 42 30.01 13.58 9.26
N SER B 43 29.71 12.38 8.78
CA SER B 43 30.66 11.66 7.92
C SER B 43 31.00 12.46 6.67
N LEU B 44 30.07 13.30 6.22
CA LEU B 44 30.30 14.12 5.03
C LEU B 44 31.38 15.17 5.28
N LEU B 45 31.70 15.40 6.54
CA LEU B 45 32.73 16.37 6.90
C LEU B 45 34.12 15.85 6.51
N ASP B 46 34.29 14.53 6.56
CA ASP B 46 35.57 13.91 6.22
C ASP B 46 35.61 13.50 4.76
N SER B 47 34.73 14.09 3.95
CA SER B 47 34.66 13.77 2.54
C SER B 47 34.85 15.03 1.71
N SER B 48 35.03 14.84 0.41
CA SER B 48 35.21 15.97 -0.50
C SER B 48 33.84 16.57 -0.85
N ILE B 49 32.81 15.75 -0.72
CA ILE B 49 31.44 16.17 -1.01
C ILE B 49 31.07 17.37 -0.16
N ARG B 50 30.55 18.41 -0.79
CA ARG B 50 30.16 19.63 -0.09
C ARG B 50 28.73 19.57 0.46
N ILE B 51 28.57 19.96 1.72
CA ILE B 51 27.26 19.98 2.37
C ILE B 51 26.60 21.34 2.15
N ILE B 52 25.43 21.34 1.54
CA ILE B 52 24.73 22.60 1.29
C ILE B 52 23.38 22.60 2.04
N PRO B 53 23.34 23.29 3.18
CA PRO B 53 22.11 23.37 3.98
C PRO B 53 21.04 24.22 3.30
N VAL B 54 19.82 23.72 3.22
CA VAL B 54 18.75 24.50 2.62
C VAL B 54 17.80 24.93 3.73
N ARG B 55 16.79 25.74 3.40
CA ARG B 55 15.86 26.20 4.42
C ARG B 55 14.57 25.38 4.48
N HIS B 56 14.25 24.67 3.40
CA HIS B 56 13.09 23.78 3.38
C HIS B 56 13.42 22.59 2.51
N GLU B 57 13.25 21.39 3.04
CA GLU B 57 13.56 20.16 2.32
C GLU B 57 13.04 20.09 0.90
N ALA B 58 11.85 20.63 0.66
CA ALA B 58 11.27 20.61 -0.69
C ALA B 58 12.25 21.17 -1.70
N ASN B 59 12.97 22.21 -1.31
CA ASN B 59 13.93 22.83 -2.22
C ASN B 59 15.20 22.02 -2.39
N ALA B 60 15.47 21.11 -1.47
CA ALA B 60 16.64 20.26 -1.60
C ALA B 60 16.36 19.34 -2.80
N ALA B 61 15.12 18.88 -2.91
CA ALA B 61 14.72 18.00 -4.01
C ALA B 61 14.70 18.77 -5.34
N PHE B 62 14.26 20.03 -5.32
CA PHE B 62 14.24 20.85 -6.53
C PHE B 62 15.66 21.13 -7.05
N MET B 63 16.55 21.50 -6.13
CA MET B 63 17.94 21.79 -6.48
C MET B 63 18.60 20.51 -7.01
N ALA B 64 18.33 19.39 -6.35
CA ALA B 64 18.89 18.11 -6.76
C ALA B 64 18.46 17.78 -8.18
N ALA B 65 17.20 18.07 -8.50
CA ALA B 65 16.66 17.80 -9.83
C ALA B 65 17.40 18.58 -10.91
N ALA B 66 17.77 19.83 -10.61
CA ALA B 66 18.47 20.63 -11.60
C ALA B 66 19.85 20.05 -11.86
N VAL B 67 20.48 19.54 -10.81
CA VAL B 67 21.80 18.94 -10.91
C VAL B 67 21.75 17.67 -11.75
N GLY B 68 20.71 16.87 -11.51
CA GLY B 68 20.54 15.62 -12.23
C GLY B 68 20.26 15.82 -13.70
N ARG B 69 19.41 16.79 -14.02
CA ARG B 69 19.07 17.07 -15.39
C ARG B 69 20.30 17.50 -16.20
N ILE B 70 21.04 18.46 -15.67
CA ILE B 70 22.23 18.95 -16.35
C ILE B 70 23.36 17.94 -16.47
N THR B 71 23.73 17.32 -15.36
CA THR B 71 24.84 16.37 -15.34
C THR B 71 24.53 14.94 -15.76
N GLY B 72 23.28 14.52 -15.65
CA GLY B 72 22.95 13.15 -16.01
C GLY B 72 23.22 12.27 -14.81
N LYS B 73 23.90 12.85 -13.81
CA LYS B 73 24.21 12.14 -12.58
C LYS B 73 23.25 12.69 -11.52
N ALA B 74 22.58 11.79 -10.81
CA ALA B 74 21.60 12.18 -9.81
C ALA B 74 22.06 13.18 -8.76
N GLY B 75 21.22 14.20 -8.53
CA GLY B 75 21.51 15.17 -7.50
C GLY B 75 21.13 14.48 -6.21
N VAL B 76 21.67 14.94 -5.08
CA VAL B 76 21.35 14.27 -3.83
C VAL B 76 20.80 15.17 -2.73
N ALA B 77 19.75 14.69 -2.09
CA ALA B 77 19.11 15.41 -1.00
C ALA B 77 19.30 14.54 0.22
N LEU B 78 19.53 15.16 1.38
CA LEU B 78 19.73 14.41 2.61
C LEU B 78 18.87 15.02 3.70
N VAL B 79 17.96 14.23 4.26
CA VAL B 79 17.06 14.75 5.29
C VAL B 79 16.90 13.82 6.48
N THR B 80 16.32 14.34 7.56
CA THR B 80 16.12 13.51 8.73
C THR B 80 14.76 12.82 8.63
N SER B 81 14.46 11.99 9.62
CA SER B 81 13.22 11.21 9.66
C SER B 81 11.95 12.02 9.81
N GLY B 82 10.82 11.34 9.70
CA GLY B 82 9.52 11.98 9.85
C GLY B 82 9.28 13.16 8.94
N PRO B 83 9.09 14.37 9.51
CA PRO B 83 8.84 15.58 8.71
C PRO B 83 9.98 15.92 7.76
N GLY B 84 11.19 15.46 8.07
CA GLY B 84 12.32 15.72 7.19
C GLY B 84 12.06 15.05 5.85
N CYS B 85 11.51 13.83 5.90
CA CYS B 85 11.19 13.06 4.72
C CYS B 85 9.88 13.53 4.05
N SER B 86 8.81 13.68 4.83
CA SER B 86 7.55 14.11 4.24
C SER B 86 7.64 15.46 3.54
N ASN B 87 8.57 16.31 3.97
CA ASN B 87 8.74 17.61 3.34
C ASN B 87 9.34 17.53 1.94
N LEU B 88 9.79 16.34 1.54
CA LEU B 88 10.40 16.13 0.23
C LEU B 88 9.47 15.62 -0.86
N ILE B 89 8.35 15.03 -0.43
CA ILE B 89 7.42 14.41 -1.35
C ILE B 89 7.07 15.17 -2.61
N THR B 90 6.57 16.40 -2.49
CA THR B 90 6.26 17.17 -3.69
C THR B 90 7.48 17.32 -4.61
N GLY B 91 8.63 17.62 -4.03
CA GLY B 91 9.83 17.78 -4.83
C GLY B 91 10.22 16.49 -5.53
N MET B 92 10.09 15.37 -4.83
CA MET B 92 10.44 14.09 -5.41
C MET B 92 9.51 13.75 -6.58
N ALA B 93 8.22 14.06 -6.39
CA ALA B 93 7.21 13.82 -7.42
C ALA B 93 7.49 14.65 -8.66
N THR B 94 7.92 15.89 -8.45
CA THR B 94 8.22 16.79 -9.57
C THR B 94 9.42 16.27 -10.35
N ALA B 95 10.44 15.80 -9.64
CA ALA B 95 11.62 15.25 -10.31
C ALA B 95 11.22 14.01 -11.12
N ASN B 96 10.45 13.11 -10.51
CA ASN B 96 10.05 11.89 -11.18
C ASN B 96 9.23 12.16 -12.44
N SER B 97 8.33 13.15 -12.38
CA SER B 97 7.49 13.50 -13.52
C SER B 97 8.26 14.09 -14.69
N GLU B 98 9.33 14.82 -14.41
CA GLU B 98 10.14 15.44 -15.46
C GLU B 98 11.31 14.59 -15.90
N GLY B 99 11.48 13.44 -15.26
CA GLY B 99 12.58 12.56 -15.62
C GLY B 99 13.94 13.04 -15.14
N ASP B 100 13.96 13.78 -14.04
CA ASP B 100 15.21 14.27 -13.47
C ASP B 100 15.73 13.26 -12.46
N PRO B 101 16.99 12.83 -12.62
CA PRO B 101 17.56 11.87 -11.69
C PRO B 101 17.89 12.50 -10.34
N VAL B 102 17.28 11.96 -9.29
CA VAL B 102 17.50 12.46 -7.94
C VAL B 102 17.45 11.32 -6.94
N VAL B 103 18.39 11.31 -6.01
CA VAL B 103 18.43 10.31 -4.96
C VAL B 103 18.26 11.03 -3.64
N ALA B 104 17.27 10.62 -2.87
CA ALA B 104 17.03 11.22 -1.57
C ALA B 104 17.29 10.17 -0.51
N LEU B 105 18.11 10.54 0.46
CA LEU B 105 18.43 9.66 1.56
C LEU B 105 17.80 10.29 2.79
N GLY B 106 16.79 9.62 3.34
CA GLY B 106 16.11 10.14 4.51
C GLY B 106 16.31 9.27 5.74
N GLY B 107 16.53 9.90 6.88
CA GLY B 107 16.71 9.17 8.11
C GLY B 107 15.43 8.47 8.53
N ALA B 108 15.55 7.50 9.45
CA ALA B 108 14.41 6.75 9.95
C ALA B 108 14.74 6.33 11.37
N VAL B 109 13.71 6.00 12.17
CA VAL B 109 13.96 5.57 13.53
C VAL B 109 14.69 4.23 13.51
N LYS B 110 15.23 3.85 14.66
CA LYS B 110 15.94 2.59 14.79
C LYS B 110 14.95 1.47 14.45
N ARG B 111 15.47 0.39 13.86
CA ARG B 111 14.64 -0.75 13.47
C ARG B 111 13.77 -1.29 14.61
N ALA B 112 14.23 -1.10 15.84
CA ALA B 112 13.51 -1.59 17.01
C ALA B 112 12.53 -0.59 17.61
N ASP B 113 12.55 0.64 17.10
CA ASP B 113 11.66 1.68 17.59
C ASP B 113 10.47 1.85 16.65
N SER B 121 7.20 7.54 13.53
CA SER B 121 7.30 6.22 12.90
C SER B 121 6.33 6.07 11.73
N MET B 122 6.53 6.87 10.69
CA MET B 122 5.68 6.81 9.51
C MET B 122 6.33 5.94 8.44
N ASP B 123 5.50 5.20 7.71
CA ASP B 123 5.98 4.31 6.66
C ASP B 123 6.32 5.18 5.46
N THR B 124 7.51 5.78 5.49
CA THR B 124 7.96 6.65 4.41
C THR B 124 8.07 5.95 3.07
N VAL B 125 8.48 4.69 3.06
CA VAL B 125 8.60 3.93 1.82
C VAL B 125 7.25 3.90 1.12
N ALA B 126 6.18 3.62 1.87
CA ALA B 126 4.84 3.57 1.30
C ALA B 126 4.40 4.95 0.80
N MET B 127 4.91 5.99 1.43
CA MET B 127 4.56 7.35 1.04
C MET B 127 5.24 7.79 -0.25
N PHE B 128 6.50 7.40 -0.44
CA PHE B 128 7.25 7.76 -1.63
C PHE B 128 7.02 6.87 -2.85
N SER B 129 6.58 5.64 -2.63
CA SER B 129 6.34 4.71 -3.74
C SER B 129 5.50 5.29 -4.87
N PRO B 130 4.41 6.01 -4.55
CA PRO B 130 3.59 6.57 -5.61
C PRO B 130 4.26 7.66 -6.45
N VAL B 131 5.32 8.26 -5.94
CA VAL B 131 5.98 9.36 -6.67
C VAL B 131 7.47 9.21 -6.96
N THR B 132 7.94 7.98 -7.04
CA THR B 132 9.35 7.68 -7.30
C THR B 132 9.47 6.39 -8.12
N LYS B 133 10.64 6.16 -8.69
CA LYS B 133 10.89 4.95 -9.48
C LYS B 133 11.41 3.89 -8.54
N TYR B 134 12.03 4.36 -7.46
CA TYR B 134 12.66 3.46 -6.49
C TYR B 134 12.41 3.99 -5.07
N ALA B 135 12.04 3.11 -4.16
CA ALA B 135 11.79 3.48 -2.77
C ALA B 135 12.00 2.23 -1.91
N ILE B 136 13.01 2.26 -1.06
CA ILE B 136 13.30 1.11 -0.23
C ILE B 136 13.98 1.52 1.07
N GLU B 137 13.80 0.71 2.09
CA GLU B 137 14.41 0.99 3.39
C GLU B 137 15.46 -0.08 3.70
N VAL B 138 16.63 0.36 4.15
CA VAL B 138 17.70 -0.54 4.51
C VAL B 138 17.38 -1.21 5.83
N THR B 139 16.87 -2.44 5.79
CA THR B 139 16.52 -3.17 7.00
C THR B 139 17.66 -4.06 7.45
N ALA B 140 18.82 -3.93 6.82
CA ALA B 140 19.99 -4.73 7.17
C ALA B 140 21.26 -3.96 6.79
N PRO B 141 22.16 -3.75 7.76
CA PRO B 141 23.41 -3.04 7.53
C PRO B 141 24.25 -3.61 6.38
N ASP B 142 24.00 -4.87 6.03
CA ASP B 142 24.74 -5.51 4.95
C ASP B 142 24.22 -5.10 3.59
N ALA B 143 22.97 -4.63 3.55
CA ALA B 143 22.35 -4.22 2.30
C ALA B 143 22.55 -2.72 2.04
N LEU B 144 23.24 -2.05 2.95
CA LEU B 144 23.50 -0.62 2.86
C LEU B 144 24.03 -0.12 1.52
N ALA B 145 25.26 -0.51 1.17
CA ALA B 145 25.87 -0.07 -0.08
C ALA B 145 25.09 -0.43 -1.33
N GLU B 146 24.58 -1.66 -1.39
CA GLU B 146 23.82 -2.11 -2.56
C GLU B 146 22.53 -1.29 -2.72
N VAL B 147 21.87 -0.98 -1.61
CA VAL B 147 20.65 -0.20 -1.68
C VAL B 147 20.96 1.20 -2.21
N VAL B 148 22.01 1.82 -1.69
CA VAL B 148 22.38 3.16 -2.16
C VAL B 148 22.79 3.10 -3.63
N SER B 149 23.64 2.13 -3.98
CA SER B 149 24.07 1.98 -5.36
C SER B 149 22.87 1.79 -6.28
N ASN B 150 21.94 0.94 -5.88
CA ASN B 150 20.75 0.67 -6.67
C ASN B 150 19.87 1.91 -6.88
N ALA B 151 19.75 2.74 -5.85
CA ALA B 151 18.94 3.95 -5.95
C ALA B 151 19.47 4.84 -7.08
N PHE B 152 20.80 4.97 -7.16
CA PHE B 152 21.42 5.77 -8.22
C PHE B 152 21.20 5.16 -9.61
N ARG B 153 21.22 3.83 -9.71
CA ARG B 153 21.01 3.19 -11.00
C ARG B 153 19.55 3.34 -11.44
N ALA B 154 18.63 3.16 -10.50
CA ALA B 154 17.21 3.30 -10.81
C ALA B 154 16.94 4.75 -11.22
N ALA B 155 17.59 5.67 -10.54
CA ALA B 155 17.40 7.10 -10.82
C ALA B 155 17.98 7.57 -12.14
N GLU B 156 19.13 7.04 -12.51
CA GLU B 156 19.82 7.47 -13.73
C GLU B 156 19.61 6.67 -15.02
N GLN B 157 19.38 5.37 -14.91
CA GLN B 157 19.22 4.55 -16.11
C GLN B 157 17.83 4.58 -16.70
N GLY B 158 17.72 4.15 -17.96
CA GLY B 158 16.44 4.15 -18.64
C GLY B 158 15.91 5.57 -18.65
N ARG B 159 14.61 5.74 -18.45
CA ARG B 159 14.04 7.07 -18.36
C ARG B 159 14.26 7.45 -16.90
N PRO B 160 15.17 8.41 -16.66
CA PRO B 160 15.51 8.86 -15.31
C PRO B 160 14.32 9.24 -14.42
N GLY B 161 14.52 9.12 -13.11
CA GLY B 161 13.47 9.44 -12.17
C GLY B 161 14.06 9.66 -10.80
N SER B 162 13.20 9.77 -9.79
CA SER B 162 13.68 9.99 -8.44
C SER B 162 13.68 8.68 -7.66
N ALA B 163 14.60 8.58 -6.70
CA ALA B 163 14.73 7.37 -5.88
C ALA B 163 14.88 7.76 -4.41
N PHE B 164 14.17 7.05 -3.54
CA PHE B 164 14.23 7.32 -2.11
C PHE B 164 14.77 6.12 -1.34
N VAL B 165 15.69 6.39 -0.41
CA VAL B 165 16.27 5.36 0.43
C VAL B 165 16.09 5.76 1.90
N SER B 166 15.41 4.91 2.67
CA SER B 166 15.19 5.15 4.09
C SER B 166 16.34 4.50 4.87
N LEU B 167 17.02 5.30 5.69
CA LEU B 167 18.17 4.82 6.48
C LEU B 167 17.92 4.80 7.98
N PRO B 168 17.60 3.63 8.55
CA PRO B 168 17.36 3.56 10.00
C PRO B 168 18.57 4.11 10.76
N GLN B 169 18.32 4.89 11.81
CA GLN B 169 19.39 5.48 12.59
C GLN B 169 20.41 4.45 13.14
N ASP B 170 19.95 3.28 13.57
CA ASP B 170 20.86 2.27 14.10
C ASP B 170 21.80 1.73 13.01
N VAL B 171 21.30 1.67 11.78
CA VAL B 171 22.09 1.16 10.66
C VAL B 171 23.21 2.10 10.24
N VAL B 172 22.95 3.41 10.27
CA VAL B 172 23.97 4.38 9.88
C VAL B 172 24.94 4.73 11.00
N ASP B 173 24.50 4.53 12.25
CA ASP B 173 25.34 4.83 13.40
C ASP B 173 26.25 3.66 13.77
N GLY B 174 25.75 2.44 13.56
CA GLY B 174 26.50 1.25 13.90
C GLY B 174 27.50 0.79 12.85
N PRO B 175 28.37 -0.17 13.22
CA PRO B 175 29.37 -0.71 12.30
C PRO B 175 28.74 -1.58 11.24
N VAL B 176 29.38 -1.65 10.07
CA VAL B 176 28.88 -2.46 8.97
C VAL B 176 30.03 -3.14 8.25
N SER B 177 29.70 -4.21 7.53
CA SER B 177 30.70 -4.94 6.77
C SER B 177 30.29 -5.01 5.31
N GLY B 178 31.15 -4.49 4.45
CA GLY B 178 30.86 -4.49 3.03
C GLY B 178 31.81 -3.59 2.28
N LYS B 179 31.73 -3.64 0.95
CA LYS B 179 32.60 -2.81 0.11
C LYS B 179 31.75 -1.93 -0.80
N VAL B 180 32.35 -0.84 -1.26
CA VAL B 180 31.66 0.09 -2.16
C VAL B 180 31.34 -0.56 -3.50
N LEU B 181 30.07 -0.55 -3.88
CA LEU B 181 29.68 -1.12 -5.17
C LEU B 181 29.97 -0.08 -6.25
N PRO B 182 30.89 -0.39 -7.18
CA PRO B 182 31.23 0.55 -8.25
C PRO B 182 30.04 0.94 -9.11
N ALA B 183 30.05 2.17 -9.61
CA ALA B 183 28.97 2.67 -10.45
C ALA B 183 29.13 2.13 -11.87
N SER B 184 28.35 1.10 -12.20
CA SER B 184 28.39 0.47 -13.51
C SER B 184 28.12 1.47 -14.63
N GLY B 185 27.10 2.28 -14.45
CA GLY B 185 26.76 3.27 -15.46
C GLY B 185 25.74 2.75 -16.47
N ALA B 186 25.70 3.39 -17.63
CA ALA B 186 24.77 3.03 -18.68
C ALA B 186 25.11 1.69 -19.35
N PRO B 187 24.14 0.77 -19.37
CA PRO B 187 24.36 -0.54 -19.99
C PRO B 187 24.64 -0.42 -21.49
N GLN B 188 25.42 -1.34 -22.03
CA GLN B 188 25.74 -1.32 -23.46
C GLN B 188 24.57 -1.95 -24.19
N MET B 189 23.67 -1.11 -24.69
CA MET B 189 22.50 -1.56 -25.41
C MET B 189 22.47 -1.02 -26.83
N ALA B 191 22.29 -0.36 -30.06
CA ALA B 191 21.50 -0.05 -31.24
C ALA B 191 20.22 -0.90 -31.28
N ALA B 192 19.37 -0.60 -32.27
CA ALA B 192 18.11 -1.30 -32.46
C ALA B 192 18.22 -2.33 -33.58
N PRO B 193 17.16 -3.16 -33.78
CA PRO B 193 17.16 -4.18 -34.83
C PRO B 193 17.54 -3.63 -36.20
N ASP B 194 18.76 -3.91 -36.64
CA ASP B 194 19.23 -3.45 -37.95
C ASP B 194 18.22 -3.75 -39.04
N ASP B 195 17.46 -4.82 -38.87
CA ASP B 195 16.44 -5.20 -39.84
C ASP B 195 15.25 -4.25 -39.68
N ALA B 196 14.81 -4.06 -38.44
CA ALA B 196 13.69 -3.17 -38.15
C ALA B 196 14.00 -1.76 -38.61
N ILE B 197 15.28 -1.37 -38.49
CA ILE B 197 15.71 -0.05 -38.92
C ILE B 197 15.39 0.15 -40.39
N ASP B 198 15.94 -0.73 -41.24
CA ASP B 198 15.72 -0.65 -42.67
C ASP B 198 14.21 -0.62 -42.97
N GLN B 199 13.42 -1.18 -42.07
CA GLN B 199 11.97 -1.19 -42.23
C GLN B 199 11.41 0.22 -42.07
N VAL B 200 12.01 0.97 -41.14
CA VAL B 200 11.59 2.35 -40.89
C VAL B 200 12.02 3.22 -42.06
N ALA B 201 13.27 3.03 -42.49
CA ALA B 201 13.82 3.79 -43.62
C ALA B 201 12.93 3.58 -44.85
N LYS B 202 12.33 2.40 -44.96
CA LYS B 202 11.45 2.08 -46.08
C LYS B 202 10.18 2.91 -45.95
N LEU B 203 9.66 3.01 -44.73
CA LEU B 203 8.46 3.78 -44.46
C LEU B 203 8.74 5.25 -44.79
N ILE B 204 9.91 5.71 -44.36
CA ILE B 204 10.34 7.08 -44.59
C ILE B 204 10.40 7.39 -46.08
N ALA B 205 10.98 6.46 -46.84
CA ALA B 205 11.09 6.64 -48.28
C ALA B 205 9.74 6.59 -48.98
N GLN B 206 8.73 6.07 -48.29
CA GLN B 206 7.39 5.96 -48.86
C GLN B 206 6.42 7.03 -48.37
N ALA B 207 6.80 7.73 -47.31
CA ALA B 207 5.93 8.76 -46.73
C ALA B 207 6.08 10.13 -47.40
N LYS B 208 4.96 10.81 -47.58
CA LYS B 208 4.96 12.14 -48.19
C LYS B 208 4.95 13.23 -47.12
N ASN B 209 4.40 12.92 -45.95
CA ASN B 209 4.33 13.87 -44.84
C ASN B 209 4.81 13.30 -43.52
N PRO B 210 6.10 12.95 -43.44
CA PRO B 210 6.66 12.39 -42.21
C PRO B 210 6.94 13.51 -41.22
N ILE B 211 6.92 13.16 -39.93
CA ILE B 211 7.16 14.12 -38.87
C ILE B 211 7.75 13.42 -37.66
N PHE B 212 8.77 14.03 -37.07
CA PHE B 212 9.42 13.52 -35.88
C PHE B 212 8.80 14.17 -34.66
N LEU B 213 8.39 13.35 -33.70
CA LEU B 213 7.84 13.85 -32.45
C LEU B 213 8.88 13.51 -31.38
N LEU B 214 9.53 14.53 -30.84
CA LEU B 214 10.56 14.31 -29.85
C LEU B 214 10.05 14.37 -28.41
N GLY B 215 10.43 13.36 -27.63
CA GLY B 215 10.06 13.30 -26.23
C GLY B 215 11.33 13.47 -25.40
N LEU B 216 11.18 13.48 -24.08
CA LEU B 216 12.29 13.67 -23.15
C LEU B 216 13.67 13.11 -23.50
N MET B 217 13.75 11.81 -23.74
CA MET B 217 15.03 11.19 -24.04
C MET B 217 15.78 11.74 -25.23
N ALA B 218 15.06 12.32 -26.19
CA ALA B 218 15.69 12.89 -27.36
C ALA B 218 16.51 14.13 -27.00
N SER B 219 16.20 14.73 -25.86
CA SER B 219 16.91 15.93 -25.44
C SER B 219 18.12 15.61 -24.59
N GLN B 220 18.29 14.32 -24.29
CA GLN B 220 19.41 13.86 -23.49
C GLN B 220 20.69 14.07 -24.31
N PRO B 221 21.70 14.70 -23.71
CA PRO B 221 22.97 14.94 -24.42
C PRO B 221 23.60 13.71 -25.06
N GLU B 222 23.13 12.52 -24.69
CA GLU B 222 23.67 11.27 -25.25
C GLU B 222 23.13 10.99 -26.65
N ASN B 223 22.09 11.71 -27.05
CA ASN B 223 21.50 11.51 -28.37
C ASN B 223 21.60 12.77 -29.22
N SER B 224 22.24 13.80 -28.67
CA SER B 224 22.39 15.07 -29.35
C SER B 224 23.01 14.98 -30.75
N LYS B 225 24.23 14.45 -30.83
CA LYS B 225 24.92 14.32 -32.10
C LYS B 225 24.10 13.51 -33.09
N ALA B 226 23.66 12.34 -32.66
CA ALA B 226 22.88 11.45 -33.51
C ALA B 226 21.56 12.09 -33.99
N LEU B 227 20.97 12.93 -33.16
CA LEU B 227 19.72 13.58 -33.52
C LEU B 227 19.95 14.56 -34.65
N ARG B 228 20.91 15.47 -34.46
CA ARG B 228 21.24 16.47 -35.45
C ARG B 228 21.56 15.78 -36.78
N ARG B 229 22.24 14.64 -36.70
CA ARG B 229 22.60 13.90 -37.90
C ARG B 229 21.37 13.38 -38.62
N LEU B 230 20.47 12.74 -37.88
CA LEU B 230 19.26 12.20 -38.47
C LEU B 230 18.41 13.30 -39.10
N LEU B 231 18.45 14.49 -38.53
CA LEU B 231 17.68 15.62 -39.04
C LEU B 231 18.27 16.23 -40.31
N GLU B 232 19.59 16.42 -40.33
CA GLU B 232 20.24 16.99 -41.50
C GLU B 232 20.23 16.04 -42.69
N THR B 233 20.13 14.76 -42.40
CA THR B 233 20.12 13.74 -43.45
C THR B 233 18.71 13.50 -44.00
N SER B 234 17.74 13.38 -43.11
CA SER B 234 16.36 13.15 -43.50
C SER B 234 15.67 14.45 -43.88
N HIS B 235 16.04 15.51 -43.16
CA HIS B 235 15.45 16.83 -43.37
C HIS B 235 13.94 16.78 -43.11
N ILE B 236 13.54 15.86 -42.25
CA ILE B 236 12.15 15.67 -41.87
C ILE B 236 11.82 16.68 -40.75
N PRO B 237 10.61 17.27 -40.80
CA PRO B 237 10.17 18.26 -39.79
C PRO B 237 10.17 17.69 -38.38
N VAL B 238 10.28 18.57 -37.39
CA VAL B 238 10.33 18.13 -36.00
C VAL B 238 9.47 18.99 -35.09
N THR B 239 8.84 18.34 -34.12
CA THR B 239 8.04 19.03 -33.12
C THR B 239 8.42 18.33 -31.82
N SER B 240 8.31 19.03 -30.70
CA SER B 240 8.73 18.47 -29.42
C SER B 240 7.76 18.69 -28.28
N THR B 241 7.83 17.80 -27.29
CA THR B 241 7.01 17.91 -26.09
C THR B 241 7.77 18.92 -25.24
N TYR B 242 7.18 19.42 -24.17
CA TYR B 242 7.92 20.39 -23.37
C TYR B 242 9.07 19.74 -22.63
N GLN B 243 8.96 18.46 -22.34
CA GLN B 243 10.08 17.79 -21.68
C GLN B 243 11.28 17.80 -22.61
N ALA B 244 11.02 17.86 -23.92
CA ALA B 244 12.09 17.90 -24.91
C ALA B 244 12.23 19.29 -25.53
N ALA B 245 11.71 20.31 -24.83
CA ALA B 245 11.74 21.69 -25.33
C ALA B 245 13.12 22.18 -25.79
N GLY B 246 14.18 21.65 -25.18
CA GLY B 246 15.51 22.08 -25.55
C GLY B 246 16.26 21.25 -26.60
N ALA B 247 15.70 20.10 -26.97
CA ALA B 247 16.36 19.23 -27.95
C ALA B 247 16.65 19.96 -29.26
N VAL B 248 15.72 20.82 -29.67
CA VAL B 248 15.86 21.61 -30.90
C VAL B 248 15.07 22.90 -30.74
N ASN B 249 15.50 23.96 -31.42
CA ASN B 249 14.80 25.25 -31.35
C ASN B 249 14.70 25.90 -32.74
N GLN B 250 13.72 26.79 -32.89
CA GLN B 250 13.48 27.46 -34.16
C GLN B 250 14.74 27.94 -34.89
N ASP B 251 15.74 28.40 -34.14
CA ASP B 251 16.97 28.93 -34.73
C ASP B 251 18.02 27.93 -35.22
N ASN B 252 18.01 26.70 -34.70
CA ASN B 252 19.00 25.71 -35.11
C ASN B 252 18.52 24.64 -36.10
N PHE B 253 17.28 24.76 -36.56
CA PHE B 253 16.73 23.81 -37.54
C PHE B 253 15.55 24.46 -38.24
N SER B 254 15.73 24.75 -39.53
CA SER B 254 14.70 25.40 -40.34
C SER B 254 13.36 24.69 -40.39
N ARG B 255 13.34 23.38 -40.14
CA ARG B 255 12.06 22.67 -40.18
C ARG B 255 11.48 22.32 -38.81
N PHE B 256 11.86 23.11 -37.81
CA PHE B 256 11.36 22.92 -36.45
C PHE B 256 9.95 23.51 -36.45
N ALA B 257 9.00 22.78 -35.86
CA ALA B 257 7.60 23.23 -35.82
C ALA B 257 7.08 23.61 -34.44
N GLY B 258 7.98 23.85 -33.49
CA GLY B 258 7.56 24.25 -32.16
C GLY B 258 7.29 23.13 -31.15
N ARG B 259 6.94 23.54 -29.93
CA ARG B 259 6.62 22.65 -28.83
C ARG B 259 5.12 22.40 -28.82
N VAL B 260 4.72 21.14 -28.68
CA VAL B 260 3.31 20.80 -28.64
C VAL B 260 2.88 20.31 -27.25
N GLY B 261 1.63 20.59 -26.89
CA GLY B 261 1.12 20.17 -25.60
C GLY B 261 0.45 21.29 -24.83
N LEU B 262 0.60 22.52 -25.30
CA LEU B 262 0.03 23.66 -24.61
C LEU B 262 -0.89 24.51 -25.50
N PHE B 263 -0.37 24.94 -26.64
CA PHE B 263 -1.14 25.79 -27.52
C PHE B 263 -1.92 25.04 -28.59
N ASN B 264 -3.08 25.60 -28.97
CA ASN B 264 -3.96 24.99 -29.97
C ASN B 264 -3.70 25.46 -31.40
N ASN B 265 -2.63 26.22 -31.59
CA ASN B 265 -2.31 26.72 -32.93
C ASN B 265 -0.85 26.45 -33.32
N GLN B 266 -0.32 25.31 -32.91
CA GLN B 266 1.07 24.97 -33.20
C GLN B 266 1.27 24.26 -34.54
N ALA B 267 2.35 24.60 -35.23
CA ALA B 267 2.66 23.98 -36.51
C ALA B 267 2.88 22.47 -36.29
N GLY B 268 3.49 22.13 -35.16
CA GLY B 268 3.75 20.73 -34.84
C GLY B 268 2.50 19.89 -34.87
N ASP B 269 1.40 20.40 -34.32
CA ASP B 269 0.14 19.67 -34.32
C ASP B 269 -0.47 19.53 -35.71
N ARG B 270 -0.40 20.59 -36.52
CA ARG B 270 -0.95 20.52 -37.86
C ARG B 270 -0.17 19.50 -38.69
N LEU B 271 1.14 19.41 -38.45
CA LEU B 271 1.95 18.44 -39.18
C LEU B 271 1.62 17.02 -38.69
N LEU B 272 1.41 16.86 -37.38
CA LEU B 272 1.08 15.55 -36.83
C LEU B 272 -0.27 15.09 -37.37
N GLN B 273 -1.18 16.04 -37.58
CA GLN B 273 -2.51 15.71 -38.09
C GLN B 273 -2.43 15.35 -39.56
N LEU B 274 -1.53 16.01 -40.27
CA LEU B 274 -1.34 15.79 -41.70
C LEU B 274 -0.52 14.53 -42.00
N ALA B 275 0.34 14.16 -41.06
CA ALA B 275 1.24 13.02 -41.21
C ALA B 275 0.69 11.67 -41.68
N ASP B 276 1.45 11.03 -42.55
CA ASP B 276 1.11 9.71 -43.03
C ASP B 276 2.08 8.79 -42.31
N LEU B 277 3.07 9.41 -41.66
CA LEU B 277 4.08 8.70 -40.89
C LEU B 277 4.59 9.54 -39.71
N VAL B 278 4.42 9.02 -38.50
CA VAL B 278 4.89 9.73 -37.30
C VAL B 278 5.94 8.91 -36.57
N ILE B 279 7.15 9.46 -36.47
CA ILE B 279 8.22 8.78 -35.77
C ILE B 279 8.50 9.46 -34.41
N CYS B 280 8.13 8.78 -33.33
CA CYS B 280 8.33 9.31 -31.99
C CYS B 280 9.69 8.87 -31.45
N ILE B 281 10.46 9.83 -30.96
CA ILE B 281 11.78 9.53 -30.41
C ILE B 281 11.90 9.92 -28.94
N GLY B 282 12.22 8.95 -28.09
CA GLY B 282 12.40 9.20 -26.66
C GLY B 282 11.13 9.73 -26.00
N TYR B 283 10.01 9.40 -26.62
CA TYR B 283 8.72 9.87 -26.17
C TYR B 283 7.82 8.87 -25.45
N SER B 284 7.16 9.36 -24.41
CA SER B 284 6.21 8.55 -23.65
C SER B 284 4.90 9.33 -23.67
N PRO B 285 3.78 8.63 -23.87
CA PRO B 285 2.45 9.25 -23.93
C PRO B 285 2.20 10.27 -22.81
N VAL B 286 2.83 10.08 -21.66
CA VAL B 286 2.64 10.99 -20.53
C VAL B 286 3.04 12.43 -20.87
N GLU B 287 4.01 12.59 -21.75
CA GLU B 287 4.49 13.92 -22.12
C GLU B 287 3.53 14.77 -22.92
N TYR B 288 2.60 14.13 -23.62
CA TYR B 288 1.61 14.82 -24.44
C TYR B 288 0.54 13.83 -24.87
N GLU B 289 -0.60 13.87 -24.18
CA GLU B 289 -1.73 12.99 -24.43
C GLU B 289 -1.91 12.61 -25.91
N PRO B 290 -1.65 11.34 -26.25
CA PRO B 290 -1.78 10.84 -27.62
C PRO B 290 -3.14 11.16 -28.24
N ALA B 291 -4.17 11.18 -27.42
CA ALA B 291 -5.51 11.47 -27.90
C ALA B 291 -5.57 12.87 -28.52
N MET B 292 -4.65 13.73 -28.09
CA MET B 292 -4.60 15.11 -28.60
C MET B 292 -4.00 15.24 -30.00
N TRP B 293 -3.21 14.26 -30.43
CA TRP B 293 -2.57 14.35 -31.73
C TRP B 293 -2.62 13.13 -32.65
N ASN B 294 -2.69 11.94 -32.07
CA ASN B 294 -2.69 10.72 -32.88
C ASN B 294 -4.05 10.15 -33.25
N SER B 295 -4.53 10.51 -34.43
CA SER B 295 -5.81 10.02 -34.91
C SER B 295 -5.67 8.51 -35.13
N GLY B 296 -4.49 8.09 -35.55
CA GLY B 296 -4.23 6.68 -35.79
C GLY B 296 -4.17 6.30 -37.26
N ASN B 297 -4.44 7.25 -38.14
CA ASN B 297 -4.41 6.97 -39.58
C ASN B 297 -2.99 6.91 -40.10
N ALA B 298 -2.07 7.57 -39.40
CA ALA B 298 -0.66 7.58 -39.81
C ALA B 298 0.07 6.37 -39.26
N THR B 299 1.10 5.93 -39.98
CA THR B 299 1.91 4.81 -39.53
C THR B 299 2.75 5.37 -38.39
N LEU B 300 2.72 4.69 -37.24
CA LEU B 300 3.45 5.15 -36.06
C LEU B 300 4.68 4.33 -35.73
N VAL B 301 5.82 5.01 -35.62
CA VAL B 301 7.06 4.35 -35.26
C VAL B 301 7.47 4.86 -33.88
N HIS B 302 7.91 3.94 -33.02
CA HIS B 302 8.34 4.26 -31.67
C HIS B 302 9.82 3.94 -31.49
N ILE B 303 10.56 4.91 -30.97
CA ILE B 303 11.98 4.72 -30.72
C ILE B 303 12.29 5.27 -29.33
N ASP B 304 12.93 4.46 -28.49
CA ASP B 304 13.29 4.91 -27.14
C ASP B 304 14.16 3.89 -26.40
N VAL B 305 14.73 4.33 -25.28
CA VAL B 305 15.60 3.47 -24.46
C VAL B 305 14.80 2.33 -23.85
N LEU B 306 13.49 2.49 -23.82
CA LEU B 306 12.61 1.48 -23.24
C LEU B 306 11.46 1.17 -24.20
N PRO B 307 10.80 0.01 -24.03
CA PRO B 307 9.70 -0.31 -24.92
C PRO B 307 8.60 0.74 -24.76
N ALA B 308 7.62 0.73 -25.66
CA ALA B 308 6.53 1.71 -25.62
C ALA B 308 5.48 1.40 -24.58
N TYR B 309 5.00 2.45 -23.89
CA TYR B 309 3.95 2.30 -22.89
C TYR B 309 2.64 2.41 -23.67
N GLU B 310 2.35 1.36 -24.43
CA GLU B 310 1.16 1.32 -25.26
C GLU B 310 -0.14 1.69 -24.56
N GLU B 311 -1.06 2.26 -25.34
CA GLU B 311 -2.38 2.67 -24.85
C GLU B 311 -3.38 2.69 -26.02
N ARG B 312 -4.61 3.08 -25.73
CA ARG B 312 -5.67 3.13 -26.74
C ARG B 312 -5.36 4.00 -27.96
N ASN B 313 -4.61 5.08 -27.75
CA ASN B 313 -4.25 5.97 -28.85
C ASN B 313 -2.76 5.97 -29.13
N TYR B 314 -2.07 4.91 -28.73
CA TYR B 314 -0.63 4.81 -28.96
C TYR B 314 -0.16 3.37 -29.06
N THR B 315 -0.28 2.80 -30.27
CA THR B 315 0.15 1.44 -30.54
C THR B 315 1.07 1.47 -31.76
N PRO B 316 2.36 1.76 -31.53
CA PRO B 316 3.34 1.82 -32.61
C PRO B 316 3.36 0.63 -33.56
N ASP B 317 3.14 0.92 -34.84
CA ASP B 317 3.13 -0.10 -35.88
C ASP B 317 4.51 -0.74 -35.96
N VAL B 318 5.51 0.00 -35.49
CA VAL B 318 6.89 -0.48 -35.46
C VAL B 318 7.53 0.06 -34.19
N GLU B 319 8.21 -0.82 -33.46
CA GLU B 319 8.86 -0.43 -32.21
C GLU B 319 10.36 -0.71 -32.25
N LEU B 320 11.16 0.24 -31.79
CA LEU B 320 12.60 0.08 -31.76
C LEU B 320 13.15 0.50 -30.41
N VAL B 321 13.85 -0.41 -29.72
CA VAL B 321 14.42 -0.12 -28.40
C VAL B 321 15.93 -0.34 -28.35
N GLY B 322 16.64 0.62 -27.76
CA GLY B 322 18.09 0.50 -27.67
C GLY B 322 18.75 1.84 -27.51
N ASP B 323 20.07 1.88 -27.60
CA ASP B 323 20.79 3.14 -27.46
C ASP B 323 20.30 4.08 -28.57
N ILE B 324 19.35 4.94 -28.22
CA ILE B 324 18.78 5.89 -29.16
C ILE B 324 19.84 6.52 -30.06
N ALA B 325 20.84 7.16 -29.44
CA ALA B 325 21.92 7.81 -30.18
C ALA B 325 22.47 6.91 -31.28
N GLY B 326 22.67 5.64 -30.95
CA GLY B 326 23.19 4.72 -31.93
C GLY B 326 22.13 4.40 -32.97
N THR B 327 20.92 4.11 -32.48
CA THR B 327 19.80 3.79 -33.35
C THR B 327 19.57 4.88 -34.38
N LEU B 328 19.63 6.13 -33.95
CA LEU B 328 19.43 7.25 -34.85
C LEU B 328 20.54 7.32 -35.88
N ASN B 329 21.78 7.10 -35.44
CA ASN B 329 22.92 7.14 -36.36
C ASN B 329 22.71 6.11 -37.46
N LYS B 330 22.19 4.95 -37.10
CA LYS B 330 21.94 3.88 -38.06
C LYS B 330 20.93 4.34 -39.10
N LEU B 331 19.70 4.54 -38.67
CA LEU B 331 18.61 4.99 -39.55
C LEU B 331 19.09 6.12 -40.45
N ALA B 332 19.89 7.02 -39.91
CA ALA B 332 20.43 8.15 -40.66
C ALA B 332 21.28 7.68 -41.83
N GLN B 333 22.10 6.66 -41.58
CA GLN B 333 22.97 6.11 -42.61
C GLN B 333 22.15 5.38 -43.68
N ASN B 334 20.99 4.86 -43.29
CA ASN B 334 20.14 4.14 -44.21
C ASN B 334 19.04 4.98 -44.85
N ILE B 335 19.16 6.29 -44.76
CA ILE B 335 18.17 7.19 -45.37
C ILE B 335 18.71 7.60 -46.74
N ASP B 336 17.98 7.23 -47.79
CA ASP B 336 18.36 7.52 -49.16
C ASP B 336 18.27 8.99 -49.58
N HIS B 337 17.05 9.52 -49.63
CA HIS B 337 16.85 10.90 -50.04
C HIS B 337 16.35 11.82 -48.93
N ARG B 338 16.66 13.11 -49.07
CA ARG B 338 16.24 14.12 -48.12
C ARG B 338 14.78 14.43 -48.42
N LEU B 339 14.01 14.72 -47.38
CA LEU B 339 12.61 15.01 -47.58
C LEU B 339 12.34 16.29 -48.37
N VAL B 340 11.51 16.16 -49.40
CA VAL B 340 11.09 17.29 -50.21
C VAL B 340 9.71 17.56 -49.63
N LEU B 341 9.62 18.62 -48.84
CA LEU B 341 8.35 18.97 -48.21
C LEU B 341 7.20 19.05 -49.18
N SER B 342 6.07 18.49 -48.78
CA SER B 342 4.87 18.55 -49.60
C SER B 342 4.42 20.01 -49.52
N PRO B 343 3.58 20.46 -50.46
CA PRO B 343 3.12 21.85 -50.43
C PRO B 343 2.48 22.24 -49.10
N GLN B 344 1.60 21.38 -48.58
CA GLN B 344 0.93 21.62 -47.32
C GLN B 344 1.88 21.77 -46.13
N ALA B 345 2.85 20.87 -46.03
CA ALA B 345 3.80 20.93 -44.92
C ALA B 345 4.64 22.20 -44.99
N ALA B 346 5.16 22.53 -46.17
CA ALA B 346 5.97 23.72 -46.33
C ALA B 346 5.18 24.97 -45.95
N GLU B 347 3.88 24.95 -46.27
CA GLU B 347 3.03 26.09 -45.96
C GLU B 347 2.80 26.20 -44.46
N ILE B 348 2.67 25.06 -43.80
CA ILE B 348 2.46 25.05 -42.36
C ILE B 348 3.65 25.71 -41.67
N LEU B 349 4.84 25.45 -42.20
CA LEU B 349 6.02 26.05 -41.61
C LEU B 349 6.06 27.56 -41.91
N ARG B 350 5.54 27.97 -43.06
CA ARG B 350 5.50 29.39 -43.41
C ARG B 350 4.50 30.07 -42.48
N ASP B 351 3.38 29.39 -42.25
CA ASP B 351 2.34 29.91 -41.35
C ASP B 351 2.90 30.13 -39.94
N ARG B 352 3.81 29.26 -39.52
CA ARG B 352 4.41 29.41 -38.19
C ARG B 352 5.29 30.66 -38.20
N GLN B 353 5.92 30.92 -39.34
CA GLN B 353 6.76 32.11 -39.49
C GLN B 353 5.89 33.36 -39.42
N HIS B 354 4.71 33.30 -40.03
CA HIS B 354 3.78 34.42 -40.03
C HIS B 354 3.27 34.62 -38.60
N GLN B 355 2.91 33.52 -37.96
CA GLN B 355 2.41 33.55 -36.59
C GLN B 355 3.44 34.20 -35.66
N ARG B 356 4.71 33.89 -35.90
CA ARG B 356 5.77 34.48 -35.08
C ARG B 356 5.77 36.01 -35.21
N GLU B 357 5.57 36.52 -36.43
CA GLU B 357 5.55 37.96 -36.63
C GLU B 357 4.38 38.60 -35.91
N LEU B 358 3.23 37.95 -35.97
CA LEU B 358 2.01 38.45 -35.30
C LEU B 358 2.23 38.47 -33.80
N LEU B 359 2.87 37.43 -33.29
CA LEU B 359 3.15 37.33 -31.86
C LEU B 359 4.21 38.35 -31.42
N ASP B 360 5.26 38.50 -32.21
CA ASP B 360 6.31 39.45 -31.85
C ASP B 360 5.78 40.89 -31.90
N ARG B 361 4.82 41.12 -32.78
CA ARG B 361 4.19 42.43 -32.96
C ARG B 361 5.17 43.58 -32.70
N ARG B 362 6.18 43.69 -33.54
CA ARG B 362 7.20 44.72 -33.38
C ARG B 362 6.67 46.15 -33.34
N GLY B 363 5.53 46.40 -33.99
CA GLY B 363 4.98 47.74 -34.01
C GLY B 363 4.10 48.10 -32.83
N ALA B 364 3.93 47.18 -31.89
CA ALA B 364 3.09 47.42 -30.73
C ALA B 364 3.65 48.49 -29.79
N GLN B 365 2.75 49.28 -29.23
CA GLN B 365 3.13 50.31 -28.28
C GLN B 365 2.83 49.67 -26.92
N LEU B 366 3.89 49.37 -26.17
CA LEU B 366 3.74 48.73 -24.87
C LEU B 366 4.35 49.61 -23.77
N ASN B 367 3.79 50.79 -23.57
CA ASN B 367 4.32 51.72 -22.58
C ASN B 367 3.50 51.82 -21.30
N GLN B 368 2.48 50.99 -21.18
CA GLN B 368 1.64 51.04 -19.99
C GLN B 368 2.33 50.51 -18.74
N PHE B 369 1.75 50.83 -17.59
CA PHE B 369 2.25 50.40 -16.29
C PHE B 369 0.99 50.20 -15.42
N ALA B 370 0.83 49.05 -14.78
CA ALA B 370 1.76 47.91 -14.81
C ALA B 370 2.15 47.47 -16.22
N LEU B 371 3.30 46.79 -16.30
CA LEU B 371 3.85 46.33 -17.57
C LEU B 371 3.04 45.26 -18.30
N HIS B 372 3.05 45.34 -19.63
CA HIS B 372 2.34 44.35 -20.42
C HIS B 372 3.22 43.10 -20.49
N PRO B 373 2.62 41.93 -20.41
CA PRO B 373 3.42 40.70 -20.46
C PRO B 373 4.47 40.67 -21.59
N LEU B 374 4.10 41.08 -22.80
CA LEU B 374 5.05 41.03 -23.91
C LEU B 374 6.24 41.96 -23.65
N ARG B 375 5.99 43.09 -23.01
CA ARG B 375 7.05 44.04 -22.71
C ARG B 375 8.05 43.33 -21.80
N ILE B 376 7.54 42.60 -20.82
CA ILE B 376 8.41 41.88 -19.90
C ILE B 376 9.16 40.78 -20.64
N VAL B 377 8.44 40.00 -21.43
CA VAL B 377 9.07 38.93 -22.19
C VAL B 377 10.23 39.46 -23.04
N ARG B 378 10.02 40.58 -23.71
CA ARG B 378 11.07 41.18 -24.54
C ARG B 378 12.28 41.58 -23.70
N ALA B 379 12.02 42.22 -22.57
CA ALA B 379 13.12 42.64 -21.69
C ALA B 379 13.91 41.41 -21.22
N MET B 380 13.20 40.31 -20.97
CA MET B 380 13.87 39.08 -20.53
C MET B 380 14.73 38.50 -21.65
N GLN B 381 14.23 38.55 -22.89
CA GLN B 381 14.99 38.02 -24.03
C GLN B 381 16.31 38.76 -24.14
N ASP B 382 16.31 40.04 -23.77
CA ASP B 382 17.52 40.85 -23.85
C ASP B 382 18.64 40.38 -22.93
N ILE B 383 18.32 40.06 -21.69
CA ILE B 383 19.34 39.64 -20.74
C ILE B 383 19.71 38.15 -20.79
N VAL B 384 18.79 37.33 -21.29
CA VAL B 384 19.02 35.90 -21.37
C VAL B 384 19.71 35.58 -22.70
N ASN B 385 20.99 35.25 -22.66
CA ASN B 385 21.70 34.89 -23.88
C ASN B 385 22.20 33.46 -23.79
N SER B 386 22.89 33.00 -24.82
CA SER B 386 23.41 31.64 -24.90
C SER B 386 24.28 31.18 -23.72
N ASP B 387 24.81 32.12 -22.96
CA ASP B 387 25.65 31.79 -21.80
C ASP B 387 24.84 31.78 -20.50
N VAL B 388 23.56 32.12 -20.60
CA VAL B 388 22.71 32.19 -19.42
C VAL B 388 21.65 31.10 -19.34
N THR B 389 21.44 30.59 -18.14
CA THR B 389 20.44 29.56 -17.92
C THR B 389 19.18 30.27 -17.43
N LEU B 390 18.01 29.77 -17.85
CA LEU B 390 16.73 30.35 -17.45
C LEU B 390 15.87 29.27 -16.81
N THR B 391 15.31 29.55 -15.64
CA THR B 391 14.43 28.58 -14.99
C THR B 391 13.07 29.27 -14.90
N VAL B 392 12.00 28.51 -15.12
CA VAL B 392 10.65 29.08 -15.12
C VAL B 392 9.72 28.39 -14.16
N ASP B 393 9.02 29.18 -13.35
CA ASP B 393 8.10 28.67 -12.36
C ASP B 393 6.74 28.43 -13.04
N MET B 394 5.70 28.14 -12.25
CA MET B 394 4.37 27.91 -12.81
C MET B 394 3.43 29.05 -12.48
N GLY B 395 2.64 29.47 -13.48
CA GLY B 395 1.71 30.58 -13.32
C GLY B 395 1.45 31.15 -14.71
N SER B 396 0.67 32.23 -14.80
CA SER B 396 0.38 32.79 -16.12
C SER B 396 1.63 33.25 -16.88
N PHE B 397 2.63 33.76 -16.17
CA PHE B 397 3.87 34.21 -16.80
C PHE B 397 4.53 33.02 -17.52
N HIS B 398 4.28 31.82 -17.01
CA HIS B 398 4.82 30.60 -17.62
C HIS B 398 4.21 30.43 -19.00
N ILE B 399 2.91 30.66 -19.11
CA ILE B 399 2.24 30.53 -20.39
C ILE B 399 2.80 31.56 -21.37
N TRP B 400 3.01 32.78 -20.89
CA TRP B 400 3.58 33.82 -21.76
C TRP B 400 4.96 33.44 -22.27
N ILE B 401 5.81 32.95 -21.36
CA ILE B 401 7.15 32.54 -21.73
C ILE B 401 7.09 31.37 -22.72
N ALA B 402 6.21 30.42 -22.46
CA ALA B 402 6.08 29.28 -23.36
C ALA B 402 5.63 29.74 -24.74
N ARG B 403 4.77 30.76 -24.78
CA ARG B 403 4.28 31.28 -26.06
C ARG B 403 5.42 31.82 -26.91
N TYR B 404 6.43 32.35 -26.24
CA TYR B 404 7.57 32.93 -26.94
C TYR B 404 8.88 32.17 -26.78
N LEU B 405 8.82 30.88 -26.43
CA LEU B 405 10.03 30.08 -26.26
C LEU B 405 10.96 30.18 -27.46
N TYR B 406 10.39 30.29 -28.65
CA TYR B 406 11.18 30.38 -29.85
C TYR B 406 12.08 31.61 -29.87
N THR B 407 11.79 32.60 -29.03
CA THR B 407 12.59 33.83 -28.98
C THR B 407 13.75 33.81 -28.00
N PHE B 408 13.79 32.80 -27.13
CA PHE B 408 14.87 32.72 -26.15
C PHE B 408 16.03 31.87 -26.61
N ARG B 409 17.23 32.44 -26.48
CA ARG B 409 18.45 31.76 -26.86
C ARG B 409 19.23 31.62 -25.56
N ALA B 410 18.98 30.54 -24.83
CA ALA B 410 19.66 30.32 -23.56
C ALA B 410 20.53 29.07 -23.58
N ARG B 411 21.47 29.00 -22.64
CA ARG B 411 22.34 27.84 -22.53
C ARG B 411 21.42 26.63 -22.31
N GLN B 412 20.37 26.87 -21.55
CA GLN B 412 19.38 25.85 -21.23
C GLN B 412 18.18 26.51 -20.58
N VAL B 413 17.01 25.91 -20.77
CA VAL B 413 15.78 26.43 -20.19
C VAL B 413 15.10 25.34 -19.39
N MET B 414 14.88 25.60 -18.11
CA MET B 414 14.17 24.64 -17.27
C MET B 414 12.76 25.21 -17.15
N ILE B 415 11.81 24.57 -17.84
CA ILE B 415 10.44 25.05 -17.83
C ILE B 415 9.40 23.94 -17.73
N SER B 416 9.65 22.81 -18.40
CA SER B 416 8.71 21.68 -18.35
C SER B 416 8.30 21.42 -16.90
N ASN B 417 6.99 21.32 -16.67
CA ASN B 417 6.46 21.12 -15.33
C ASN B 417 5.05 20.54 -15.44
N GLY B 418 4.98 19.25 -15.78
CA GLY B 418 3.71 18.58 -15.93
C GLY B 418 2.81 18.62 -14.70
N GLN B 419 3.40 18.57 -13.51
CA GLN B 419 2.63 18.62 -12.29
C GLN B 419 2.18 20.05 -11.99
N GLN B 420 2.76 21.00 -12.72
CA GLN B 420 2.45 22.42 -12.53
C GLN B 420 2.73 22.88 -11.11
N THR B 421 3.85 22.41 -10.57
CA THR B 421 4.28 22.71 -9.21
C THR B 421 4.87 24.12 -9.12
N MET B 422 4.29 24.94 -8.25
CA MET B 422 4.78 26.30 -8.07
C MET B 422 5.95 26.27 -7.08
N GLY B 423 6.83 27.27 -7.16
CA GLY B 423 7.99 27.36 -6.29
C GLY B 423 9.28 26.75 -6.82
N VAL B 424 9.22 26.09 -7.97
CA VAL B 424 10.38 25.44 -8.54
C VAL B 424 11.53 26.29 -9.09
N ALA B 425 11.23 27.48 -9.62
CA ALA B 425 12.23 28.32 -10.26
C ALA B 425 13.51 28.71 -9.52
N LEU B 426 13.38 29.34 -8.36
CA LEU B 426 14.57 29.74 -7.60
C LEU B 426 15.43 28.53 -7.22
N PRO B 427 14.80 27.47 -6.68
CA PRO B 427 15.58 26.28 -6.30
C PRO B 427 16.27 25.64 -7.52
N TRP B 428 15.55 25.54 -8.64
CA TRP B 428 16.16 24.99 -9.86
C TRP B 428 17.37 25.85 -10.26
N ALA B 429 17.21 27.17 -10.11
CA ALA B 429 18.26 28.11 -10.48
C ALA B 429 19.51 27.93 -9.65
N ILE B 430 19.34 27.83 -8.33
CA ILE B 430 20.45 27.66 -7.43
C ILE B 430 21.16 26.36 -7.78
N GLY B 431 20.36 25.31 -8.00
CA GLY B 431 20.92 24.02 -8.36
C GLY B 431 21.72 24.09 -9.66
N ALA B 432 21.17 24.76 -10.67
CA ALA B 432 21.86 24.89 -11.96
C ALA B 432 23.16 25.69 -11.81
N TRP B 433 23.10 26.79 -11.06
CA TRP B 433 24.29 27.62 -10.86
C TRP B 433 25.44 26.81 -10.24
N LEU B 434 25.11 25.99 -9.26
CA LEU B 434 26.12 25.18 -8.58
C LEU B 434 26.89 24.27 -9.52
N VAL B 435 26.25 23.82 -10.59
CA VAL B 435 26.91 22.96 -11.55
C VAL B 435 27.89 23.74 -12.42
N ASN B 436 27.57 25.02 -12.67
CA ASN B 436 28.41 25.90 -13.48
C ASN B 436 28.39 27.28 -12.83
N PRO B 437 29.07 27.43 -11.68
CA PRO B 437 29.14 28.69 -10.94
C PRO B 437 29.73 29.90 -11.65
N GLU B 438 30.35 29.67 -12.80
CA GLU B 438 30.94 30.76 -13.55
C GLU B 438 29.92 31.45 -14.45
N ARG B 439 28.72 30.89 -14.54
CA ARG B 439 27.67 31.46 -15.39
C ARG B 439 26.52 32.06 -14.59
N LYS B 440 25.77 32.94 -15.24
CA LYS B 440 24.64 33.58 -14.60
C LYS B 440 23.38 32.73 -14.82
N VAL B 441 22.48 32.78 -13.85
CA VAL B 441 21.22 32.05 -13.98
C VAL B 441 20.11 33.05 -13.71
N VAL B 442 19.07 33.01 -14.54
CA VAL B 442 17.93 33.88 -14.36
C VAL B 442 16.73 33.00 -14.05
N SER B 443 16.04 33.28 -12.95
CA SER B 443 14.87 32.52 -12.56
C SER B 443 13.68 33.48 -12.59
N VAL B 444 12.52 32.98 -12.99
CA VAL B 444 11.34 33.83 -13.05
C VAL B 444 10.12 33.14 -12.46
N SER B 445 9.36 33.86 -11.63
CA SER B 445 8.17 33.30 -11.03
C SER B 445 7.11 34.37 -10.84
N GLY B 446 5.96 33.95 -10.31
CA GLY B 446 4.90 34.88 -10.01
C GLY B 446 5.09 35.14 -8.53
N ASP B 447 4.25 35.96 -7.89
CA ASP B 447 4.42 36.20 -6.47
C ASP B 447 4.00 34.99 -5.63
N GLY B 448 3.04 34.22 -6.13
CA GLY B 448 2.59 33.05 -5.41
C GLY B 448 3.67 31.99 -5.32
N GLY B 449 4.30 31.68 -6.45
CA GLY B 449 5.36 30.68 -6.46
C GLY B 449 6.61 31.17 -5.73
N PHE B 450 6.90 32.46 -5.87
CA PHE B 450 8.04 33.06 -5.20
C PHE B 450 8.01 32.79 -3.69
N LEU B 451 6.87 33.05 -3.05
CA LEU B 451 6.78 32.84 -1.61
C LEU B 451 6.80 31.39 -1.15
N GLN B 452 6.58 30.44 -2.04
CA GLN B 452 6.63 29.05 -1.60
C GLN B 452 8.07 28.56 -1.45
N SER B 453 9.02 29.22 -2.11
CA SER B 453 10.42 28.81 -2.01
C SER B 453 11.42 29.94 -1.76
N SER B 454 10.92 31.14 -1.50
CA SER B 454 11.79 32.29 -1.28
C SER B 454 12.72 32.18 -0.06
N MET B 455 12.45 31.22 0.83
CA MET B 455 13.32 31.07 1.99
C MET B 455 14.73 30.70 1.52
N GLU B 456 14.82 30.19 0.30
CA GLU B 456 16.12 29.80 -0.24
C GLU B 456 16.93 31.00 -0.68
N LEU B 457 16.36 32.20 -0.60
CA LEU B 457 17.13 33.40 -0.94
C LEU B 457 18.28 33.49 0.05
N GLU B 458 18.07 33.00 1.28
CA GLU B 458 19.14 33.03 2.26
C GLU B 458 20.23 32.08 1.81
N THR B 459 19.83 30.89 1.36
CA THR B 459 20.77 29.89 0.85
C THR B 459 21.56 30.50 -0.30
N ALA B 460 20.87 31.27 -1.15
CA ALA B 460 21.49 31.92 -2.30
C ALA B 460 22.54 32.95 -1.86
N VAL B 461 22.20 33.75 -0.87
CA VAL B 461 23.13 34.77 -0.35
C VAL B 461 24.34 34.07 0.26
N ARG B 462 24.09 33.04 1.05
CA ARG B 462 25.14 32.26 1.70
C ARG B 462 26.09 31.60 0.70
N LEU B 463 25.56 31.15 -0.43
CA LEU B 463 26.36 30.51 -1.46
C LEU B 463 26.93 31.54 -2.43
N LYS B 464 26.43 32.77 -2.34
CA LYS B 464 26.84 33.84 -3.24
C LYS B 464 26.50 33.40 -4.67
N ALA B 465 25.36 32.71 -4.81
CA ALA B 465 24.92 32.23 -6.11
C ALA B 465 24.64 33.39 -7.06
N ASN B 466 25.13 33.28 -8.28
CA ASN B 466 24.93 34.33 -9.26
C ASN B 466 23.58 34.13 -9.95
N VAL B 467 22.52 34.27 -9.16
CA VAL B 467 21.16 34.09 -9.63
C VAL B 467 20.33 35.38 -9.59
N LEU B 468 19.69 35.71 -10.71
CA LEU B 468 18.83 36.88 -10.81
C LEU B 468 17.38 36.36 -10.85
N HIS B 469 16.61 36.62 -9.81
CA HIS B 469 15.22 36.17 -9.78
C HIS B 469 14.24 37.29 -10.13
N LEU B 470 13.36 37.03 -11.10
CA LEU B 470 12.38 38.02 -11.52
C LEU B 470 10.97 37.61 -11.05
N ILE B 471 10.26 38.56 -10.45
CA ILE B 471 8.90 38.28 -9.98
C ILE B 471 7.86 39.09 -10.75
N TRP B 472 6.94 38.40 -11.42
CA TRP B 472 5.85 39.07 -12.13
C TRP B 472 4.81 39.27 -11.03
N VAL B 473 4.57 40.53 -10.66
CA VAL B 473 3.63 40.85 -9.57
C VAL B 473 2.22 41.25 -9.97
N ASP B 474 1.24 40.51 -9.47
CA ASP B 474 -0.16 40.78 -9.75
C ASP B 474 -0.98 40.69 -8.47
N ASN B 475 -0.32 40.35 -7.38
CA ASN B 475 -0.98 40.19 -6.08
C ASN B 475 -2.07 39.12 -6.10
N GLY B 476 -1.80 38.03 -6.79
CA GLY B 476 -2.77 36.95 -6.84
C GLY B 476 -2.24 35.70 -7.52
N TYR B 477 -3.08 34.67 -7.55
CA TYR B 477 -2.76 33.41 -8.18
C TYR B 477 -3.49 33.53 -9.52
N ASN B 478 -2.92 34.31 -10.44
CA ASN B 478 -3.59 34.56 -11.72
C ASN B 478 -3.94 33.35 -12.56
N MET B 479 -3.00 32.41 -12.70
CA MET B 479 -3.27 31.24 -13.53
C MET B 479 -4.55 30.51 -13.12
N VAL B 480 -4.83 30.48 -11.82
CA VAL B 480 -6.03 29.83 -11.33
C VAL B 480 -7.24 30.74 -11.52
N ALA B 481 -7.03 32.04 -11.35
CA ALA B 481 -8.09 33.02 -11.50
C ALA B 481 -8.69 33.03 -12.91
N ILE B 482 -7.85 33.06 -13.93
CA ILE B 482 -8.35 33.08 -15.31
C ILE B 482 -9.16 31.84 -15.67
N GLN B 483 -8.90 30.74 -14.97
CA GLN B 483 -9.64 29.51 -15.24
C GLN B 483 -10.98 29.58 -14.52
N GLU B 484 -11.00 30.18 -13.33
CA GLU B 484 -12.24 30.33 -12.59
C GLU B 484 -13.14 31.29 -13.35
N GLU B 485 -12.52 32.37 -13.84
CA GLU B 485 -13.22 33.39 -14.60
C GLU B 485 -13.92 32.75 -15.79
N LYS B 486 -13.16 32.00 -16.57
CA LYS B 486 -13.65 31.32 -17.76
C LYS B 486 -14.82 30.36 -17.48
N LYS B 487 -14.77 29.69 -16.33
CA LYS B 487 -15.81 28.72 -15.98
C LYS B 487 -16.98 29.23 -15.14
N TYR B 488 -16.73 30.12 -14.19
CA TYR B 488 -17.78 30.63 -13.31
C TYR B 488 -17.98 32.14 -13.39
N GLN B 489 -17.13 32.81 -14.15
CA GLN B 489 -17.23 34.27 -14.29
C GLN B 489 -17.18 34.97 -12.95
N ARG B 490 -16.50 34.36 -11.98
CA ARG B 490 -16.33 34.94 -10.65
C ARG B 490 -15.10 34.29 -10.01
N LEU B 491 -14.46 35.01 -9.08
CA LEU B 491 -13.24 34.52 -8.44
C LEU B 491 -13.38 34.00 -7.01
N SER B 492 -12.49 33.09 -6.64
CA SER B 492 -12.48 32.54 -5.29
C SER B 492 -11.12 32.01 -4.87
N GLY B 493 -10.61 32.55 -3.77
CA GLY B 493 -9.32 32.14 -3.23
C GLY B 493 -8.09 32.43 -4.07
N VAL B 494 -8.17 33.40 -4.97
CA VAL B 494 -7.03 33.72 -5.83
C VAL B 494 -6.45 35.12 -5.67
N GLU B 495 -6.90 35.85 -4.66
CA GLU B 495 -6.38 37.20 -4.46
C GLU B 495 -5.76 37.41 -3.09
N PHE B 496 -4.63 38.11 -3.05
CA PHE B 496 -4.00 38.39 -1.77
C PHE B 496 -3.39 39.78 -1.71
N GLY B 497 -2.85 40.15 -0.55
CA GLY B 497 -2.29 41.48 -0.38
C GLY B 497 -0.96 41.73 -1.04
N PRO B 498 -0.54 43.00 -1.10
CA PRO B 498 0.73 43.40 -1.71
C PRO B 498 1.91 43.23 -0.76
N MET B 499 3.12 43.33 -1.31
CA MET B 499 4.34 43.22 -0.52
C MET B 499 5.40 44.10 -1.15
N ASP B 500 6.39 44.47 -0.34
CA ASP B 500 7.51 45.30 -0.79
C ASP B 500 8.64 44.31 -1.09
N PHE B 501 8.65 43.76 -2.30
CA PHE B 501 9.65 42.77 -2.69
C PHE B 501 11.11 43.25 -2.70
N LYS B 502 11.32 44.54 -2.93
CA LYS B 502 12.69 45.08 -2.93
C LYS B 502 13.27 44.97 -1.51
N ALA B 503 12.51 45.42 -0.53
CA ALA B 503 12.93 45.39 0.87
C ALA B 503 12.98 43.95 1.37
N TYR B 504 12.07 43.12 0.85
CA TYR B 504 12.01 41.72 1.23
C TYR B 504 13.34 41.05 0.87
N ALA B 505 13.78 41.25 -0.36
CA ALA B 505 15.03 40.65 -0.84
C ALA B 505 16.23 41.22 -0.08
N GLU B 506 16.23 42.51 0.17
CA GLU B 506 17.34 43.14 0.86
C GLU B 506 17.52 42.62 2.29
N SER B 507 16.41 42.30 2.95
CA SER B 507 16.48 41.79 4.31
C SER B 507 17.27 40.49 4.39
N PHE B 508 17.51 39.87 3.24
CA PHE B 508 18.29 38.63 3.17
C PHE B 508 19.77 38.95 2.90
N GLY B 509 20.03 40.16 2.45
CA GLY B 509 21.40 40.52 2.11
C GLY B 509 21.57 40.39 0.60
N ALA B 510 20.46 40.25 -0.11
CA ALA B 510 20.51 40.15 -1.57
C ALA B 510 20.20 41.54 -2.08
N LYS B 511 20.52 41.80 -3.34
CA LYS B 511 20.22 43.11 -3.92
C LYS B 511 18.79 43.07 -4.44
N GLY B 512 18.02 44.12 -4.17
CA GLY B 512 16.64 44.13 -4.62
C GLY B 512 16.28 45.34 -5.44
N PHE B 513 15.32 45.16 -6.35
CA PHE B 513 14.85 46.23 -7.22
C PHE B 513 13.34 46.13 -7.40
N ALA B 514 12.71 47.27 -7.67
CA ALA B 514 11.28 47.31 -7.90
C ALA B 514 11.05 48.21 -9.09
N VAL B 515 10.46 47.66 -10.14
CA VAL B 515 10.19 48.43 -11.35
C VAL B 515 8.93 49.27 -11.09
N GLU B 516 9.10 50.60 -11.17
CA GLU B 516 7.99 51.50 -10.92
C GLU B 516 7.46 52.23 -12.15
N SER B 517 7.99 51.90 -13.31
CA SER B 517 7.55 52.51 -14.56
C SER B 517 8.01 51.61 -15.70
N ALA B 518 7.30 51.66 -16.82
CA ALA B 518 7.68 50.83 -17.96
C ALA B 518 9.10 51.18 -18.42
N GLU B 519 9.40 52.46 -18.47
CA GLU B 519 10.70 52.95 -18.92
C GLU B 519 11.85 52.42 -18.05
N ALA B 520 11.57 52.17 -16.78
CA ALA B 520 12.59 51.68 -15.87
C ALA B 520 12.86 50.18 -16.00
N LEU B 521 12.00 49.46 -16.71
CA LEU B 521 12.16 48.01 -16.85
C LEU B 521 13.51 47.56 -17.39
N GLU B 522 13.83 47.90 -18.62
CA GLU B 522 15.09 47.48 -19.23
C GLU B 522 16.32 47.92 -18.43
N PRO B 523 16.36 49.18 -17.99
CA PRO B 523 17.52 49.64 -17.22
C PRO B 523 17.67 48.86 -15.92
N THR B 524 16.55 48.54 -15.28
CA THR B 524 16.58 47.79 -14.03
C THR B 524 17.14 46.38 -14.24
N LEU B 525 16.61 45.65 -15.22
CA LEU B 525 17.10 44.30 -15.47
C LEU B 525 18.60 44.31 -15.75
N ARG B 526 19.05 45.31 -16.51
CA ARG B 526 20.45 45.44 -16.86
C ARG B 526 21.29 45.57 -15.58
N ALA B 527 20.87 46.47 -14.69
CA ALA B 527 21.57 46.68 -13.44
C ALA B 527 21.55 45.41 -12.59
N ALA B 528 20.39 44.76 -12.51
CA ALA B 528 20.26 43.55 -11.73
C ALA B 528 21.17 42.44 -12.26
N MET B 529 21.25 42.34 -13.58
CA MET B 529 22.10 41.33 -14.23
C MET B 529 23.57 41.53 -13.92
N ASP B 530 24.00 42.79 -13.84
CA ASP B 530 25.40 43.12 -13.58
C ASP B 530 25.82 42.86 -12.14
N VAL B 531 24.87 42.53 -11.28
CA VAL B 531 25.19 42.23 -9.89
C VAL B 531 25.80 40.83 -9.86
N ASP B 532 26.98 40.70 -9.25
CA ASP B 532 27.64 39.41 -9.16
C ASP B 532 27.21 38.73 -7.87
N GLY B 533 26.02 38.14 -7.88
CA GLY B 533 25.51 37.48 -6.71
C GLY B 533 24.00 37.52 -6.80
N PRO B 534 23.29 37.02 -5.79
CA PRO B 534 21.82 37.04 -5.84
C PRO B 534 21.16 38.42 -5.86
N ALA B 535 20.16 38.56 -6.73
CA ALA B 535 19.39 39.79 -6.87
C ALA B 535 17.95 39.44 -7.22
N VAL B 536 17.02 40.29 -6.80
CA VAL B 536 15.60 40.08 -7.04
C VAL B 536 14.99 41.36 -7.63
N VAL B 537 14.20 41.22 -8.69
CA VAL B 537 13.53 42.36 -9.30
C VAL B 537 12.02 42.13 -9.32
N ALA B 538 11.26 43.04 -8.71
CA ALA B 538 9.81 42.91 -8.69
C ALA B 538 9.26 43.65 -9.91
N ILE B 539 8.43 42.97 -10.68
CA ILE B 539 7.88 43.58 -11.87
C ILE B 539 6.36 43.57 -11.91
N PRO B 540 5.72 44.72 -11.63
CA PRO B 540 4.26 44.80 -11.65
C PRO B 540 3.78 44.47 -13.08
N VAL B 541 2.86 43.52 -13.21
CA VAL B 541 2.37 43.13 -14.52
C VAL B 541 0.87 43.36 -14.66
N ASP B 542 0.45 43.73 -15.87
CA ASP B 542 -0.96 43.95 -16.19
C ASP B 542 -1.45 42.68 -16.89
N TYR B 543 -2.23 41.87 -16.19
CA TYR B 543 -2.72 40.61 -16.74
C TYR B 543 -4.06 40.67 -17.47
N ARG B 544 -4.54 41.88 -17.76
CA ARG B 544 -5.84 42.00 -18.43
C ARG B 544 -5.97 41.34 -19.80
N ASP B 545 -4.89 41.31 -20.57
CA ASP B 545 -4.91 40.67 -21.89
C ASP B 545 -4.87 39.14 -21.81
N ASN B 546 -4.62 38.58 -20.63
CA ASN B 546 -4.53 37.13 -20.48
C ASN B 546 -5.64 36.31 -21.12
N PRO B 547 -6.90 36.73 -20.93
CA PRO B 547 -7.99 35.96 -21.55
C PRO B 547 -7.74 35.72 -23.04
N LEU B 548 -7.02 36.63 -23.67
CA LEU B 548 -6.71 36.50 -25.09
C LEU B 548 -5.70 35.38 -25.33
N LEU B 549 -4.71 35.27 -24.44
CA LEU B 549 -3.70 34.22 -24.57
C LEU B 549 -4.36 32.90 -24.20
N MET B 550 -5.21 32.94 -23.17
CA MET B 550 -5.95 31.78 -22.69
C MET B 550 -6.65 31.07 -23.85
N GLY B 551 -7.19 31.84 -24.78
CA GLY B 551 -7.90 31.27 -25.91
C GLY B 551 -7.01 30.52 -26.88
N GLN B 552 -5.69 30.61 -26.70
CA GLN B 552 -4.76 29.91 -27.57
C GLN B 552 -4.31 28.58 -26.96
N LEU B 553 -4.94 28.19 -25.87
CA LEU B 553 -4.59 26.96 -25.19
C LEU B 553 -5.54 25.81 -25.57
N HIS B 554 -5.03 24.58 -25.48
CA HIS B 554 -5.85 23.41 -25.77
C HIS B 554 -6.94 23.40 -24.71
N LEU B 555 -6.57 23.87 -23.52
CA LEU B 555 -7.46 23.93 -22.37
C LEU B 555 -8.81 24.57 -22.69
N SER B 556 -8.78 25.74 -23.32
CA SER B 556 -10.01 26.44 -23.69
C SER B 556 -10.79 25.62 -24.71
N GLN B 557 -10.08 24.83 -25.51
CA GLN B 557 -10.70 23.98 -26.53
C GLN B 557 -11.06 22.63 -25.90
N ILE B 558 -11.19 22.62 -24.58
CA ILE B 558 -11.55 21.40 -23.85
C ILE B 558 -12.63 21.68 -22.82
N LEU B 559 -12.53 22.83 -22.15
CA LEU B 559 -13.49 23.23 -21.14
C LEU B 559 -14.82 23.64 -21.77
N VAL C 7 -12.13 2.20 -34.40
CA VAL C 7 -12.92 1.81 -33.20
C VAL C 7 -14.18 1.03 -33.60
N ARG C 8 -15.07 0.86 -32.64
CA ARG C 8 -16.31 0.13 -32.86
C ARG C 8 -17.22 0.17 -31.63
N GLN C 9 -18.51 -0.03 -31.85
CA GLN C 9 -19.48 -0.03 -30.77
C GLN C 9 -19.74 -1.45 -30.29
N TRP C 10 -19.53 -1.69 -29.01
CA TRP C 10 -19.75 -3.03 -28.44
C TRP C 10 -20.94 -3.04 -27.50
N ALA C 11 -21.77 -4.06 -27.63
CA ALA C 11 -22.94 -4.20 -26.79
C ALA C 11 -22.51 -4.47 -25.34
N HIS C 12 -21.45 -5.25 -25.18
CA HIS C 12 -20.94 -5.60 -23.85
C HIS C 12 -19.42 -5.49 -23.79
N GLY C 13 -18.91 -4.89 -22.73
CA GLY C 13 -17.46 -4.78 -22.59
C GLY C 13 -16.85 -6.16 -22.67
N ALA C 14 -17.63 -7.17 -22.29
CA ALA C 14 -17.20 -8.56 -22.31
C ALA C 14 -16.88 -9.03 -23.72
N ASP C 15 -17.64 -8.56 -24.70
CA ASP C 15 -17.39 -8.95 -26.07
C ASP C 15 -16.05 -8.40 -26.54
N LEU C 16 -15.69 -7.22 -26.06
CA LEU C 16 -14.43 -6.60 -26.42
C LEU C 16 -13.27 -7.35 -25.77
N VAL C 17 -13.49 -7.84 -24.55
CA VAL C 17 -12.46 -8.59 -23.83
C VAL C 17 -12.16 -9.88 -24.59
N VAL C 18 -13.21 -10.62 -24.93
CA VAL C 18 -13.06 -11.87 -25.65
C VAL C 18 -12.43 -11.59 -27.02
N SER C 19 -12.71 -10.41 -27.57
CA SER C 19 -12.17 -10.06 -28.86
C SER C 19 -10.69 -9.72 -28.69
N GLN C 20 -10.35 -9.12 -27.57
CA GLN C 20 -8.96 -8.77 -27.29
C GLN C 20 -8.15 -10.04 -27.05
N LEU C 21 -8.75 -11.01 -26.36
CA LEU C 21 -8.07 -12.27 -26.09
C LEU C 21 -7.76 -13.01 -27.39
N GLU C 22 -8.71 -12.99 -28.33
CA GLU C 22 -8.50 -13.66 -29.60
C GLU C 22 -7.34 -13.00 -30.34
N ALA C 23 -7.21 -11.69 -30.19
CA ALA C 23 -6.14 -10.95 -30.84
C ALA C 23 -4.79 -11.35 -30.25
N GLN C 24 -4.82 -11.79 -28.99
CA GLN C 24 -3.61 -12.21 -28.30
C GLN C 24 -3.27 -13.65 -28.66
N GLY C 25 -4.23 -14.33 -29.30
CA GLY C 25 -4.02 -15.70 -29.70
C GLY C 25 -4.44 -16.75 -28.68
N VAL C 26 -5.03 -16.32 -27.57
CA VAL C 26 -5.47 -17.25 -26.53
C VAL C 26 -6.27 -18.43 -27.08
N ARG C 27 -5.85 -19.63 -26.71
CA ARG C 27 -6.49 -20.86 -27.16
C ARG C 27 -7.57 -21.36 -26.20
N GLN C 28 -7.42 -21.03 -24.93
CA GLN C 28 -8.40 -21.46 -23.93
C GLN C 28 -8.26 -20.63 -22.67
N VAL C 29 -9.27 -20.73 -21.80
CA VAL C 29 -9.28 -19.99 -20.54
C VAL C 29 -9.59 -20.95 -19.40
N PHE C 30 -8.85 -20.83 -18.30
CA PHE C 30 -9.07 -21.69 -17.14
C PHE C 30 -9.74 -20.87 -16.04
N GLY C 31 -10.73 -21.43 -15.37
CA GLY C 31 -11.37 -20.68 -14.31
C GLY C 31 -12.67 -21.24 -13.77
N ILE C 32 -13.34 -20.42 -12.97
CA ILE C 32 -14.61 -20.78 -12.34
C ILE C 32 -15.48 -19.53 -12.45
N PRO C 33 -16.65 -19.66 -13.10
CA PRO C 33 -17.54 -18.50 -13.25
C PRO C 33 -18.23 -18.05 -11.95
N GLY C 34 -18.74 -16.83 -11.98
CA GLY C 34 -19.43 -16.25 -10.86
C GLY C 34 -20.28 -15.11 -11.40
N ALA C 35 -21.24 -14.64 -10.62
CA ALA C 35 -22.12 -13.55 -11.05
C ALA C 35 -21.43 -12.34 -11.66
N LYS C 36 -20.40 -11.82 -11.00
CA LYS C 36 -19.69 -10.63 -11.50
C LYS C 36 -18.94 -10.82 -12.81
N ILE C 37 -18.53 -12.04 -13.11
CA ILE C 37 -17.76 -12.30 -14.33
C ILE C 37 -18.46 -13.17 -15.38
N ASP C 38 -19.64 -13.70 -15.07
CA ASP C 38 -20.31 -14.58 -16.03
C ASP C 38 -20.55 -14.04 -17.43
N LYS C 39 -20.57 -12.73 -17.61
CA LYS C 39 -20.80 -12.21 -18.95
C LYS C 39 -19.62 -12.57 -19.86
N VAL C 40 -18.41 -12.60 -19.29
CA VAL C 40 -17.22 -12.95 -20.06
C VAL C 40 -17.30 -14.42 -20.45
N PHE C 41 -17.67 -15.26 -19.49
CA PHE C 41 -17.80 -16.69 -19.77
C PHE C 41 -18.84 -16.86 -20.89
N ASP C 42 -19.88 -16.03 -20.83
CA ASP C 42 -20.93 -16.10 -21.84
C ASP C 42 -20.40 -15.72 -23.21
N SER C 43 -19.74 -14.57 -23.31
CA SER C 43 -19.17 -14.11 -24.57
C SER C 43 -18.21 -15.14 -25.17
N LEU C 44 -17.50 -15.88 -24.32
CA LEU C 44 -16.56 -16.89 -24.79
C LEU C 44 -17.26 -18.01 -25.54
N LEU C 45 -18.55 -18.18 -25.27
CA LEU C 45 -19.33 -19.22 -25.94
C LEU C 45 -19.34 -19.01 -27.45
N ASP C 46 -19.30 -17.74 -27.86
CA ASP C 46 -19.33 -17.40 -29.28
C ASP C 46 -17.98 -17.28 -29.96
N SER C 47 -16.89 -17.55 -29.24
CA SER C 47 -15.56 -17.47 -29.84
C SER C 47 -14.93 -18.85 -29.97
N SER C 48 -13.79 -18.91 -30.62
CA SER C 48 -13.09 -20.18 -30.81
C SER C 48 -12.37 -20.56 -29.51
N ILE C 49 -12.19 -19.58 -28.63
CA ILE C 49 -11.53 -19.82 -27.35
C ILE C 49 -12.33 -20.82 -26.53
N ARG C 50 -11.66 -21.89 -26.11
CA ARG C 50 -12.28 -22.94 -25.33
C ARG C 50 -12.39 -22.55 -23.85
N ILE C 51 -13.51 -22.90 -23.22
CA ILE C 51 -13.70 -22.59 -21.80
C ILE C 51 -13.37 -23.84 -21.02
N ILE C 52 -12.40 -23.75 -20.10
CA ILE C 52 -12.06 -24.92 -19.32
C ILE C 52 -12.32 -24.72 -17.83
N PRO C 53 -13.48 -25.20 -17.35
CA PRO C 53 -13.78 -25.03 -15.93
C PRO C 53 -12.84 -25.88 -15.09
N VAL C 54 -12.29 -25.28 -14.02
CA VAL C 54 -11.42 -26.02 -13.12
C VAL C 54 -12.21 -26.16 -11.82
N ARG C 55 -11.65 -26.85 -10.83
CA ARG C 55 -12.38 -27.05 -9.58
C ARG C 55 -11.92 -26.15 -8.42
N HIS C 56 -10.77 -25.51 -8.58
CA HIS C 56 -10.27 -24.54 -7.59
C HIS C 56 -9.45 -23.53 -8.40
N GLU C 57 -9.74 -22.25 -8.20
CA GLU C 57 -9.04 -21.19 -8.94
C GLU C 57 -7.52 -21.24 -8.87
N ALA C 58 -6.98 -21.63 -7.73
CA ALA C 58 -5.52 -21.69 -7.61
C ALA C 58 -4.96 -22.50 -8.78
N ASN C 59 -5.65 -23.59 -9.13
CA ASN C 59 -5.18 -24.44 -10.21
C ASN C 59 -5.32 -23.82 -11.58
N ALA C 60 -6.21 -22.85 -11.72
CA ALA C 60 -6.35 -22.17 -13.00
C ALA C 60 -5.06 -21.39 -13.27
N ALA C 61 -4.46 -20.83 -12.22
CA ALA C 61 -3.19 -20.09 -12.37
C ALA C 61 -2.04 -21.07 -12.66
N PHE C 62 -2.03 -22.22 -12.00
CA PHE C 62 -0.98 -23.21 -12.23
C PHE C 62 -1.02 -23.72 -13.66
N MET C 63 -2.23 -24.02 -14.15
CA MET C 63 -2.40 -24.51 -15.53
C MET C 63 -1.98 -23.43 -16.53
N ALA C 64 -2.39 -22.19 -16.26
CA ALA C 64 -2.04 -21.08 -17.15
C ALA C 64 -0.52 -20.89 -17.22
N ALA C 65 0.15 -21.12 -16.10
CA ALA C 65 1.61 -20.98 -16.04
C ALA C 65 2.32 -22.00 -16.91
N ALA C 66 1.79 -23.23 -17.00
CA ALA C 66 2.41 -24.26 -17.82
C ALA C 66 2.23 -23.86 -19.29
N VAL C 67 1.05 -23.37 -19.62
CA VAL C 67 0.76 -22.92 -20.98
C VAL C 67 1.71 -21.81 -21.37
N GLY C 68 1.85 -20.81 -20.50
CA GLY C 68 2.72 -19.69 -20.79
C GLY C 68 4.17 -20.08 -20.97
N ARG C 69 4.66 -20.94 -20.10
CA ARG C 69 6.04 -21.38 -20.16
C ARG C 69 6.40 -22.09 -21.46
N ILE C 70 5.52 -22.98 -21.90
CA ILE C 70 5.76 -23.74 -23.12
C ILE C 70 5.53 -22.96 -24.40
N THR C 71 4.48 -22.16 -24.44
CA THR C 71 4.18 -21.40 -25.65
C THR C 71 4.85 -20.04 -25.74
N GLY C 72 5.24 -19.49 -24.58
CA GLY C 72 5.86 -18.18 -24.59
C GLY C 72 4.78 -17.11 -24.59
N LYS C 73 3.52 -17.55 -24.75
CA LYS C 73 2.37 -16.65 -24.74
C LYS C 73 1.57 -16.94 -23.47
N ALA C 74 1.16 -15.87 -22.79
CA ALA C 74 0.44 -15.99 -21.52
C ALA C 74 -0.77 -16.92 -21.45
N GLY C 75 -0.79 -17.74 -20.41
CA GLY C 75 -1.92 -18.63 -20.18
C GLY C 75 -2.95 -17.71 -19.53
N VAL C 76 -4.23 -18.03 -19.67
CA VAL C 76 -5.27 -17.15 -19.13
C VAL C 76 -6.20 -17.79 -18.09
N ALA C 77 -6.36 -17.10 -16.97
CA ALA C 77 -7.23 -17.53 -15.90
C ALA C 77 -8.37 -16.52 -15.85
N LEU C 78 -9.58 -16.99 -15.59
CA LEU C 78 -10.74 -16.11 -15.52
C LEU C 78 -11.53 -16.51 -14.28
N VAL C 79 -11.65 -15.58 -13.34
CA VAL C 79 -12.36 -15.88 -12.10
C VAL C 79 -13.35 -14.77 -11.74
N THR C 80 -14.20 -15.04 -10.76
CA THR C 80 -15.16 -14.03 -10.34
C THR C 80 -14.58 -13.19 -9.22
N SER C 81 -15.35 -12.19 -8.78
CA SER C 81 -14.91 -11.28 -7.73
C SER C 81 -14.73 -11.96 -6.39
N GLY C 82 -14.18 -11.21 -5.44
CA GLY C 82 -13.98 -11.72 -4.08
C GLY C 82 -13.14 -12.98 -3.97
N PRO C 83 -13.64 -14.02 -3.29
CA PRO C 83 -12.91 -15.28 -3.12
C PRO C 83 -12.41 -15.86 -4.42
N GLY C 84 -13.06 -15.50 -5.53
CA GLY C 84 -12.64 -16.00 -6.82
C GLY C 84 -11.23 -15.47 -7.11
N CYS C 85 -10.98 -14.23 -6.73
CA CYS C 85 -9.69 -13.59 -6.94
C CYS C 85 -8.66 -13.97 -5.88
N SER C 86 -9.06 -13.96 -4.61
CA SER C 86 -8.10 -14.30 -3.58
C SER C 86 -7.64 -15.77 -3.66
N ASN C 87 -8.40 -16.63 -4.33
CA ASN C 87 -8.00 -18.03 -4.49
C ASN C 87 -6.88 -18.20 -5.52
N LEU C 88 -6.58 -17.14 -6.26
CA LEU C 88 -5.53 -17.16 -7.29
C LEU C 88 -4.15 -16.71 -6.81
N ILE C 89 -4.12 -15.96 -5.71
CA ILE C 89 -2.87 -15.41 -5.21
C ILE C 89 -1.63 -16.33 -5.18
N THR C 90 -1.70 -17.44 -4.46
CA THR C 90 -0.55 -18.34 -4.43
C THR C 90 -0.13 -18.72 -5.86
N GLY C 91 -1.09 -19.04 -6.70
CA GLY C 91 -0.80 -19.43 -8.06
C GLY C 91 -0.15 -18.33 -8.90
N MET C 92 -0.58 -17.09 -8.68
CA MET C 92 0.00 -15.97 -9.41
C MET C 92 1.42 -15.70 -8.92
N ALA C 93 1.64 -15.88 -7.62
CA ALA C 93 2.97 -15.66 -7.05
C ALA C 93 3.95 -16.66 -7.62
N THR C 94 3.51 -17.92 -7.70
CA THR C 94 4.35 -19.00 -8.22
C THR C 94 4.71 -18.73 -9.67
N ALA C 95 3.75 -18.24 -10.45
CA ALA C 95 3.98 -17.92 -11.85
C ALA C 95 5.00 -16.80 -11.99
N ASN C 96 4.82 -15.74 -11.20
CA ASN C 96 5.71 -14.59 -11.25
C ASN C 96 7.14 -14.99 -10.90
N SER C 97 7.28 -15.80 -9.85
CA SER C 97 8.58 -16.26 -9.38
C SER C 97 9.36 -17.10 -10.39
N GLU C 98 8.65 -17.89 -11.19
CA GLU C 98 9.31 -18.74 -12.19
C GLU C 98 9.40 -18.10 -13.56
N GLY C 99 8.87 -16.89 -13.68
CA GLY C 99 8.90 -16.20 -14.94
C GLY C 99 7.94 -16.74 -15.96
N ASP C 100 6.86 -17.38 -15.50
CA ASP C 100 5.86 -17.91 -16.42
C ASP C 100 4.83 -16.83 -16.74
N PRO C 101 4.65 -16.53 -18.03
CA PRO C 101 3.67 -15.51 -18.45
C PRO C 101 2.24 -15.98 -18.20
N VAL C 102 1.55 -15.25 -17.33
CA VAL C 102 0.17 -15.56 -16.99
C VAL C 102 -0.68 -14.29 -16.87
N VAL C 103 -1.84 -14.28 -17.50
CA VAL C 103 -2.75 -13.15 -17.39
C VAL C 103 -4.03 -13.63 -16.72
N ALA C 104 -4.33 -13.05 -15.57
CA ALA C 104 -5.53 -13.40 -14.84
C ALA C 104 -6.51 -12.24 -14.92
N LEU C 105 -7.76 -12.55 -15.23
CA LEU C 105 -8.82 -11.55 -15.33
C LEU C 105 -9.83 -11.88 -14.24
N GLY C 106 -9.95 -11.02 -13.24
CA GLY C 106 -10.88 -11.27 -12.16
C GLY C 106 -12.03 -10.30 -12.12
N GLY C 107 -13.24 -10.82 -11.92
CA GLY C 107 -14.40 -9.96 -11.85
C GLY C 107 -14.33 -9.07 -10.62
N ALA C 108 -15.11 -8.01 -10.61
CA ALA C 108 -15.15 -7.08 -9.48
C ALA C 108 -16.58 -6.53 -9.34
N VAL C 109 -16.90 -5.96 -8.18
CA VAL C 109 -18.22 -5.40 -7.95
C VAL C 109 -18.41 -4.17 -8.82
N LYS C 110 -19.66 -3.84 -9.14
CA LYS C 110 -19.94 -2.67 -9.97
C LYS C 110 -19.15 -1.48 -9.44
N ARG C 111 -18.69 -0.63 -10.35
CA ARG C 111 -17.92 0.54 -9.95
C ARG C 111 -18.65 1.34 -8.87
N ALA C 112 -19.93 1.59 -9.09
CA ALA C 112 -20.73 2.36 -8.14
C ALA C 112 -20.87 1.67 -6.79
N ASP C 113 -20.84 0.34 -6.79
CA ASP C 113 -20.96 -0.43 -5.56
C ASP C 113 -19.63 -0.56 -4.84
N LYS C 114 -18.54 -0.17 -5.49
CA LYS C 114 -17.22 -0.26 -4.88
C LYS C 114 -17.10 0.70 -3.70
N ALA C 115 -18.24 1.19 -3.23
CA ALA C 115 -18.28 2.11 -2.09
C ALA C 115 -19.12 1.47 -0.97
N LYS C 116 -18.43 0.93 0.03
CA LYS C 116 -19.11 0.29 1.15
C LYS C 116 -18.86 1.06 2.46
N MET C 122 -13.09 -5.61 -1.49
CA MET C 122 -11.81 -6.28 -1.52
C MET C 122 -10.87 -5.60 -2.52
N ASP C 123 -9.84 -4.94 -2.00
CA ASP C 123 -8.88 -4.25 -2.85
C ASP C 123 -7.96 -5.31 -3.46
N THR C 124 -8.45 -6.01 -4.49
CA THR C 124 -7.67 -7.05 -5.13
C THR C 124 -6.37 -6.54 -5.74
N VAL C 125 -6.40 -5.36 -6.35
CA VAL C 125 -5.20 -4.79 -6.95
C VAL C 125 -4.05 -4.74 -5.93
N ALA C 126 -4.36 -4.34 -4.70
CA ALA C 126 -3.34 -4.24 -3.65
C ALA C 126 -2.85 -5.62 -3.21
N MET C 127 -3.74 -6.60 -3.23
CA MET C 127 -3.38 -7.95 -2.81
C MET C 127 -2.48 -8.64 -3.84
N PHE C 128 -2.71 -8.37 -5.11
CA PHE C 128 -1.91 -8.99 -6.17
C PHE C 128 -0.61 -8.26 -6.50
N SER C 129 -0.57 -6.95 -6.26
CA SER C 129 0.62 -6.17 -6.57
C SER C 129 1.93 -6.77 -6.04
N PRO C 130 1.94 -7.24 -4.79
CA PRO C 130 3.18 -7.84 -4.26
C PRO C 130 3.60 -9.14 -4.93
N VAL C 131 2.73 -9.72 -5.76
CA VAL C 131 3.08 -11.00 -6.38
C VAL C 131 2.86 -11.08 -7.90
N THR C 132 2.88 -9.94 -8.57
CA THR C 132 2.71 -9.88 -10.02
C THR C 132 3.58 -8.79 -10.60
N LYS C 133 3.76 -8.79 -11.92
CA LYS C 133 4.54 -7.76 -12.59
C LYS C 133 3.58 -6.62 -12.87
N TYR C 134 2.32 -6.97 -13.09
CA TYR C 134 1.27 -6.02 -13.46
C TYR C 134 -0.07 -6.31 -12.80
N ALA C 135 -0.63 -5.31 -12.12
CA ALA C 135 -1.93 -5.45 -11.46
C ALA C 135 -2.67 -4.12 -11.61
N ILE C 136 -3.83 -4.16 -12.26
CA ILE C 136 -4.60 -2.94 -12.47
C ILE C 136 -6.10 -3.22 -12.59
N GLU C 137 -6.90 -2.21 -12.30
CA GLU C 137 -8.34 -2.36 -12.40
C GLU C 137 -8.89 -1.41 -13.45
N VAL C 138 -9.75 -1.92 -14.32
CA VAL C 138 -10.35 -1.08 -15.36
C VAL C 138 -11.41 -0.25 -14.65
N THR C 139 -11.17 1.06 -14.58
CA THR C 139 -12.11 1.97 -13.92
C THR C 139 -12.91 2.75 -14.95
N ALA C 140 -12.63 2.52 -16.22
CA ALA C 140 -13.33 3.20 -17.31
C ALA C 140 -13.41 2.26 -18.50
N PRO C 141 -14.62 1.99 -18.99
CA PRO C 141 -14.83 1.10 -20.13
C PRO C 141 -14.00 1.41 -21.38
N ASP C 142 -13.57 2.66 -21.53
CA ASP C 142 -12.77 3.05 -22.68
C ASP C 142 -11.33 2.58 -22.55
N ALA C 143 -10.95 2.18 -21.35
CA ALA C 143 -9.58 1.71 -21.08
C ALA C 143 -9.56 0.19 -21.03
N LEU C 144 -10.72 -0.42 -21.24
CA LEU C 144 -10.85 -1.88 -21.19
C LEU C 144 -9.90 -2.64 -22.10
N ALA C 145 -9.99 -2.41 -23.41
CA ALA C 145 -9.13 -3.10 -24.36
C ALA C 145 -7.62 -2.88 -24.14
N GLU C 146 -7.23 -1.66 -23.86
CA GLU C 146 -5.81 -1.36 -23.65
C GLU C 146 -5.27 -1.99 -22.37
N VAL C 147 -6.08 -1.97 -21.31
CA VAL C 147 -5.66 -2.56 -20.04
C VAL C 147 -5.39 -4.05 -20.23
N VAL C 148 -6.23 -4.71 -21.03
CA VAL C 148 -6.07 -6.13 -21.28
C VAL C 148 -4.83 -6.38 -22.14
N SER C 149 -4.66 -5.56 -23.17
CA SER C 149 -3.52 -5.68 -24.06
C SER C 149 -2.22 -5.46 -23.27
N ASN C 150 -2.20 -4.42 -22.44
CA ASN C 150 -1.03 -4.12 -21.62
C ASN C 150 -0.73 -5.23 -20.62
N ALA C 151 -1.76 -5.96 -20.20
CA ALA C 151 -1.57 -7.04 -19.25
C ALA C 151 -0.72 -8.12 -19.91
N PHE C 152 -1.06 -8.45 -21.15
CA PHE C 152 -0.31 -9.46 -21.91
C PHE C 152 1.11 -8.99 -22.20
N ARG C 153 1.25 -7.74 -22.61
CA ARG C 153 2.57 -7.19 -22.90
C ARG C 153 3.47 -7.29 -21.67
N ALA C 154 2.90 -6.98 -20.51
CA ALA C 154 3.66 -7.02 -19.27
C ALA C 154 4.03 -8.44 -18.87
N ALA C 155 3.13 -9.39 -19.13
CA ALA C 155 3.36 -10.78 -18.78
C ALA C 155 4.38 -11.47 -19.69
N GLU C 156 4.30 -11.19 -20.99
CA GLU C 156 5.16 -11.83 -21.98
C GLU C 156 6.50 -11.15 -22.34
N GLN C 157 6.61 -9.84 -22.11
CA GLN C 157 7.85 -9.14 -22.46
C GLN C 157 8.89 -9.07 -21.35
N GLY C 158 10.11 -8.69 -21.72
CA GLY C 158 11.19 -8.61 -20.74
C GLY C 158 11.31 -9.98 -20.11
N ARG C 159 11.44 -10.03 -18.79
CA ARG C 159 11.50 -11.30 -18.09
C ARG C 159 10.03 -11.54 -17.72
N PRO C 160 9.40 -12.54 -18.36
CA PRO C 160 7.98 -12.88 -18.13
C PRO C 160 7.55 -12.99 -16.68
N GLY C 161 6.25 -12.78 -16.46
CA GLY C 161 5.68 -12.86 -15.12
C GLY C 161 4.16 -12.87 -15.19
N SER C 162 3.50 -12.77 -14.04
CA SER C 162 2.04 -12.79 -14.03
C SER C 162 1.45 -11.38 -13.98
N ALA C 163 0.26 -11.24 -14.58
CA ALA C 163 -0.44 -9.96 -14.63
C ALA C 163 -1.90 -10.15 -14.19
N PHE C 164 -2.40 -9.22 -13.38
CA PHE C 164 -3.77 -9.29 -12.90
C PHE C 164 -4.60 -8.11 -13.38
N VAL C 165 -5.80 -8.39 -13.86
CA VAL C 165 -6.71 -7.35 -14.34
C VAL C 165 -8.07 -7.52 -13.66
N SER C 166 -8.51 -6.49 -12.95
CA SER C 166 -9.79 -6.49 -12.25
C SER C 166 -10.84 -5.89 -13.19
N LEU C 167 -11.91 -6.63 -13.46
CA LEU C 167 -12.95 -6.16 -14.35
C LEU C 167 -14.29 -5.93 -13.66
N PRO C 168 -14.64 -4.65 -13.39
CA PRO C 168 -15.92 -4.35 -12.73
C PRO C 168 -17.10 -4.88 -13.54
N GLN C 169 -18.02 -5.56 -12.87
CA GLN C 169 -19.19 -6.14 -13.54
C GLN C 169 -19.90 -5.20 -14.50
N ASP C 170 -20.15 -3.96 -14.08
CA ASP C 170 -20.85 -3.01 -14.94
C ASP C 170 -20.09 -2.74 -16.22
N VAL C 171 -18.76 -2.80 -16.15
CA VAL C 171 -17.90 -2.56 -17.30
C VAL C 171 -17.99 -3.65 -18.36
N VAL C 172 -18.02 -4.92 -17.94
CA VAL C 172 -18.10 -6.01 -18.91
C VAL C 172 -19.52 -6.20 -19.42
N ASP C 173 -20.49 -5.85 -18.59
CA ASP C 173 -21.90 -5.99 -18.96
C ASP C 173 -22.41 -4.82 -19.79
N GLY C 174 -21.96 -3.62 -19.46
CA GLY C 174 -22.38 -2.43 -20.18
C GLY C 174 -21.74 -2.24 -21.54
N PRO C 175 -22.38 -1.45 -22.42
CA PRO C 175 -21.85 -1.18 -23.77
C PRO C 175 -20.54 -0.41 -23.70
N VAL C 176 -19.77 -0.48 -24.77
CA VAL C 176 -18.49 0.22 -24.81
C VAL C 176 -18.09 0.57 -26.24
N SER C 177 -17.27 1.61 -26.38
CA SER C 177 -16.79 2.04 -27.68
C SER C 177 -15.27 1.90 -27.71
N GLY C 178 -14.76 1.24 -28.75
CA GLY C 178 -13.34 1.05 -28.86
C GLY C 178 -13.00 -0.06 -29.84
N LYS C 179 -11.72 -0.21 -30.17
CA LYS C 179 -11.29 -1.24 -31.09
C LYS C 179 -10.23 -2.12 -30.46
N VAL C 180 -10.06 -3.32 -30.99
CA VAL C 180 -9.07 -4.25 -30.48
C VAL C 180 -7.67 -3.71 -30.76
N LEU C 181 -6.75 -3.93 -29.83
CA LEU C 181 -5.38 -3.47 -29.99
C LEU C 181 -4.50 -4.67 -30.35
N PRO C 182 -3.87 -4.61 -31.52
CA PRO C 182 -3.00 -5.69 -31.97
C PRO C 182 -1.88 -5.96 -30.98
N ALA C 183 -1.39 -7.20 -30.96
CA ALA C 183 -0.32 -7.59 -30.05
C ALA C 183 1.03 -7.13 -30.57
N SER C 184 1.77 -6.39 -29.75
CA SER C 184 3.08 -5.88 -30.13
C SER C 184 4.07 -6.99 -30.48
N GLY C 185 4.80 -7.48 -29.49
CA GLY C 185 5.76 -8.53 -29.74
C GLY C 185 7.18 -8.19 -29.33
N ALA C 186 7.89 -7.46 -30.19
CA ALA C 186 9.27 -7.08 -29.89
C ALA C 186 9.33 -5.95 -28.88
N MET C 189 14.26 -5.83 -29.41
CA MET C 189 15.56 -5.20 -29.59
C MET C 189 16.44 -6.03 -30.52
N GLY C 190 17.60 -5.48 -30.85
CA GLY C 190 18.53 -6.18 -31.70
C GLY C 190 19.69 -6.67 -30.85
N ALA C 191 20.66 -7.34 -31.48
CA ALA C 191 21.82 -7.85 -30.77
C ALA C 191 22.50 -6.71 -30.01
N ALA C 192 23.26 -7.05 -28.98
CA ALA C 192 23.97 -6.05 -28.19
C ALA C 192 24.89 -5.29 -29.16
N PRO C 193 25.51 -4.18 -28.69
CA PRO C 193 26.41 -3.41 -29.56
C PRO C 193 27.68 -4.15 -29.97
N ASP C 194 28.06 -3.99 -31.24
CA ASP C 194 29.26 -4.63 -31.76
C ASP C 194 30.47 -4.44 -30.85
N ASP C 195 30.69 -3.22 -30.39
CA ASP C 195 31.82 -2.92 -29.50
C ASP C 195 31.79 -3.84 -28.28
N ALA C 196 30.60 -4.03 -27.72
CA ALA C 196 30.43 -4.87 -26.54
C ALA C 196 30.82 -6.31 -26.83
N ILE C 197 30.17 -6.90 -27.84
CA ILE C 197 30.44 -8.29 -28.21
C ILE C 197 31.94 -8.50 -28.47
N ASP C 198 32.61 -7.48 -28.98
CA ASP C 198 34.04 -7.57 -29.25
C ASP C 198 34.83 -7.49 -27.95
N GLN C 199 34.45 -6.56 -27.08
CA GLN C 199 35.12 -6.42 -25.79
C GLN C 199 35.02 -7.72 -25.01
N VAL C 200 33.86 -8.37 -25.10
CA VAL C 200 33.63 -9.63 -24.41
C VAL C 200 34.51 -10.72 -25.04
N ALA C 201 34.48 -10.79 -26.37
CA ALA C 201 35.26 -11.78 -27.10
C ALA C 201 36.73 -11.70 -26.71
N LYS C 202 37.20 -10.49 -26.49
CA LYS C 202 38.59 -10.26 -26.10
C LYS C 202 38.85 -10.84 -24.73
N LEU C 203 37.83 -10.77 -23.87
CA LEU C 203 37.93 -11.32 -22.52
C LEU C 203 37.96 -12.84 -22.54
N ILE C 204 37.29 -13.41 -23.52
CA ILE C 204 37.23 -14.86 -23.68
C ILE C 204 38.58 -15.38 -24.18
N ALA C 205 39.19 -14.62 -25.07
CA ALA C 205 40.48 -15.01 -25.64
C ALA C 205 41.61 -14.99 -24.61
N GLN C 206 41.38 -14.32 -23.47
CA GLN C 206 42.37 -14.23 -22.42
C GLN C 206 42.02 -15.04 -21.18
N ALA C 207 40.82 -15.62 -21.18
CA ALA C 207 40.37 -16.39 -20.02
C ALA C 207 40.97 -17.79 -19.94
N LYS C 208 41.42 -18.17 -18.76
CA LYS C 208 41.99 -19.49 -18.54
C LYS C 208 40.91 -20.43 -17.99
N ASN C 209 40.00 -19.86 -17.22
CA ASN C 209 38.90 -20.61 -16.62
C ASN C 209 37.54 -19.92 -16.78
N PRO C 210 37.07 -19.79 -18.02
CA PRO C 210 35.78 -19.15 -18.26
C PRO C 210 34.64 -20.15 -18.07
N ILE C 211 33.46 -19.62 -17.71
CA ILE C 211 32.28 -20.46 -17.53
C ILE C 211 31.00 -19.64 -17.70
N PHE C 212 30.03 -20.24 -18.38
CA PHE C 212 28.73 -19.61 -18.61
C PHE C 212 27.78 -20.05 -17.49
N LEU C 213 27.04 -19.09 -16.95
CA LEU C 213 26.04 -19.39 -15.92
C LEU C 213 24.73 -19.00 -16.58
N LEU C 214 23.94 -20.01 -16.92
CA LEU C 214 22.67 -19.77 -17.60
C LEU C 214 21.51 -19.53 -16.64
N GLY C 215 20.75 -18.48 -16.94
CA GLY C 215 19.59 -18.15 -16.14
C GLY C 215 18.32 -18.34 -16.96
N LEU C 216 17.17 -18.11 -16.35
CA LEU C 216 15.88 -18.26 -17.01
C LEU C 216 15.85 -17.92 -18.50
N MET C 217 16.21 -16.69 -18.84
CA MET C 217 16.14 -16.28 -20.24
C MET C 217 16.98 -17.09 -21.24
N ALA C 218 18.03 -17.77 -20.76
CA ALA C 218 18.84 -18.57 -21.68
C ALA C 218 18.06 -19.80 -22.17
N SER C 219 17.02 -20.19 -21.44
CA SER C 219 16.25 -21.36 -21.83
C SER C 219 15.06 -21.07 -22.76
N GLN C 220 14.80 -19.81 -23.05
CA GLN C 220 13.69 -19.48 -23.94
C GLN C 220 14.01 -20.02 -25.34
N PRO C 221 13.01 -20.63 -26.00
CA PRO C 221 13.16 -21.20 -27.35
C PRO C 221 13.80 -20.27 -28.38
N GLU C 222 13.62 -18.96 -28.21
CA GLU C 222 14.18 -18.01 -29.16
C GLU C 222 15.71 -18.04 -29.09
N ASN C 223 16.26 -18.90 -28.24
CA ASN C 223 17.71 -18.96 -28.11
C ASN C 223 18.32 -20.34 -28.16
N SER C 224 17.49 -21.36 -28.37
CA SER C 224 17.99 -22.73 -28.43
C SER C 224 19.07 -22.89 -29.51
N LYS C 225 18.83 -22.29 -30.68
CA LYS C 225 19.78 -22.38 -31.77
C LYS C 225 21.05 -21.58 -31.51
N ALA C 226 20.89 -20.31 -31.18
CA ALA C 226 22.03 -19.43 -30.91
C ALA C 226 22.94 -19.93 -29.78
N LEU C 227 22.33 -20.40 -28.70
CA LEU C 227 23.08 -20.90 -27.56
C LEU C 227 23.89 -22.11 -28.04
N ARG C 228 23.23 -23.00 -28.77
CA ARG C 228 23.87 -24.19 -29.30
C ARG C 228 25.10 -23.76 -30.10
N ARG C 229 24.93 -22.75 -30.93
CA ARG C 229 26.03 -22.24 -31.75
C ARG C 229 27.18 -21.73 -30.89
N LEU C 230 26.89 -20.80 -29.99
CA LEU C 230 27.89 -20.23 -29.10
C LEU C 230 28.70 -21.31 -28.35
N LEU C 231 27.99 -22.31 -27.83
CA LEU C 231 28.64 -23.37 -27.09
C LEU C 231 29.49 -24.28 -27.96
N GLU C 232 29.02 -24.57 -29.16
CA GLU C 232 29.76 -25.45 -30.06
C GLU C 232 31.04 -24.84 -30.62
N THR C 233 31.11 -23.52 -30.68
CA THR C 233 32.31 -22.87 -31.21
C THR C 233 33.28 -22.50 -30.09
N SER C 234 32.76 -22.33 -28.88
CA SER C 234 33.60 -21.94 -27.75
C SER C 234 33.97 -23.11 -26.83
N HIS C 235 33.08 -24.08 -26.70
CA HIS C 235 33.30 -25.22 -25.82
C HIS C 235 33.67 -24.80 -24.41
N ILE C 236 33.11 -23.66 -23.98
CA ILE C 236 33.33 -23.15 -22.64
C ILE C 236 32.33 -23.87 -21.73
N PRO C 237 32.71 -24.20 -20.48
CA PRO C 237 31.82 -24.89 -19.54
C PRO C 237 30.51 -24.14 -19.25
N VAL C 238 29.47 -24.90 -18.97
CA VAL C 238 28.16 -24.34 -18.69
C VAL C 238 27.51 -24.91 -17.44
N THR C 239 26.92 -24.04 -16.64
CA THR C 239 26.21 -24.44 -15.43
C THR C 239 24.93 -23.60 -15.50
N SER C 240 23.82 -24.14 -15.01
CA SER C 240 22.52 -23.45 -15.10
C SER C 240 21.74 -23.42 -13.80
N THR C 241 20.90 -22.40 -13.65
CA THR C 241 20.03 -22.29 -12.47
C THR C 241 18.90 -23.25 -12.79
N TYR C 242 18.04 -23.58 -11.82
CA TYR C 242 16.94 -24.47 -12.12
C TYR C 242 15.90 -23.84 -13.03
N GLN C 243 15.81 -22.51 -13.03
CA GLN C 243 14.84 -21.87 -13.94
C GLN C 243 15.29 -22.13 -15.37
N ALA C 244 16.59 -22.34 -15.56
CA ALA C 244 17.13 -22.63 -16.90
C ALA C 244 17.55 -24.11 -17.01
N ALA C 245 16.99 -24.96 -16.16
CA ALA C 245 17.37 -26.37 -16.14
C ALA C 245 17.34 -27.08 -17.51
N GLY C 246 16.48 -26.62 -18.41
CA GLY C 246 16.40 -27.26 -19.72
C GLY C 246 17.26 -26.69 -20.84
N ALA C 247 17.96 -25.58 -20.58
CA ALA C 247 18.78 -24.95 -21.60
C ALA C 247 19.82 -25.87 -22.23
N VAL C 248 20.51 -26.63 -21.39
CA VAL C 248 21.55 -27.53 -21.86
C VAL C 248 21.53 -28.79 -21.00
N ASN C 249 21.96 -29.91 -21.55
CA ASN C 249 21.98 -31.13 -20.76
C ASN C 249 23.32 -31.83 -20.93
N GLN C 250 23.55 -32.85 -20.11
CA GLN C 250 24.81 -33.59 -20.14
C GLN C 250 25.08 -34.22 -21.50
N ASP C 251 24.03 -34.60 -22.23
CA ASP C 251 24.20 -35.24 -23.52
C ASP C 251 24.63 -34.33 -24.68
N ASN C 252 23.91 -33.23 -24.89
CA ASN C 252 24.27 -32.35 -26.00
C ASN C 252 25.49 -31.47 -25.74
N PHE C 253 26.06 -31.55 -24.55
CA PHE C 253 27.24 -30.74 -24.24
C PHE C 253 28.06 -31.43 -23.17
N SER C 254 29.22 -31.94 -23.57
CA SER C 254 30.09 -32.68 -22.65
C SER C 254 30.67 -31.86 -21.51
N ARG C 255 30.74 -30.53 -21.67
CA ARG C 255 31.29 -29.70 -20.60
C ARG C 255 30.21 -29.05 -19.73
N PHE C 256 29.04 -29.67 -19.69
CA PHE C 256 27.94 -29.18 -18.86
C PHE C 256 28.31 -29.52 -17.41
N ALA C 257 28.11 -28.57 -16.50
CA ALA C 257 28.47 -28.77 -15.11
C ALA C 257 27.28 -28.92 -14.15
N GLY C 258 26.09 -29.14 -14.70
CA GLY C 258 24.93 -29.33 -13.85
C GLY C 258 24.19 -28.06 -13.46
N ARG C 259 23.10 -28.26 -12.72
CA ARG C 259 22.24 -27.19 -12.23
C ARG C 259 22.79 -26.79 -10.86
N VAL C 260 22.84 -25.49 -10.59
CA VAL C 260 23.31 -25.01 -9.29
C VAL C 260 22.17 -24.34 -8.56
N GLY C 261 22.17 -24.43 -7.24
CA GLY C 261 21.12 -23.82 -6.45
C GLY C 261 20.58 -24.76 -5.38
N LEU C 262 20.89 -26.04 -5.49
CA LEU C 262 20.38 -26.98 -4.50
C LEU C 262 21.45 -27.79 -3.79
N PHE C 263 22.29 -28.48 -4.53
CA PHE C 263 23.33 -29.32 -3.94
C PHE C 263 24.67 -28.61 -3.73
N ASN C 264 25.41 -29.05 -2.71
CA ASN C 264 26.70 -28.47 -2.36
C ASN C 264 27.90 -29.16 -2.99
N ASN C 265 27.66 -30.08 -3.92
CA ASN C 265 28.75 -30.80 -4.55
C ASN C 265 28.67 -30.77 -6.07
N GLN C 266 28.22 -29.65 -6.61
CA GLN C 266 28.08 -29.50 -8.05
C GLN C 266 29.35 -28.95 -8.70
N ALA C 267 29.69 -29.48 -9.87
CA ALA C 267 30.87 -29.02 -10.59
C ALA C 267 30.66 -27.55 -10.96
N GLY C 268 29.40 -27.19 -11.22
CA GLY C 268 29.08 -25.83 -11.59
C GLY C 268 29.58 -24.81 -10.57
N ASP C 269 29.35 -25.09 -9.30
CA ASP C 269 29.79 -24.19 -8.24
C ASP C 269 31.31 -24.13 -8.14
N ARG C 270 31.96 -25.27 -8.31
CA ARG C 270 33.41 -25.32 -8.22
C ARG C 270 34.04 -24.52 -9.36
N LEU C 271 33.49 -24.65 -10.57
CA LEU C 271 34.00 -23.91 -11.71
C LEU C 271 33.75 -22.41 -11.57
N LEU C 272 32.63 -22.04 -10.95
CA LEU C 272 32.31 -20.64 -10.74
C LEU C 272 33.29 -20.01 -9.76
N GLN C 273 33.63 -20.75 -8.71
CA GLN C 273 34.57 -20.27 -7.71
C GLN C 273 36.00 -20.27 -8.25
N LEU C 274 36.24 -21.05 -9.30
CA LEU C 274 37.56 -21.14 -9.90
C LEU C 274 37.75 -20.12 -11.03
N ALA C 275 36.63 -19.76 -11.66
CA ALA C 275 36.63 -18.85 -12.80
C ALA C 275 37.40 -17.54 -12.68
N ASP C 276 37.88 -17.07 -13.84
CA ASP C 276 38.59 -15.81 -13.94
C ASP C 276 37.72 -14.94 -14.85
N LEU C 277 36.68 -15.58 -15.38
CA LEU C 277 35.70 -14.93 -16.26
C LEU C 277 34.36 -15.67 -16.18
N VAL C 278 33.34 -15.00 -15.65
CA VAL C 278 32.00 -15.58 -15.55
C VAL C 278 31.06 -14.80 -16.45
N ILE C 279 30.48 -15.47 -17.43
CA ILE C 279 29.54 -14.82 -18.33
C ILE C 279 28.13 -15.36 -18.03
N CYS C 280 27.28 -14.49 -17.49
CA CYS C 280 25.91 -14.86 -17.15
C CYS C 280 24.96 -14.51 -18.28
N ILE C 281 24.17 -15.48 -18.70
CA ILE C 281 23.23 -15.27 -19.80
C ILE C 281 21.80 -15.45 -19.30
N GLY C 282 20.98 -14.42 -19.47
CA GLY C 282 19.59 -14.46 -19.05
C GLY C 282 19.43 -14.74 -17.57
N TYR C 283 20.42 -14.32 -16.78
CA TYR C 283 20.42 -14.57 -15.35
C TYR C 283 20.14 -13.38 -14.44
N SER C 284 19.35 -13.65 -13.42
CA SER C 284 19.01 -12.67 -12.40
C SER C 284 19.36 -13.31 -11.07
N PRO C 285 19.97 -12.53 -10.16
CA PRO C 285 20.38 -13.01 -8.82
C PRO C 285 19.34 -13.81 -8.05
N VAL C 286 18.06 -13.51 -8.25
CA VAL C 286 17.02 -14.23 -7.54
C VAL C 286 16.98 -15.71 -7.88
N GLU C 287 17.55 -16.11 -9.02
CA GLU C 287 17.54 -17.51 -9.42
C GLU C 287 18.52 -18.38 -8.66
N TYR C 288 19.53 -17.75 -8.08
CA TYR C 288 20.55 -18.44 -7.30
C TYR C 288 21.39 -17.36 -6.62
N GLU C 289 21.25 -17.24 -5.30
CA GLU C 289 21.98 -16.24 -4.54
C GLU C 289 23.46 -16.11 -4.90
N PRO C 290 23.84 -14.94 -5.44
CA PRO C 290 25.22 -14.65 -5.84
C PRO C 290 26.21 -14.85 -4.68
N ALA C 291 25.70 -14.76 -3.46
CA ALA C 291 26.54 -14.93 -2.29
C ALA C 291 27.06 -16.37 -2.19
N MET C 292 26.41 -17.27 -2.94
CA MET C 292 26.79 -18.67 -2.92
C MET C 292 27.89 -19.03 -3.91
N TRP C 293 28.06 -18.23 -4.96
CA TRP C 293 29.04 -18.56 -5.99
C TRP C 293 30.00 -17.46 -6.43
N ASN C 294 29.64 -16.19 -6.20
CA ASN C 294 30.50 -15.11 -6.65
C ASN C 294 31.34 -14.44 -5.56
N SER C 295 32.60 -14.83 -5.49
CA SER C 295 33.53 -14.26 -4.52
C SER C 295 33.92 -12.87 -4.98
N GLY C 296 33.85 -12.65 -6.29
CA GLY C 296 34.21 -11.36 -6.86
C GLY C 296 35.59 -11.35 -7.50
N ASN C 297 36.25 -12.50 -7.49
CA ASN C 297 37.58 -12.62 -8.06
C ASN C 297 37.59 -12.55 -9.58
N ALA C 298 36.59 -13.14 -10.21
CA ALA C 298 36.51 -13.17 -11.67
C ALA C 298 35.86 -11.95 -12.31
N THR C 299 36.15 -11.74 -13.59
CA THR C 299 35.56 -10.65 -14.35
C THR C 299 34.15 -11.13 -14.68
N LEU C 300 33.16 -10.33 -14.31
CA LEU C 300 31.75 -10.66 -14.53
C LEU C 300 31.10 -10.00 -15.73
N VAL C 301 30.54 -10.82 -16.62
CA VAL C 301 29.87 -10.32 -17.81
C VAL C 301 28.38 -10.68 -17.74
N HIS C 302 27.53 -9.67 -17.87
CA HIS C 302 26.08 -9.86 -17.81
C HIS C 302 25.47 -9.70 -19.20
N ILE C 303 24.68 -10.69 -19.61
CA ILE C 303 24.01 -10.65 -20.90
C ILE C 303 22.54 -11.01 -20.66
N ASP C 304 21.64 -10.09 -20.94
CA ASP C 304 20.21 -10.35 -20.74
C ASP C 304 19.34 -9.34 -21.46
N VAL C 305 18.07 -9.70 -21.64
CA VAL C 305 17.09 -8.84 -22.32
C VAL C 305 16.79 -7.57 -21.52
N LEU C 306 17.25 -7.52 -20.29
CA LEU C 306 17.04 -6.37 -19.43
C LEU C 306 18.34 -6.07 -18.70
N PRO C 307 18.50 -4.84 -18.18
CA PRO C 307 19.74 -4.51 -17.47
C PRO C 307 19.91 -5.47 -16.31
N ALA C 308 21.10 -5.49 -15.72
CA ALA C 308 21.37 -6.37 -14.59
C ALA C 308 20.70 -5.85 -13.33
N TYR C 309 20.24 -6.76 -12.48
CA TYR C 309 19.62 -6.40 -11.21
C TYR C 309 20.72 -6.42 -10.17
N GLU C 310 21.63 -5.46 -10.27
CA GLU C 310 22.76 -5.36 -9.38
C GLU C 310 22.47 -5.53 -7.90
N GLU C 311 23.47 -6.05 -7.19
CA GLU C 311 23.40 -6.29 -5.75
C GLU C 311 24.82 -6.46 -5.24
N ARG C 312 24.96 -6.57 -3.91
CA ARG C 312 26.26 -6.71 -3.26
C ARG C 312 27.25 -7.68 -3.92
N ASN C 313 26.76 -8.83 -4.37
CA ASN C 313 27.63 -9.83 -4.98
C ASN C 313 27.33 -10.03 -6.45
N TYR C 314 26.80 -8.99 -7.08
CA TYR C 314 26.49 -9.08 -8.50
C TYR C 314 26.59 -7.72 -9.18
N THR C 315 27.82 -7.31 -9.48
CA THR C 315 28.07 -6.04 -10.13
C THR C 315 28.91 -6.30 -11.37
N PRO C 316 28.26 -6.60 -12.50
CA PRO C 316 28.91 -6.89 -13.78
C PRO C 316 29.95 -5.85 -14.24
N ASP C 317 31.15 -6.33 -14.53
CA ASP C 317 32.22 -5.46 -15.00
C ASP C 317 31.90 -5.07 -16.42
N VAL C 318 31.10 -5.89 -17.08
CA VAL C 318 30.66 -5.65 -18.45
C VAL C 318 29.20 -6.04 -18.48
N GLU C 319 28.35 -5.16 -19.02
CA GLU C 319 26.93 -5.42 -19.07
C GLU C 319 26.35 -5.21 -20.46
N LEU C 320 25.86 -6.30 -21.07
CA LEU C 320 25.28 -6.23 -22.40
C LEU C 320 23.78 -6.51 -22.33
N VAL C 321 22.96 -5.60 -22.88
CA VAL C 321 21.53 -5.77 -22.87
C VAL C 321 20.97 -5.79 -24.30
N GLY C 322 20.11 -6.76 -24.61
CA GLY C 322 19.55 -6.83 -25.95
C GLY C 322 19.04 -8.19 -26.36
N ASP C 323 18.79 -8.39 -27.65
CA ASP C 323 18.32 -9.67 -28.15
C ASP C 323 19.40 -10.73 -27.90
N ILE C 324 19.12 -11.64 -26.96
CA ILE C 324 20.07 -12.68 -26.62
C ILE C 324 20.47 -13.50 -27.85
N ALA C 325 19.50 -14.11 -28.51
CA ALA C 325 19.78 -14.92 -29.69
C ALA C 325 20.73 -14.20 -30.64
N GLY C 326 20.50 -12.91 -30.81
CA GLY C 326 21.35 -12.11 -31.69
C GLY C 326 22.75 -11.98 -31.15
N THR C 327 22.86 -11.53 -29.90
CA THR C 327 24.17 -11.35 -29.26
C THR C 327 24.98 -12.64 -29.26
N LEU C 328 24.38 -13.73 -28.80
CA LEU C 328 25.07 -15.01 -28.76
C LEU C 328 25.54 -15.46 -30.15
N ASN C 329 24.73 -15.17 -31.17
CA ASN C 329 25.08 -15.54 -32.54
C ASN C 329 26.24 -14.69 -33.07
N LYS C 330 26.35 -13.47 -32.57
CA LYS C 330 27.42 -12.57 -33.00
C LYS C 330 28.70 -12.90 -32.25
N LEU C 331 28.58 -13.13 -30.95
CA LEU C 331 29.73 -13.46 -30.13
C LEU C 331 30.42 -14.72 -30.67
N ALA C 332 29.60 -15.70 -31.06
CA ALA C 332 30.10 -16.96 -31.61
C ALA C 332 30.99 -16.72 -32.82
N GLN C 333 30.67 -15.69 -33.60
CA GLN C 333 31.45 -15.35 -34.79
C GLN C 333 32.77 -14.70 -34.39
N ASN C 334 32.86 -14.24 -33.15
CA ASN C 334 34.08 -13.61 -32.66
C ASN C 334 34.86 -14.53 -31.72
N ILE C 335 34.64 -15.84 -31.86
CA ILE C 335 35.32 -16.82 -31.04
C ILE C 335 36.39 -17.48 -31.91
N ASP C 336 37.65 -17.17 -31.63
CA ASP C 336 38.79 -17.69 -32.37
C ASP C 336 38.83 -19.21 -32.43
N HIS C 337 39.02 -19.83 -31.26
CA HIS C 337 39.13 -21.28 -31.16
C HIS C 337 38.47 -21.82 -29.89
N ARG C 338 38.15 -23.11 -29.90
CA ARG C 338 37.55 -23.75 -28.75
C ARG C 338 38.47 -23.63 -27.54
N LEU C 339 37.89 -23.74 -26.36
CA LEU C 339 38.67 -23.63 -25.13
C LEU C 339 39.40 -24.92 -24.81
N VAL C 340 40.62 -24.79 -24.29
CA VAL C 340 41.37 -25.95 -23.87
C VAL C 340 41.26 -25.85 -22.36
N LEU C 341 40.51 -26.77 -21.77
CA LEU C 341 40.29 -26.76 -20.34
C LEU C 341 41.56 -26.70 -19.53
N SER C 342 41.52 -25.98 -18.42
CA SER C 342 42.67 -25.90 -17.54
C SER C 342 42.63 -27.23 -16.79
N PRO C 343 43.76 -27.64 -16.19
CA PRO C 343 43.79 -28.91 -15.45
C PRO C 343 42.74 -28.98 -14.35
N GLN C 344 42.61 -27.89 -13.59
CA GLN C 344 41.65 -27.83 -12.50
C GLN C 344 40.21 -27.93 -13.01
N ALA C 345 39.95 -27.31 -14.16
CA ALA C 345 38.60 -27.35 -14.74
C ALA C 345 38.32 -28.77 -15.20
N ALA C 346 39.26 -29.35 -15.94
CA ALA C 346 39.11 -30.71 -16.43
C ALA C 346 38.87 -31.65 -15.26
N GLU C 347 39.57 -31.41 -14.17
CA GLU C 347 39.45 -32.24 -12.98
C GLU C 347 38.09 -32.13 -12.32
N ILE C 348 37.52 -30.92 -12.35
CA ILE C 348 36.22 -30.71 -11.75
C ILE C 348 35.16 -31.39 -12.61
N LEU C 349 35.27 -31.25 -13.93
CA LEU C 349 34.30 -31.89 -14.82
C LEU C 349 34.45 -33.41 -14.72
N ARG C 350 35.67 -33.88 -14.58
CA ARG C 350 35.90 -35.32 -14.45
C ARG C 350 35.24 -35.82 -13.17
N ASP C 351 35.37 -35.06 -12.08
CA ASP C 351 34.75 -35.48 -10.83
C ASP C 351 33.24 -35.55 -10.96
N ARG C 352 32.66 -34.68 -11.79
CA ARG C 352 31.21 -34.72 -11.99
C ARG C 352 30.86 -36.03 -12.69
N GLN C 353 31.70 -36.46 -13.63
CA GLN C 353 31.43 -37.71 -14.32
C GLN C 353 31.53 -38.87 -13.32
N HIS C 354 32.53 -38.83 -12.45
CA HIS C 354 32.70 -39.88 -11.44
C HIS C 354 31.49 -39.86 -10.51
N GLN C 355 31.11 -38.66 -10.09
CA GLN C 355 29.97 -38.48 -9.19
C GLN C 355 28.71 -39.12 -9.76
N ARG C 356 28.44 -38.86 -11.04
CA ARG C 356 27.27 -39.40 -11.73
C ARG C 356 27.25 -40.93 -11.73
N GLU C 357 28.39 -41.55 -12.00
CA GLU C 357 28.45 -43.01 -12.02
C GLU C 357 28.24 -43.55 -10.61
N LEU C 358 28.85 -42.89 -9.63
CA LEU C 358 28.72 -43.33 -8.24
C LEU C 358 27.28 -43.15 -7.77
N LEU C 359 26.67 -42.02 -8.13
CA LEU C 359 25.29 -41.77 -7.73
C LEU C 359 24.35 -42.86 -8.24
N ASP C 360 24.65 -43.38 -9.42
CA ASP C 360 23.83 -44.42 -10.02
C ASP C 360 23.86 -45.72 -9.21
N ARG C 361 24.61 -45.71 -8.11
CA ARG C 361 24.75 -46.88 -7.25
C ARG C 361 24.70 -48.20 -8.01
N ALA C 364 22.65 -51.19 -4.40
CA ALA C 364 22.66 -51.92 -5.66
C ALA C 364 21.23 -52.36 -6.03
N GLN C 365 20.83 -53.52 -5.53
CA GLN C 365 19.50 -54.04 -5.79
C GLN C 365 18.59 -53.60 -4.65
N LEU C 366 17.72 -52.63 -4.93
CA LEU C 366 16.80 -52.09 -3.93
C LEU C 366 15.41 -52.68 -4.11
N ASN C 367 15.17 -53.82 -3.49
CA ASN C 367 13.87 -54.48 -3.61
C ASN C 367 13.01 -54.41 -2.34
N GLN C 368 13.41 -53.57 -1.40
CA GLN C 368 12.65 -53.43 -0.16
C GLN C 368 11.31 -52.75 -0.41
N PHE C 369 10.40 -52.88 0.56
CA PHE C 369 9.08 -52.29 0.49
C PHE C 369 8.73 -51.82 1.90
N ALA C 370 8.29 -50.57 2.08
CA ALA C 370 8.11 -49.59 1.01
C ALA C 370 9.35 -49.37 0.17
N LEU C 371 9.12 -48.91 -1.07
CA LEU C 371 10.20 -48.69 -2.03
C LEU C 371 11.24 -47.66 -1.64
N HIS C 372 12.47 -47.91 -2.06
CA HIS C 372 13.57 -47.00 -1.81
C HIS C 372 13.46 -45.91 -2.87
N PRO C 373 13.69 -44.64 -2.50
CA PRO C 373 13.60 -43.53 -3.45
C PRO C 373 14.32 -43.77 -4.78
N LEU C 374 15.50 -44.39 -4.70
CA LEU C 374 16.29 -44.65 -5.89
C LEU C 374 15.62 -45.66 -6.82
N ARG C 375 14.90 -46.61 -6.24
CA ARG C 375 14.21 -47.60 -7.05
C ARG C 375 13.11 -46.88 -7.83
N ILE C 376 12.40 -45.97 -7.16
CA ILE C 376 11.33 -45.22 -7.83
C ILE C 376 11.92 -44.33 -8.92
N VAL C 377 13.02 -43.66 -8.60
CA VAL C 377 13.67 -42.78 -9.57
C VAL C 377 14.02 -43.54 -10.85
N ARG C 378 14.64 -44.71 -10.69
CA ARG C 378 15.01 -45.53 -11.86
C ARG C 378 13.78 -45.88 -12.68
N ALA C 379 12.72 -46.34 -12.02
CA ALA C 379 11.50 -46.72 -12.71
C ALA C 379 10.89 -45.55 -13.47
N MET C 380 10.91 -44.38 -12.86
CA MET C 380 10.38 -43.18 -13.48
C MET C 380 11.19 -42.79 -14.69
N GLN C 381 12.51 -42.90 -14.60
CA GLN C 381 13.35 -42.55 -15.74
C GLN C 381 13.05 -43.43 -16.94
N ASP C 382 12.64 -44.67 -16.67
CA ASP C 382 12.33 -45.61 -17.74
C ASP C 382 11.07 -45.26 -18.53
N ILE C 383 10.00 -44.85 -17.86
CA ILE C 383 8.77 -44.51 -18.58
C ILE C 383 8.81 -43.12 -19.19
N VAL C 384 9.59 -42.23 -18.57
CA VAL C 384 9.72 -40.86 -19.08
C VAL C 384 10.63 -40.88 -20.30
N ASN C 385 10.07 -40.66 -21.48
CA ASN C 385 10.86 -40.67 -22.71
C ASN C 385 11.03 -39.25 -23.24
N SER C 386 11.83 -39.10 -24.29
CA SER C 386 12.11 -37.79 -24.87
C SER C 386 10.92 -37.09 -25.49
N ASP C 387 9.77 -37.77 -25.52
CA ASP C 387 8.56 -37.18 -26.08
C ASP C 387 7.67 -36.61 -24.98
N VAL C 388 7.82 -37.18 -23.79
CA VAL C 388 7.03 -36.83 -22.61
C VAL C 388 7.49 -35.62 -21.78
N THR C 389 6.52 -34.92 -21.20
CA THR C 389 6.79 -33.78 -20.34
C THR C 389 6.60 -34.28 -18.90
N LEU C 390 7.57 -33.94 -18.04
CA LEU C 390 7.52 -34.34 -16.64
C LEU C 390 7.31 -33.13 -15.73
N THR C 391 6.32 -33.20 -14.85
CA THR C 391 6.11 -32.09 -13.92
C THR C 391 6.38 -32.63 -12.52
N VAL C 392 7.09 -31.86 -11.71
CA VAL C 392 7.47 -32.28 -10.36
C VAL C 392 6.93 -31.31 -9.32
N ASP C 393 6.31 -31.87 -8.28
CA ASP C 393 5.75 -31.05 -7.20
C ASP C 393 6.86 -30.73 -6.20
N MET C 394 6.51 -30.29 -5.00
CA MET C 394 7.52 -29.99 -3.99
C MET C 394 7.40 -30.96 -2.83
N GLY C 395 8.55 -31.50 -2.42
CA GLY C 395 8.61 -32.45 -1.34
C GLY C 395 9.93 -33.18 -1.44
N SER C 396 10.18 -34.13 -0.55
CA SER C 396 11.45 -34.85 -0.58
C SER C 396 11.75 -35.52 -1.92
N PHE C 397 10.73 -36.07 -2.56
CA PHE C 397 10.89 -36.72 -3.86
C PHE C 397 11.51 -35.73 -4.87
N HIS C 398 11.19 -34.45 -4.69
CA HIS C 398 11.68 -33.38 -5.57
C HIS C 398 13.21 -33.34 -5.51
N ILE C 399 13.76 -33.49 -4.31
CA ILE C 399 15.20 -33.45 -4.12
C ILE C 399 15.84 -34.69 -4.76
N TRP C 400 15.18 -35.84 -4.62
CA TRP C 400 15.70 -37.07 -5.24
C TRP C 400 15.74 -36.92 -6.76
N ILE C 401 14.67 -36.36 -7.32
CA ILE C 401 14.59 -36.18 -8.76
C ILE C 401 15.62 -35.18 -9.23
N ALA C 402 15.76 -34.08 -8.51
CA ALA C 402 16.75 -33.07 -8.89
C ALA C 402 18.15 -33.70 -8.86
N ARG C 403 18.41 -34.54 -7.88
CA ARG C 403 19.72 -35.18 -7.75
C ARG C 403 20.07 -36.00 -8.99
N TYR C 404 19.05 -36.60 -9.60
CA TYR C 404 19.25 -37.42 -10.79
C TYR C 404 18.65 -36.81 -12.05
N LEU C 405 18.54 -35.49 -12.08
CA LEU C 405 17.95 -34.81 -13.22
C LEU C 405 18.69 -35.13 -14.51
N TYR C 406 20.01 -35.34 -14.38
CA TYR C 406 20.84 -35.66 -15.52
C TYR C 406 20.45 -36.95 -16.23
N THR C 407 19.78 -37.85 -15.52
CA THR C 407 19.37 -39.13 -16.12
C THR C 407 17.93 -39.19 -16.62
N PHE C 408 17.21 -38.08 -16.49
CA PHE C 408 15.86 -38.03 -17.02
C PHE C 408 16.05 -37.39 -18.38
N ARG C 409 15.47 -37.99 -19.40
CA ARG C 409 15.59 -37.44 -20.75
C ARG C 409 14.19 -37.26 -21.30
N ALA C 410 13.51 -36.25 -20.77
CA ALA C 410 12.15 -35.92 -21.18
C ALA C 410 12.15 -34.81 -22.21
N ARG C 411 10.99 -34.59 -22.81
CA ARG C 411 10.84 -33.53 -23.80
C ARG C 411 11.06 -32.23 -23.02
N GLN C 412 10.44 -32.16 -21.86
CA GLN C 412 10.55 -30.99 -21.01
C GLN C 412 10.33 -31.36 -19.56
N VAL C 413 10.91 -30.59 -18.65
CA VAL C 413 10.75 -30.85 -17.23
C VAL C 413 10.33 -29.58 -16.52
N MET C 414 9.22 -29.65 -15.79
CA MET C 414 8.74 -28.52 -15.02
C MET C 414 9.03 -28.89 -13.58
N ILE C 415 10.07 -28.28 -13.02
CA ILE C 415 10.46 -28.59 -11.65
C ILE C 415 10.85 -27.36 -10.83
N SER C 416 11.48 -26.38 -11.47
CA SER C 416 11.90 -25.16 -10.78
C SER C 416 10.72 -24.64 -9.95
N ASN C 417 10.99 -24.28 -8.70
CA ASN C 417 9.93 -23.83 -7.80
C ASN C 417 10.56 -23.07 -6.63
N GLY C 418 10.94 -21.81 -6.87
CA GLY C 418 11.57 -21.01 -5.84
C GLY C 418 10.73 -20.82 -4.59
N GLN C 419 9.42 -20.71 -4.77
CA GLN C 419 8.53 -20.54 -3.62
C GLN C 419 8.33 -21.86 -2.89
N GLN C 420 8.70 -22.96 -3.54
CA GLN C 420 8.53 -24.29 -2.94
C GLN C 420 7.05 -24.59 -2.69
N THR C 421 6.21 -24.08 -3.59
CA THR C 421 4.77 -24.26 -3.49
C THR C 421 4.33 -25.69 -3.78
N MET C 422 3.64 -26.32 -2.84
CA MET C 422 3.14 -27.68 -3.05
C MET C 422 1.83 -27.63 -3.84
N GLY C 423 1.54 -28.72 -4.55
CA GLY C 423 0.31 -28.82 -5.32
C GLY C 423 0.41 -28.46 -6.80
N VAL C 424 1.57 -27.98 -7.23
CA VAL C 424 1.77 -27.56 -8.62
C VAL C 424 1.81 -28.62 -9.73
N ALA C 425 2.26 -29.84 -9.41
CA ALA C 425 2.43 -30.88 -10.43
C ALA C 425 1.23 -31.25 -11.30
N LEU C 426 0.17 -31.75 -10.70
CA LEU C 426 -1.02 -32.12 -11.49
C LEU C 426 -1.52 -30.97 -12.38
N PRO C 427 -1.79 -29.79 -11.80
CA PRO C 427 -2.26 -28.72 -12.69
C PRO C 427 -1.26 -28.31 -13.77
N TRP C 428 0.04 -28.35 -13.46
CA TRP C 428 1.03 -28.02 -14.48
C TRP C 428 0.90 -29.02 -15.62
N ALA C 429 0.79 -30.29 -15.25
CA ALA C 429 0.66 -31.36 -16.21
C ALA C 429 -0.56 -31.18 -17.12
N ILE C 430 -1.70 -30.85 -16.52
CA ILE C 430 -2.93 -30.64 -17.30
C ILE C 430 -2.72 -29.50 -18.30
N GLY C 431 -2.12 -28.41 -17.84
CA GLY C 431 -1.87 -27.28 -18.72
C GLY C 431 -0.90 -27.67 -19.83
N ALA C 432 0.13 -28.41 -19.49
CA ALA C 432 1.13 -28.85 -20.47
C ALA C 432 0.47 -29.77 -21.51
N TRP C 433 -0.38 -30.68 -21.06
CA TRP C 433 -1.05 -31.58 -21.98
C TRP C 433 -1.92 -30.83 -22.99
N LEU C 434 -2.64 -29.81 -22.53
CA LEU C 434 -3.51 -29.04 -23.41
C LEU C 434 -2.79 -28.33 -24.55
N VAL C 435 -1.52 -28.00 -24.36
CA VAL C 435 -0.75 -27.35 -25.43
C VAL C 435 -0.38 -28.38 -26.51
N ASN C 436 -0.12 -29.62 -26.09
CA ASN C 436 0.24 -30.71 -27.02
C ASN C 436 -0.50 -31.98 -26.58
N PRO C 437 -1.83 -32.03 -26.81
CA PRO C 437 -2.68 -33.17 -26.45
C PRO C 437 -2.29 -34.52 -27.02
N GLU C 438 -1.48 -34.52 -28.07
CA GLU C 438 -1.06 -35.77 -28.69
C GLU C 438 0.08 -36.48 -27.96
N ARG C 439 0.55 -35.86 -26.88
CA ARG C 439 1.63 -36.44 -26.09
C ARG C 439 1.17 -36.76 -24.68
N LYS C 440 1.96 -37.57 -23.99
CA LYS C 440 1.65 -37.97 -22.62
C LYS C 440 2.38 -37.02 -21.68
N VAL C 441 1.85 -36.84 -20.48
CA VAL C 441 2.49 -36.01 -19.49
C VAL C 441 2.53 -36.84 -18.21
N VAL C 442 3.65 -36.77 -17.51
CA VAL C 442 3.83 -37.49 -16.27
C VAL C 442 4.05 -36.46 -15.16
N SER C 443 3.20 -36.51 -14.14
CA SER C 443 3.33 -35.59 -13.01
C SER C 443 3.65 -36.40 -11.77
N VAL C 444 4.43 -35.82 -10.87
CA VAL C 444 4.79 -36.53 -9.66
C VAL C 444 4.71 -35.60 -8.45
N SER C 445 4.13 -36.10 -7.37
CA SER C 445 4.00 -35.33 -6.14
C SER C 445 3.99 -36.27 -4.96
N GLY C 446 3.93 -35.71 -3.76
CA GLY C 446 3.85 -36.50 -2.55
C GLY C 446 2.38 -36.50 -2.18
N ASP C 447 2.00 -37.16 -1.08
CA ASP C 447 0.59 -37.17 -0.70
C ASP C 447 0.13 -35.79 -0.23
N GLY C 448 1.04 -35.01 0.36
CA GLY C 448 0.68 -33.68 0.81
C GLY C 448 0.33 -32.77 -0.36
N GLY C 449 1.24 -32.65 -1.30
CA GLY C 449 0.99 -31.83 -2.48
C GLY C 449 -0.20 -32.33 -3.28
N PHE C 450 -0.31 -33.65 -3.42
CA PHE C 450 -1.41 -34.25 -4.18
C PHE C 450 -2.79 -33.76 -3.72
N LEU C 451 -3.06 -33.85 -2.42
CA LEU C 451 -4.36 -33.45 -1.89
C LEU C 451 -4.68 -31.96 -1.98
N GLN C 452 -3.68 -31.11 -2.21
CA GLN C 452 -3.99 -29.70 -2.32
C GLN C 452 -4.55 -29.35 -3.70
N SER C 453 -4.26 -30.17 -4.71
CA SER C 453 -4.78 -29.89 -6.05
C SER C 453 -5.44 -31.09 -6.74
N SER C 454 -5.65 -32.19 -6.02
CA SER C 454 -6.25 -33.38 -6.62
C SER C 454 -7.68 -33.20 -7.13
N MET C 455 -8.33 -32.11 -6.74
CA MET C 455 -9.69 -31.86 -7.19
C MET C 455 -9.71 -31.72 -8.72
N GLU C 456 -8.55 -31.45 -9.29
CA GLU C 456 -8.45 -31.28 -10.74
C GLU C 456 -8.40 -32.63 -11.46
N LEU C 457 -8.49 -33.73 -10.71
CA LEU C 457 -8.51 -35.03 -11.35
C LEU C 457 -9.85 -35.12 -12.09
N GLU C 458 -10.87 -34.43 -11.58
CA GLU C 458 -12.18 -34.45 -12.23
C GLU C 458 -12.02 -33.70 -13.55
N THR C 459 -11.28 -32.60 -13.51
CA THR C 459 -11.04 -31.80 -14.70
C THR C 459 -10.29 -32.65 -15.74
N ALA C 460 -9.31 -33.41 -15.25
CA ALA C 460 -8.52 -34.27 -16.11
C ALA C 460 -9.40 -35.32 -16.80
N VAL C 461 -10.30 -35.93 -16.03
CA VAL C 461 -11.19 -36.95 -16.58
C VAL C 461 -12.14 -36.33 -17.61
N ARG C 462 -12.64 -35.14 -17.29
CA ARG C 462 -13.53 -34.40 -18.16
C ARG C 462 -12.85 -34.03 -19.48
N LEU C 463 -11.58 -33.65 -19.40
CA LEU C 463 -10.81 -33.28 -20.59
C LEU C 463 -10.19 -34.49 -21.27
N LYS C 464 -10.26 -35.65 -20.60
CA LYS C 464 -9.66 -36.86 -21.13
C LYS C 464 -8.16 -36.61 -21.29
N ALA C 465 -7.60 -35.85 -20.35
CA ALA C 465 -6.19 -35.50 -20.38
C ALA C 465 -5.32 -36.74 -20.21
N ASN C 466 -4.32 -36.89 -21.07
CA ASN C 466 -3.43 -38.03 -21.01
C ASN C 466 -2.30 -37.75 -20.03
N VAL C 467 -2.67 -37.74 -18.75
CA VAL C 467 -1.74 -37.46 -17.68
C VAL C 467 -1.64 -38.61 -16.70
N LEU C 468 -0.41 -39.02 -16.40
CA LEU C 468 -0.15 -40.08 -15.45
C LEU C 468 0.42 -39.39 -14.20
N HIS C 469 -0.33 -39.40 -13.10
CA HIS C 469 0.15 -38.78 -11.88
C HIS C 469 0.66 -39.81 -10.89
N LEU C 470 1.90 -39.65 -10.45
CA LEU C 470 2.51 -40.56 -9.50
C LEU C 470 2.56 -39.93 -8.12
N ILE C 471 2.16 -40.68 -7.10
CA ILE C 471 2.19 -40.19 -5.73
C ILE C 471 3.17 -40.99 -4.89
N TRP C 472 4.18 -40.32 -4.35
CA TRP C 472 5.13 -40.97 -3.45
C TRP C 472 4.41 -40.87 -2.11
N VAL C 473 4.07 -42.02 -1.53
CA VAL C 473 3.33 -42.05 -0.27
C VAL C 473 4.11 -42.36 0.99
N ASP C 474 4.07 -41.44 1.95
CA ASP C 474 4.76 -41.64 3.22
C ASP C 474 3.81 -41.31 4.36
N ASN C 475 2.62 -40.82 4.00
CA ASN C 475 1.60 -40.43 4.99
C ASN C 475 2.09 -39.25 5.82
N GLY C 476 2.71 -38.28 5.17
CA GLY C 476 3.21 -37.12 5.89
C GLY C 476 3.85 -36.08 5.02
N TYR C 477 4.33 -35.01 5.65
CA TYR C 477 5.01 -33.92 4.96
C TYR C 477 6.48 -34.21 5.25
N ASN C 478 7.07 -35.14 4.51
CA ASN C 478 8.45 -35.52 4.78
C ASN C 478 9.49 -34.43 4.62
N MET C 479 9.42 -33.65 3.54
CA MET C 479 10.41 -32.60 3.35
C MET C 479 10.51 -31.68 4.58
N VAL C 480 9.39 -31.47 5.27
CA VAL C 480 9.42 -30.61 6.45
C VAL C 480 9.92 -31.42 7.64
N ALA C 481 9.46 -32.66 7.73
CA ALA C 481 9.85 -33.56 8.80
C ALA C 481 11.36 -33.78 8.92
N ILE C 482 12.05 -33.92 7.80
CA ILE C 482 13.49 -34.17 7.87
C ILE C 482 14.26 -32.96 8.37
N GLN C 483 13.74 -31.77 8.09
CA GLN C 483 14.39 -30.55 8.57
C GLN C 483 14.21 -30.45 10.07
N GLU C 484 13.03 -30.79 10.56
CA GLU C 484 12.74 -30.76 12.00
C GLU C 484 13.59 -31.79 12.72
N GLU C 485 13.70 -32.98 12.13
CA GLU C 485 14.49 -34.04 12.71
C GLU C 485 15.92 -33.54 12.88
N LYS C 486 16.44 -32.95 11.81
CA LYS C 486 17.79 -32.41 11.80
C LYS C 486 18.02 -31.39 12.93
N LYS C 487 17.14 -30.39 12.98
CA LYS C 487 17.25 -29.32 13.97
C LYS C 487 16.76 -29.66 15.38
N TYR C 488 15.74 -30.50 15.50
CA TYR C 488 15.19 -30.78 16.82
C TYR C 488 15.18 -32.22 17.32
N GLN C 489 15.53 -33.18 16.46
CA GLN C 489 15.52 -34.57 16.90
C GLN C 489 14.10 -35.03 17.24
N ARG C 490 13.10 -34.37 16.68
CA ARG C 490 11.70 -34.74 16.94
C ARG C 490 10.77 -34.09 15.91
N LEU C 491 9.60 -34.68 15.72
CA LEU C 491 8.63 -34.20 14.73
C LEU C 491 7.41 -33.47 15.29
N SER C 492 6.87 -32.55 14.49
CA SER C 492 5.69 -31.79 14.89
C SER C 492 4.88 -31.33 13.68
N GLY C 493 3.61 -31.72 13.66
CA GLY C 493 2.71 -31.35 12.58
C GLY C 493 3.03 -31.90 11.19
N VAL C 494 3.82 -32.96 11.12
CA VAL C 494 4.20 -33.53 9.82
C VAL C 494 3.68 -34.94 9.53
N GLU C 495 2.76 -35.43 10.34
CA GLU C 495 2.23 -36.77 10.14
C GLU C 495 0.71 -36.79 10.04
N PHE C 496 0.18 -37.50 9.06
CA PHE C 496 -1.27 -37.63 8.93
C PHE C 496 -1.67 -39.07 8.67
N GLY C 497 -2.94 -39.30 8.41
CA GLY C 497 -3.41 -40.66 8.19
C GLY C 497 -3.27 -41.17 6.76
N PRO C 498 -3.45 -42.49 6.55
CA PRO C 498 -3.33 -43.09 5.22
C PRO C 498 -4.62 -42.97 4.42
N MET C 499 -4.52 -43.25 3.12
CA MET C 499 -5.66 -43.20 2.22
C MET C 499 -5.53 -44.30 1.16
N ASP C 500 -6.67 -44.69 0.59
CA ASP C 500 -6.72 -45.69 -0.47
C ASP C 500 -6.72 -44.86 -1.74
N PHE C 501 -5.54 -44.50 -2.23
CA PHE C 501 -5.43 -43.68 -3.43
C PHE C 501 -5.95 -44.33 -4.71
N LYS C 502 -5.91 -45.66 -4.79
CA LYS C 502 -6.42 -46.34 -5.98
C LYS C 502 -7.92 -46.04 -6.08
N ALA C 503 -8.64 -46.33 -5.00
CA ALA C 503 -10.08 -46.09 -4.96
C ALA C 503 -10.38 -44.60 -5.09
N TYR C 504 -9.51 -43.77 -4.51
CA TYR C 504 -9.68 -42.33 -4.58
C TYR C 504 -9.75 -41.90 -6.04
N ALA C 505 -8.72 -42.26 -6.81
CA ALA C 505 -8.68 -41.88 -8.23
C ALA C 505 -9.86 -42.46 -9.02
N GLU C 506 -10.18 -43.72 -8.79
CA GLU C 506 -11.27 -44.37 -9.50
C GLU C 506 -12.61 -43.66 -9.27
N SER C 507 -12.77 -43.08 -8.09
CA SER C 507 -14.01 -42.39 -7.76
C SER C 507 -14.21 -41.20 -8.70
N PHE C 508 -13.14 -40.74 -9.33
CA PHE C 508 -13.23 -39.62 -10.27
C PHE C 508 -13.55 -40.13 -11.67
N GLY C 509 -13.31 -41.41 -11.91
CA GLY C 509 -13.52 -41.96 -13.23
C GLY C 509 -12.18 -42.11 -13.92
N ALA C 510 -11.10 -41.96 -13.15
CA ALA C 510 -9.75 -42.10 -13.69
C ALA C 510 -9.26 -43.49 -13.32
N LYS C 511 -8.18 -43.94 -13.94
CA LYS C 511 -7.60 -45.26 -13.64
C LYS C 511 -6.71 -45.15 -12.40
N GLY C 512 -6.93 -46.05 -11.45
CA GLY C 512 -6.14 -46.01 -10.23
C GLY C 512 -5.30 -47.26 -9.98
N PHE C 513 -4.12 -47.06 -9.41
CA PHE C 513 -3.22 -48.17 -9.09
C PHE C 513 -2.53 -47.90 -7.76
N ALA C 514 -2.13 -48.97 -7.08
CA ALA C 514 -1.43 -48.89 -5.81
C ALA C 514 -0.37 -49.99 -5.77
N VAL C 515 0.90 -49.59 -5.80
CA VAL C 515 2.02 -50.53 -5.78
C VAL C 515 2.12 -51.18 -4.39
N GLU C 516 1.97 -52.50 -4.35
CA GLU C 516 1.99 -53.23 -3.10
C GLU C 516 3.27 -53.97 -2.78
N SER C 517 4.21 -53.99 -3.72
CA SER C 517 5.49 -54.66 -3.52
C SER C 517 6.49 -54.02 -4.47
N ALA C 518 7.77 -54.23 -4.23
CA ALA C 518 8.79 -53.67 -5.10
C ALA C 518 8.66 -54.22 -6.52
N GLU C 519 8.50 -55.54 -6.66
CA GLU C 519 8.41 -56.13 -7.98
C GLU C 519 7.21 -55.68 -8.80
N ALA C 520 6.17 -55.19 -8.14
CA ALA C 520 4.98 -54.71 -8.83
C ALA C 520 5.13 -53.27 -9.35
N LEU C 521 6.24 -52.61 -9.01
CA LEU C 521 6.45 -51.23 -9.43
C LEU C 521 6.47 -50.99 -10.95
N GLU C 522 7.45 -51.57 -11.62
CA GLU C 522 7.58 -51.38 -13.06
C GLU C 522 6.35 -51.83 -13.85
N PRO C 523 5.78 -53.01 -13.53
CA PRO C 523 4.60 -53.45 -14.26
C PRO C 523 3.42 -52.50 -14.04
N THR C 524 3.28 -51.97 -12.82
CA THR C 524 2.19 -51.03 -12.54
C THR C 524 2.37 -49.75 -13.34
N LEU C 525 3.58 -49.19 -13.32
CA LEU C 525 3.86 -47.97 -14.08
C LEU C 525 3.57 -48.15 -15.56
N ARG C 526 3.97 -49.29 -16.12
CA ARG C 526 3.72 -49.54 -17.54
C ARG C 526 2.22 -49.58 -17.82
N ALA C 527 1.48 -50.27 -16.96
CA ALA C 527 0.03 -50.36 -17.14
C ALA C 527 -0.59 -48.97 -17.08
N ALA C 528 -0.19 -48.18 -16.10
CA ALA C 528 -0.72 -46.83 -15.96
C ALA C 528 -0.34 -45.96 -17.15
N MET C 529 0.87 -46.13 -17.65
CA MET C 529 1.34 -45.38 -18.81
C MET C 529 0.52 -45.70 -20.06
N ASP C 530 0.13 -46.97 -20.22
CA ASP C 530 -0.65 -47.39 -21.38
C ASP C 530 -2.08 -46.88 -21.36
N VAL C 531 -2.55 -46.40 -20.22
CA VAL C 531 -3.91 -45.87 -20.12
C VAL C 531 -4.01 -44.61 -20.96
N ASP C 532 -5.01 -44.54 -21.83
CA ASP C 532 -5.18 -43.35 -22.66
C ASP C 532 -6.17 -42.44 -21.96
N GLY C 533 -5.66 -41.66 -21.03
CA GLY C 533 -6.48 -40.76 -20.26
C GLY C 533 -5.83 -40.63 -18.90
N PRO C 534 -6.50 -40.00 -17.92
CA PRO C 534 -5.92 -39.83 -16.58
C PRO C 534 -5.72 -41.12 -15.80
N ALA C 535 -4.56 -41.25 -15.17
CA ALA C 535 -4.25 -42.40 -14.34
C ALA C 535 -3.45 -41.90 -13.13
N VAL C 536 -3.63 -42.55 -11.99
CA VAL C 536 -2.92 -42.21 -10.77
C VAL C 536 -2.32 -43.46 -10.16
N VAL C 537 -1.05 -43.41 -9.79
CA VAL C 537 -0.39 -44.56 -9.17
C VAL C 537 0.18 -44.11 -7.83
N ALA C 538 -0.20 -44.82 -6.77
CA ALA C 538 0.29 -44.51 -5.43
C ALA C 538 1.48 -45.41 -5.17
N ILE C 539 2.60 -44.81 -4.78
CA ILE C 539 3.82 -45.55 -4.53
C ILE C 539 4.34 -45.38 -3.11
N PRO C 540 4.17 -46.42 -2.27
CA PRO C 540 4.66 -46.34 -0.88
C PRO C 540 6.17 -46.17 -0.91
N VAL C 541 6.70 -45.17 -0.19
CA VAL C 541 8.14 -44.93 -0.18
C VAL C 541 8.75 -44.97 1.21
N ASP C 542 9.96 -45.49 1.31
CA ASP C 542 10.67 -45.54 2.59
C ASP C 542 11.70 -44.43 2.53
N TYR C 543 11.45 -43.37 3.28
CA TYR C 543 12.31 -42.20 3.31
C TYR C 543 13.46 -42.23 4.32
N ARG C 544 13.76 -43.40 4.86
CA ARG C 544 14.84 -43.53 5.85
C ARG C 544 16.19 -43.02 5.37
N ASP C 545 16.51 -43.23 4.09
CA ASP C 545 17.79 -42.80 3.53
C ASP C 545 17.94 -41.31 3.24
N ASN C 546 16.87 -40.54 3.47
CA ASN C 546 16.91 -39.11 3.19
C ASN C 546 18.05 -38.32 3.82
N PRO C 547 18.43 -38.63 5.08
CA PRO C 547 19.52 -37.89 5.73
C PRO C 547 20.76 -37.84 4.85
N LEU C 548 21.03 -38.94 4.16
CA LEU C 548 22.18 -39.02 3.27
C LEU C 548 22.09 -37.95 2.18
N LEU C 549 21.00 -38.01 1.42
CA LEU C 549 20.78 -37.06 0.33
C LEU C 549 20.72 -35.61 0.82
N MET C 550 19.97 -35.38 1.89
CA MET C 550 19.82 -34.03 2.42
C MET C 550 21.18 -33.47 2.85
N GLY C 551 22.12 -34.36 3.15
CA GLY C 551 23.44 -33.92 3.55
C GLY C 551 24.21 -33.35 2.37
N GLN C 552 23.67 -33.52 1.16
CA GLN C 552 24.30 -33.01 -0.04
C GLN C 552 23.74 -31.65 -0.44
N LEU C 553 22.83 -31.12 0.36
CA LEU C 553 22.22 -29.82 0.09
C LEU C 553 22.99 -28.67 0.70
N HIS C 554 22.94 -27.51 0.05
CA HIS C 554 23.60 -26.33 0.58
C HIS C 554 23.06 -26.12 1.99
N LEU C 555 21.76 -26.40 2.14
CA LEU C 555 21.05 -26.25 3.40
C LEU C 555 21.72 -26.93 4.58
N SER C 556 22.16 -28.18 4.40
CA SER C 556 22.83 -28.91 5.47
C SER C 556 24.09 -28.21 5.93
N GLN C 557 24.77 -27.53 5.01
CA GLN C 557 26.00 -26.81 5.34
C GLN C 557 25.62 -25.50 6.02
N ILE C 558 24.35 -25.11 5.91
CA ILE C 558 23.85 -23.89 6.51
C ILE C 558 23.53 -24.06 7.99
N VAL D 7 9.38 -11.38 33.75
CA VAL D 7 10.30 -11.34 32.58
C VAL D 7 11.31 -12.47 32.66
N ARG D 8 11.55 -13.12 31.51
CA ARG D 8 12.48 -14.23 31.44
C ARG D 8 13.41 -14.10 30.25
N GLN D 9 14.38 -15.01 30.17
CA GLN D 9 15.32 -15.03 29.06
C GLN D 9 15.02 -16.32 28.31
N TRP D 10 14.35 -16.19 27.17
CA TRP D 10 13.97 -17.35 26.38
C TRP D 10 15.03 -17.74 25.35
N ALA D 11 15.29 -19.03 25.24
CA ALA D 11 16.27 -19.53 24.29
C ALA D 11 15.77 -19.41 22.86
N HIS D 12 14.45 -19.35 22.70
CA HIS D 12 13.84 -19.25 21.37
C HIS D 12 12.60 -18.36 21.40
N GLY D 13 12.52 -17.43 20.48
CA GLY D 13 11.35 -16.56 20.42
C GLY D 13 10.10 -17.44 20.32
N ALA D 14 10.26 -18.61 19.72
CA ALA D 14 9.15 -19.54 19.56
C ALA D 14 8.58 -19.95 20.91
N ASP D 15 9.43 -20.11 21.91
CA ASP D 15 8.97 -20.50 23.23
C ASP D 15 8.05 -19.44 23.85
N LEU D 16 8.42 -18.17 23.64
CA LEU D 16 7.63 -17.07 24.17
C LEU D 16 6.28 -17.03 23.45
N VAL D 17 6.30 -17.22 22.13
CA VAL D 17 5.06 -17.22 21.35
C VAL D 17 4.13 -18.30 21.90
N VAL D 18 4.65 -19.49 22.15
CA VAL D 18 3.81 -20.55 22.67
C VAL D 18 3.24 -20.19 24.05
N SER D 19 4.07 -19.64 24.93
CA SER D 19 3.59 -19.26 26.25
C SER D 19 2.48 -18.23 26.16
N GLN D 20 2.65 -17.27 25.25
CA GLN D 20 1.64 -16.24 25.07
C GLN D 20 0.34 -16.89 24.61
N LEU D 21 0.46 -17.92 23.78
CA LEU D 21 -0.71 -18.64 23.28
C LEU D 21 -1.42 -19.33 24.44
N GLU D 22 -0.64 -19.99 25.30
CA GLU D 22 -1.22 -20.68 26.46
C GLU D 22 -1.93 -19.65 27.35
N ALA D 23 -1.33 -18.48 27.49
CA ALA D 23 -1.89 -17.40 28.29
C ALA D 23 -3.23 -16.97 27.70
N GLN D 24 -3.35 -17.09 26.38
CA GLN D 24 -4.58 -16.72 25.70
C GLN D 24 -5.64 -17.81 25.83
N GLY D 25 -5.24 -18.95 26.39
CA GLY D 25 -6.17 -20.05 26.55
C GLY D 25 -6.40 -20.88 25.29
N VAL D 26 -5.51 -20.75 24.32
CA VAL D 26 -5.60 -21.50 23.07
C VAL D 26 -5.53 -23.01 23.35
N ARG D 27 -6.48 -23.77 22.83
CA ARG D 27 -6.50 -25.21 23.05
C ARG D 27 -5.90 -26.01 21.90
N GLN D 28 -5.91 -25.44 20.70
CA GLN D 28 -5.31 -26.11 19.55
C GLN D 28 -4.94 -25.10 18.49
N VAL D 29 -4.04 -25.51 17.61
CA VAL D 29 -3.59 -24.69 16.50
C VAL D 29 -3.80 -25.47 15.21
N PHE D 30 -4.32 -24.81 14.18
CA PHE D 30 -4.54 -25.45 12.90
C PHE D 30 -3.52 -24.94 11.90
N GLY D 31 -2.88 -25.84 11.15
CA GLY D 31 -1.92 -25.38 10.17
C GLY D 31 -1.12 -26.43 9.45
N ILE D 32 -0.07 -25.97 8.77
CA ILE D 32 0.83 -26.83 8.01
C ILE D 32 2.23 -26.27 8.25
N PRO D 33 3.15 -27.09 8.78
CA PRO D 33 4.52 -26.64 9.05
C PRO D 33 5.36 -26.41 7.81
N GLY D 34 6.45 -25.67 8.02
CA GLY D 34 7.40 -25.34 6.96
C GLY D 34 8.68 -24.90 7.63
N ALA D 35 9.79 -24.94 6.92
CA ALA D 35 11.09 -24.58 7.47
C ALA D 35 11.10 -23.28 8.31
N LYS D 36 10.63 -22.19 7.72
CA LYS D 36 10.64 -20.91 8.40
C LYS D 36 9.89 -20.87 9.73
N ILE D 37 8.82 -21.64 9.82
CA ILE D 37 8.00 -21.64 11.02
C ILE D 37 8.09 -22.91 11.89
N ASP D 38 8.87 -23.92 11.48
CA ASP D 38 8.88 -25.14 12.27
C ASP D 38 9.30 -25.04 13.73
N LYS D 39 9.97 -23.96 14.14
CA LYS D 39 10.33 -23.86 15.55
C LYS D 39 9.09 -23.68 16.43
N VAL D 40 8.07 -22.98 15.91
CA VAL D 40 6.85 -22.80 16.68
C VAL D 40 6.13 -24.14 16.81
N PHE D 41 6.13 -24.92 15.73
CA PHE D 41 5.49 -26.24 15.79
C PHE D 41 6.23 -27.08 16.82
N ASP D 42 7.56 -27.03 16.80
CA ASP D 42 8.37 -27.80 17.75
C ASP D 42 8.05 -27.37 19.19
N SER D 43 8.03 -26.06 19.44
CA SER D 43 7.75 -25.57 20.78
C SER D 43 6.37 -26.04 21.28
N LEU D 44 5.41 -26.15 20.37
CA LEU D 44 4.08 -26.59 20.77
C LEU D 44 4.08 -28.02 21.32
N LEU D 45 5.10 -28.79 20.95
CA LEU D 45 5.21 -30.17 21.44
C LEU D 45 5.30 -30.20 22.96
N ASP D 46 5.97 -29.20 23.54
CA ASP D 46 6.13 -29.11 24.99
C ASP D 46 4.98 -28.34 25.63
N SER D 47 3.91 -28.13 24.86
CA SER D 47 2.77 -27.38 25.36
C SER D 47 1.49 -28.20 25.45
N SER D 48 0.51 -27.67 26.17
CA SER D 48 -0.78 -28.31 26.34
C SER D 48 -1.61 -28.08 25.09
N ILE D 49 -1.12 -27.19 24.23
CA ILE D 49 -1.84 -26.86 23.00
C ILE D 49 -1.72 -27.99 21.99
N ARG D 50 -2.86 -28.44 21.48
CA ARG D 50 -2.90 -29.52 20.50
C ARG D 50 -2.58 -29.04 19.08
N ILE D 51 -1.65 -29.74 18.42
CA ILE D 51 -1.25 -29.41 17.07
C ILE D 51 -2.15 -30.18 16.10
N ILE D 52 -2.93 -29.47 15.30
CA ILE D 52 -3.80 -30.13 14.34
C ILE D 52 -3.43 -29.86 12.89
N PRO D 53 -2.67 -30.79 12.28
CA PRO D 53 -2.28 -30.59 10.88
C PRO D 53 -3.49 -30.63 9.96
N VAL D 54 -3.58 -29.67 9.03
CA VAL D 54 -4.68 -29.68 8.07
C VAL D 54 -4.04 -30.02 6.72
N ARG D 55 -4.85 -30.15 5.67
CA ARG D 55 -4.32 -30.50 4.36
C ARG D 55 -4.19 -29.33 3.40
N HIS D 56 -4.83 -28.22 3.75
CA HIS D 56 -4.72 -26.99 2.97
C HIS D 56 -4.94 -25.83 3.93
N GLU D 57 -3.98 -24.89 3.97
CA GLU D 57 -4.03 -23.75 4.88
C GLU D 57 -5.36 -22.99 4.93
N ALA D 58 -6.01 -22.83 3.79
CA ALA D 58 -7.28 -22.10 3.75
C ALA D 58 -8.23 -22.67 4.79
N ASN D 59 -8.26 -23.99 4.91
CA ASN D 59 -9.15 -24.65 5.86
C ASN D 59 -8.73 -24.44 7.29
N ALA D 60 -7.46 -24.11 7.49
CA ALA D 60 -6.98 -23.84 8.83
C ALA D 60 -7.69 -22.56 9.28
N ALA D 61 -7.85 -21.61 8.35
CA ALA D 61 -8.53 -20.34 8.63
C ALA D 61 -10.02 -20.58 8.86
N PHE D 62 -10.61 -21.42 8.02
CA PHE D 62 -12.04 -21.72 8.17
C PHE D 62 -12.31 -22.39 9.52
N MET D 63 -11.47 -23.36 9.89
CA MET D 63 -11.65 -24.06 11.17
C MET D 63 -11.45 -23.13 12.36
N ALA D 64 -10.44 -22.27 12.28
CA ALA D 64 -10.18 -21.34 13.36
C ALA D 64 -11.38 -20.42 13.55
N ALA D 65 -11.98 -20.00 12.44
CA ALA D 65 -13.14 -19.12 12.46
C ALA D 65 -14.28 -19.72 13.29
N ALA D 66 -14.55 -21.01 13.09
CA ALA D 66 -15.62 -21.68 13.80
C ALA D 66 -15.32 -21.72 15.30
N VAL D 67 -14.05 -21.93 15.65
CA VAL D 67 -13.66 -21.98 17.05
C VAL D 67 -13.87 -20.61 17.68
N GLY D 68 -13.48 -19.56 16.95
CA GLY D 68 -13.62 -18.20 17.42
C GLY D 68 -15.06 -17.76 17.57
N ARG D 69 -15.89 -18.11 16.58
CA ARG D 69 -17.29 -17.74 16.61
C ARG D 69 -17.99 -18.30 17.85
N ILE D 70 -17.70 -19.54 18.18
CA ILE D 70 -18.34 -20.18 19.32
C ILE D 70 -17.82 -19.73 20.68
N THR D 71 -16.50 -19.74 20.86
CA THR D 71 -15.91 -19.38 22.15
C THR D 71 -15.68 -17.89 22.39
N GLY D 72 -15.66 -17.09 21.34
CA GLY D 72 -15.41 -15.68 21.55
C GLY D 72 -13.92 -15.43 21.71
N LYS D 73 -13.15 -16.52 21.75
CA LYS D 73 -11.70 -16.46 21.86
C LYS D 73 -11.20 -16.87 20.47
N ALA D 74 -10.25 -16.12 19.92
CA ALA D 74 -9.76 -16.37 18.57
C ALA D 74 -9.21 -17.77 18.28
N GLY D 75 -9.64 -18.33 17.16
CA GLY D 75 -9.13 -19.63 16.74
C GLY D 75 -7.74 -19.34 16.18
N VAL D 76 -6.84 -20.32 16.18
CA VAL D 76 -5.48 -20.04 15.70
C VAL D 76 -4.97 -20.89 14.54
N ALA D 77 -4.47 -20.20 13.51
CA ALA D 77 -3.88 -20.85 12.35
C ALA D 77 -2.38 -20.57 12.38
N LEU D 78 -1.59 -21.58 12.00
CA LEU D 78 -0.13 -21.49 12.00
C LEU D 78 0.38 -22.03 10.66
N VAL D 79 1.02 -21.18 9.86
CA VAL D 79 1.53 -21.56 8.57
C VAL D 79 2.96 -21.08 8.36
N THR D 80 3.59 -21.55 7.29
CA THR D 80 4.95 -21.14 6.99
C THR D 80 4.94 -19.98 6.01
N SER D 81 6.13 -19.50 5.65
CA SER D 81 6.26 -18.36 4.74
C SER D 81 5.77 -18.62 3.30
N GLY D 82 5.73 -17.55 2.51
CA GLY D 82 5.33 -17.63 1.12
C GLY D 82 3.98 -18.25 0.85
N PRO D 83 3.94 -19.35 0.08
CA PRO D 83 2.66 -20.01 -0.23
C PRO D 83 1.90 -20.42 1.03
N GLY D 84 2.62 -20.61 2.13
CA GLY D 84 1.98 -20.96 3.38
C GLY D 84 0.98 -19.89 3.81
N CYS D 85 1.40 -18.64 3.67
CA CYS D 85 0.53 -17.53 4.05
C CYS D 85 -0.43 -17.10 2.94
N SER D 86 0.03 -17.09 1.69
CA SER D 86 -0.88 -16.69 0.62
C SER D 86 -2.06 -17.67 0.49
N ASN D 87 -1.88 -18.91 0.96
CA ASN D 87 -2.96 -19.91 0.89
C ASN D 87 -4.05 -19.63 1.93
N LEU D 88 -3.78 -18.70 2.85
CA LEU D 88 -4.73 -18.34 3.91
C LEU D 88 -5.66 -17.17 3.58
N ILE D 89 -5.28 -16.36 2.60
CA ILE D 89 -6.03 -15.16 2.23
C ILE D 89 -7.55 -15.26 2.14
N THR D 90 -8.06 -16.13 1.28
CA THR D 90 -9.51 -16.26 1.17
C THR D 90 -10.15 -16.63 2.51
N GLY D 91 -9.49 -17.52 3.26
CA GLY D 91 -10.02 -17.92 4.55
C GLY D 91 -10.03 -16.80 5.58
N MET D 92 -8.98 -15.99 5.57
CA MET D 92 -8.90 -14.88 6.51
C MET D 92 -9.95 -13.82 6.16
N ALA D 93 -10.15 -13.62 4.87
CA ALA D 93 -11.13 -12.64 4.39
C ALA D 93 -12.53 -13.06 4.81
N THR D 94 -12.80 -14.36 4.72
CA THR D 94 -14.11 -14.87 5.09
C THR D 94 -14.34 -14.66 6.58
N ALA D 95 -13.32 -14.93 7.39
CA ALA D 95 -13.43 -14.75 8.83
C ALA D 95 -13.67 -13.28 9.17
N ASN D 96 -12.93 -12.38 8.52
CA ASN D 96 -13.08 -10.96 8.79
C ASN D 96 -14.46 -10.46 8.39
N SER D 97 -14.97 -10.94 7.26
CA SER D 97 -16.29 -10.56 6.76
C SER D 97 -17.44 -10.98 7.67
N GLU D 98 -17.31 -12.14 8.29
CA GLU D 98 -18.35 -12.68 9.16
C GLU D 98 -18.18 -12.31 10.64
N GLY D 99 -17.08 -11.65 10.96
CA GLY D 99 -16.84 -11.24 12.33
C GLY D 99 -16.32 -12.34 13.23
N ASP D 100 -15.64 -13.32 12.64
CA ASP D 100 -15.09 -14.42 13.41
C ASP D 100 -13.67 -14.09 13.87
N PRO D 101 -13.41 -14.17 15.18
CA PRO D 101 -12.08 -13.87 15.71
C PRO D 101 -11.08 -14.97 15.36
N VAL D 102 -10.06 -14.58 14.58
CA VAL D 102 -9.02 -15.51 14.14
C VAL D 102 -7.66 -14.86 14.17
N VAL D 103 -6.68 -15.54 14.77
CA VAL D 103 -5.32 -15.03 14.80
C VAL D 103 -4.51 -16.02 13.97
N ALA D 104 -3.85 -15.54 12.92
CA ALA D 104 -3.03 -16.39 12.08
C ALA D 104 -1.57 -15.99 12.25
N LEU D 105 -0.73 -16.95 12.56
CA LEU D 105 0.70 -16.71 12.73
C LEU D 105 1.39 -17.33 11.53
N GLY D 106 1.99 -16.48 10.69
CA GLY D 106 2.66 -16.96 9.50
C GLY D 106 4.16 -16.72 9.52
N GLY D 107 4.92 -17.74 9.11
CA GLY D 107 6.37 -17.62 9.07
C GLY D 107 6.80 -16.62 8.02
N ALA D 108 8.05 -16.19 8.08
CA ALA D 108 8.61 -15.24 7.12
C ALA D 108 10.12 -15.46 7.05
N VAL D 109 10.74 -15.03 5.97
CA VAL D 109 12.18 -15.20 5.82
C VAL D 109 12.89 -14.39 6.90
N LYS D 110 14.14 -14.76 7.19
CA LYS D 110 14.92 -14.04 8.20
C LYS D 110 14.94 -12.57 7.84
N ARG D 111 15.00 -11.71 8.85
CA ARG D 111 15.00 -10.27 8.63
C ARG D 111 16.10 -9.84 7.67
N ALA D 112 17.30 -10.40 7.84
CA ALA D 112 18.43 -10.07 6.98
C ALA D 112 18.13 -10.38 5.52
N ASP D 113 17.38 -11.46 5.29
CA ASP D 113 17.05 -11.87 3.92
C ASP D 113 15.95 -11.03 3.26
N LYS D 114 15.10 -10.40 4.08
CA LYS D 114 14.02 -9.58 3.52
C LYS D 114 14.59 -8.31 2.89
N SER D 121 11.26 -10.82 -1.60
CA SER D 121 10.45 -11.07 -0.41
C SER D 121 8.97 -10.79 -0.68
N MET D 122 8.10 -11.61 -0.11
CA MET D 122 6.66 -11.47 -0.28
C MET D 122 6.13 -10.56 0.83
N ASP D 123 5.53 -9.44 0.45
CA ASP D 123 4.99 -8.51 1.43
C ASP D 123 3.63 -9.00 1.93
N THR D 124 3.67 -9.94 2.86
CA THR D 124 2.44 -10.53 3.40
C THR D 124 1.57 -9.54 4.17
N VAL D 125 2.20 -8.64 4.93
CA VAL D 125 1.43 -7.65 5.67
C VAL D 125 0.56 -6.87 4.70
N ALA D 126 1.13 -6.47 3.56
CA ALA D 126 0.42 -5.71 2.56
C ALA D 126 -0.70 -6.54 1.94
N MET D 127 -0.43 -7.83 1.73
CA MET D 127 -1.41 -8.72 1.14
C MET D 127 -2.59 -8.98 2.07
N PHE D 128 -2.33 -9.10 3.36
CA PHE D 128 -3.37 -9.35 4.35
C PHE D 128 -4.14 -8.13 4.84
N SER D 129 -3.51 -6.96 4.83
CA SER D 129 -4.18 -5.74 5.30
C SER D 129 -5.59 -5.54 4.78
N PRO D 130 -5.83 -5.76 3.48
CA PRO D 130 -7.18 -5.56 2.95
C PRO D 130 -8.24 -6.57 3.43
N VAL D 131 -7.83 -7.66 4.07
CA VAL D 131 -8.78 -8.67 4.50
C VAL D 131 -8.72 -9.05 5.97
N THR D 132 -8.10 -8.20 6.78
CA THR D 132 -7.96 -8.44 8.21
C THR D 132 -8.20 -7.13 8.98
N LYS D 133 -8.32 -7.22 10.30
CA LYS D 133 -8.51 -6.04 11.15
C LYS D 133 -7.14 -5.59 11.63
N TYR D 134 -6.21 -6.55 11.67
CA TYR D 134 -4.87 -6.31 12.17
C TYR D 134 -3.87 -7.19 11.40
N ALA D 135 -2.82 -6.57 10.87
CA ALA D 135 -1.79 -7.29 10.13
C ALA D 135 -0.45 -6.63 10.45
N ILE D 136 0.46 -7.39 11.07
CA ILE D 136 1.75 -6.85 11.45
C ILE D 136 2.87 -7.90 11.44
N GLU D 137 4.09 -7.43 11.23
CA GLU D 137 5.26 -8.30 11.21
C GLU D 137 6.16 -7.94 12.38
N VAL D 138 6.67 -8.94 13.08
CA VAL D 138 7.56 -8.72 14.22
C VAL D 138 8.97 -8.47 13.72
N THR D 139 9.43 -7.23 13.84
CA THR D 139 10.77 -6.87 13.40
C THR D 139 11.70 -6.69 14.59
N ALA D 140 11.14 -6.79 15.79
CA ALA D 140 11.90 -6.66 17.02
C ALA D 140 11.54 -7.80 17.96
N PRO D 141 12.49 -8.73 18.19
CA PRO D 141 12.25 -9.86 19.06
C PRO D 141 11.67 -9.51 20.43
N ASP D 142 12.00 -8.32 20.93
CA ASP D 142 11.50 -7.89 22.23
C ASP D 142 10.03 -7.46 22.17
N ALA D 143 9.47 -7.42 20.97
CA ALA D 143 8.08 -7.01 20.79
C ALA D 143 7.21 -8.23 20.47
N LEU D 144 7.86 -9.38 20.34
CA LEU D 144 7.19 -10.63 20.01
C LEU D 144 5.93 -10.88 20.83
N ALA D 145 6.08 -10.99 22.15
CA ALA D 145 4.94 -11.25 23.02
C ALA D 145 3.83 -10.20 22.92
N GLU D 146 4.19 -8.93 22.85
CA GLU D 146 3.17 -7.89 22.77
C GLU D 146 2.43 -7.90 21.43
N VAL D 147 3.15 -8.17 20.36
CA VAL D 147 2.53 -8.21 19.04
C VAL D 147 1.50 -9.35 18.99
N VAL D 148 1.84 -10.49 19.56
CA VAL D 148 0.94 -11.64 19.58
C VAL D 148 -0.27 -11.33 20.44
N SER D 149 -0.02 -10.78 21.63
CA SER D 149 -1.11 -10.43 22.54
C SER D 149 -2.08 -9.47 21.87
N ASN D 150 -1.56 -8.44 21.22
CA ASN D 150 -2.40 -7.46 20.56
C ASN D 150 -3.16 -8.04 19.38
N ALA D 151 -2.63 -9.12 18.78
CA ALA D 151 -3.30 -9.76 17.66
C ALA D 151 -4.63 -10.30 18.16
N PHE D 152 -4.60 -10.93 19.32
CA PHE D 152 -5.80 -11.48 19.94
C PHE D 152 -6.75 -10.36 20.37
N ARG D 153 -6.21 -9.29 20.94
CA ARG D 153 -7.03 -8.16 21.36
C ARG D 153 -7.79 -7.60 20.18
N ALA D 154 -7.07 -7.37 19.09
CA ALA D 154 -7.65 -6.81 17.88
C ALA D 154 -8.68 -7.74 17.25
N ALA D 155 -8.45 -9.03 17.31
CA ALA D 155 -9.38 -9.98 16.71
C ALA D 155 -10.62 -10.24 17.55
N GLU D 156 -10.45 -10.23 18.87
CA GLU D 156 -11.56 -10.51 19.78
C GLU D 156 -12.42 -9.33 20.25
N GLN D 157 -11.88 -8.12 20.21
CA GLN D 157 -12.62 -6.97 20.69
C GLN D 157 -13.50 -6.24 19.68
N GLY D 158 -14.41 -5.41 20.18
CA GLY D 158 -15.33 -4.67 19.32
C GLY D 158 -16.05 -5.68 18.47
N ARG D 159 -16.18 -5.39 17.18
CA ARG D 159 -16.78 -6.34 16.26
C ARG D 159 -15.57 -7.19 15.85
N PRO D 160 -15.53 -8.46 16.31
CA PRO D 160 -14.44 -9.40 16.03
C PRO D 160 -14.05 -9.54 14.57
N GLY D 161 -12.82 -10.01 14.34
CA GLY D 161 -12.32 -10.19 12.98
C GLY D 161 -11.03 -10.97 12.94
N SER D 162 -10.39 -11.01 11.78
CA SER D 162 -9.14 -11.75 11.65
C SER D 162 -7.90 -10.86 11.79
N ALA D 163 -6.85 -11.44 12.37
CA ALA D 163 -5.59 -10.75 12.59
C ALA D 163 -4.44 -11.63 12.11
N PHE D 164 -3.48 -11.03 11.43
CA PHE D 164 -2.33 -11.74 10.90
C PHE D 164 -1.01 -11.25 11.49
N VAL D 165 -0.17 -12.17 11.95
CA VAL D 165 1.13 -11.83 12.52
C VAL D 165 2.23 -12.55 11.74
N SER D 166 3.12 -11.78 11.10
CA SER D 166 4.23 -12.35 10.35
C SER D 166 5.41 -12.53 11.31
N LEU D 167 5.92 -13.76 11.37
CA LEU D 167 7.02 -14.10 12.27
C LEU D 167 8.32 -14.50 11.58
N PRO D 168 9.28 -13.57 11.46
CA PRO D 168 10.56 -13.89 10.80
C PRO D 168 11.24 -15.09 11.45
N GLN D 169 11.77 -15.98 10.63
CA GLN D 169 12.46 -17.18 11.12
C GLN D 169 13.51 -16.88 12.18
N ASP D 170 14.38 -15.92 11.93
CA ASP D 170 15.44 -15.58 12.88
C ASP D 170 14.86 -15.11 14.22
N VAL D 171 13.69 -14.46 14.17
CA VAL D 171 13.05 -13.97 15.38
C VAL D 171 12.51 -15.09 16.27
N VAL D 172 11.94 -16.13 15.68
CA VAL D 172 11.41 -17.23 16.48
C VAL D 172 12.46 -18.27 16.84
N ASP D 173 13.53 -18.34 16.06
CA ASP D 173 14.58 -19.30 16.33
C ASP D 173 15.60 -18.76 17.33
N GLY D 174 15.80 -17.44 17.31
CA GLY D 174 16.75 -16.81 18.20
C GLY D 174 16.29 -16.52 19.62
N PRO D 175 17.24 -16.29 20.54
CA PRO D 175 16.91 -16.00 21.94
C PRO D 175 16.12 -14.70 22.08
N VAL D 176 15.37 -14.59 23.17
CA VAL D 176 14.57 -13.40 23.39
C VAL D 176 14.37 -13.13 24.87
N SER D 177 14.24 -11.85 25.20
CA SER D 177 14.01 -11.42 26.57
C SER D 177 12.64 -10.77 26.62
N GLY D 178 11.79 -11.30 27.49
CA GLY D 178 10.44 -10.75 27.61
C GLY D 178 9.63 -11.55 28.61
N LYS D 179 8.41 -11.10 28.84
CA LYS D 179 7.50 -11.77 29.77
C LYS D 179 6.17 -12.02 29.09
N VAL D 180 5.47 -13.06 29.52
CA VAL D 180 4.17 -13.39 28.96
C VAL D 180 3.15 -12.33 29.40
N LEU D 181 2.68 -11.54 28.44
CA LEU D 181 1.69 -10.51 28.76
C LEU D 181 0.38 -11.18 29.12
N PRO D 182 -0.10 -10.96 30.35
CA PRO D 182 -1.36 -11.58 30.77
C PRO D 182 -2.51 -11.25 29.82
N ALA D 183 -3.40 -12.21 29.64
CA ALA D 183 -4.56 -12.03 28.76
C ALA D 183 -5.61 -11.20 29.47
N SER D 184 -5.73 -9.93 29.06
CA SER D 184 -6.70 -9.03 29.68
C SER D 184 -8.10 -9.33 29.15
N GLY D 185 -8.18 -9.91 27.97
CA GLY D 185 -9.46 -10.21 27.37
C GLY D 185 -10.17 -8.91 27.03
N ALA D 186 -11.13 -8.98 26.11
CA ALA D 186 -11.87 -7.79 25.70
C ALA D 186 -12.39 -7.02 26.92
N PRO D 187 -11.93 -5.77 27.09
CA PRO D 187 -12.36 -4.93 28.22
C PRO D 187 -13.88 -4.84 28.27
N GLN D 188 -14.40 -4.68 29.48
CA GLN D 188 -15.84 -4.58 29.68
C GLN D 188 -16.30 -3.14 29.74
N MET D 189 -16.98 -2.67 28.70
CA MET D 189 -17.50 -1.31 28.69
C MET D 189 -18.74 -1.31 29.57
N GLY D 190 -19.17 -0.12 29.97
CA GLY D 190 -20.37 -0.02 30.78
C GLY D 190 -21.54 0.13 29.83
N ALA D 191 -22.74 -0.07 30.33
CA ALA D 191 -23.94 0.08 29.51
C ALA D 191 -24.00 1.54 29.05
N ALA D 192 -24.75 1.82 27.98
CA ALA D 192 -24.88 3.18 27.50
C ALA D 192 -25.40 4.07 28.64
N PRO D 193 -25.13 5.38 28.59
CA PRO D 193 -25.58 6.31 29.65
C PRO D 193 -27.09 6.29 29.94
N ASP D 194 -27.42 6.44 31.22
CA ASP D 194 -28.83 6.44 31.65
C ASP D 194 -29.69 7.41 30.87
N ASP D 195 -29.16 8.61 30.61
CA ASP D 195 -29.91 9.61 29.85
C ASP D 195 -30.20 9.15 28.44
N ALA D 196 -29.28 8.37 27.88
CA ALA D 196 -29.44 7.86 26.52
C ALA D 196 -30.50 6.77 26.51
N ILE D 197 -30.49 5.95 27.55
CA ILE D 197 -31.44 4.85 27.65
C ILE D 197 -32.85 5.39 27.89
N ASP D 198 -32.97 6.45 28.70
CA ASP D 198 -34.26 7.06 28.98
C ASP D 198 -34.81 7.61 27.68
N GLN D 199 -33.94 8.25 26.89
CA GLN D 199 -34.33 8.82 25.61
C GLN D 199 -34.89 7.75 24.66
N VAL D 200 -34.23 6.59 24.60
CA VAL D 200 -34.68 5.51 23.73
C VAL D 200 -35.98 4.89 24.26
N ALA D 201 -36.03 4.65 25.56
CA ALA D 201 -37.22 4.08 26.18
C ALA D 201 -38.42 4.99 25.89
N LYS D 202 -38.14 6.29 25.78
CA LYS D 202 -39.16 7.28 25.52
C LYS D 202 -39.61 7.26 24.06
N LEU D 203 -38.66 7.05 23.15
CA LEU D 203 -38.99 6.98 21.72
C LEU D 203 -39.85 5.75 21.47
N ILE D 204 -39.56 4.66 22.19
CA ILE D 204 -40.34 3.44 22.04
C ILE D 204 -41.75 3.70 22.52
N ALA D 205 -41.90 4.64 23.45
CA ALA D 205 -43.21 5.01 23.97
C ALA D 205 -43.95 5.82 22.93
N GLN D 206 -43.29 6.86 22.42
CA GLN D 206 -43.87 7.74 21.40
C GLN D 206 -43.87 7.09 20.03
N ALA D 207 -43.77 5.76 19.99
CA ALA D 207 -43.74 5.00 18.74
C ALA D 207 -44.92 4.05 18.58
N LYS D 208 -45.46 4.00 17.36
CA LYS D 208 -46.60 3.14 17.07
C LYS D 208 -46.19 1.91 16.25
N ASN D 209 -45.17 2.06 15.42
CA ASN D 209 -44.67 0.96 14.60
C ASN D 209 -43.17 0.74 14.80
N PRO D 210 -42.77 0.27 15.99
CA PRO D 210 -41.37 0.01 16.29
C PRO D 210 -40.94 -1.39 15.87
N ILE D 211 -39.66 -1.53 15.51
CA ILE D 211 -39.13 -2.83 15.12
C ILE D 211 -37.63 -2.92 15.40
N PHE D 212 -37.20 -4.11 15.82
CA PHE D 212 -35.80 -4.36 16.13
C PHE D 212 -35.10 -4.98 14.93
N LEU D 213 -34.00 -4.37 14.48
CA LEU D 213 -33.22 -4.91 13.38
C LEU D 213 -31.94 -5.43 14.02
N LEU D 214 -31.80 -6.74 14.06
CA LEU D 214 -30.63 -7.34 14.69
C LEU D 214 -29.48 -7.57 13.73
N GLY D 215 -28.27 -7.22 14.20
CA GLY D 215 -27.08 -7.41 13.41
C GLY D 215 -26.21 -8.41 14.13
N LEU D 216 -25.04 -8.70 13.56
CA LEU D 216 -24.10 -9.67 14.13
C LEU D 216 -23.93 -9.71 15.65
N MET D 217 -23.58 -8.57 16.26
CA MET D 217 -23.33 -8.54 17.70
C MET D 217 -24.51 -8.94 18.59
N ALA D 218 -25.72 -8.72 18.09
CA ALA D 218 -26.92 -9.09 18.85
C ALA D 218 -26.94 -10.61 19.07
N SER D 219 -26.24 -11.34 18.21
CA SER D 219 -26.23 -12.80 18.33
C SER D 219 -25.12 -13.39 19.23
N GLN D 220 -24.24 -12.54 19.75
CA GLN D 220 -23.18 -13.04 20.62
C GLN D 220 -23.80 -13.63 21.88
N PRO D 221 -23.22 -14.72 22.40
CA PRO D 221 -23.75 -15.36 23.60
C PRO D 221 -23.92 -14.47 24.83
N GLU D 222 -23.04 -13.48 25.00
CA GLU D 222 -23.14 -12.59 26.16
C GLU D 222 -24.40 -11.73 26.13
N ASN D 223 -25.06 -11.66 24.98
CA ASN D 223 -26.27 -10.83 24.83
C ASN D 223 -27.58 -11.59 24.74
N SER D 224 -27.51 -12.92 24.83
CA SER D 224 -28.67 -13.77 24.72
C SER D 224 -29.76 -13.49 25.76
N LYS D 225 -29.39 -13.52 27.03
CA LYS D 225 -30.34 -13.27 28.11
C LYS D 225 -30.93 -11.86 28.04
N ALA D 226 -30.07 -10.87 27.86
CA ALA D 226 -30.51 -9.48 27.79
C ALA D 226 -31.45 -9.25 26.62
N LEU D 227 -31.18 -9.91 25.50
CA LEU D 227 -32.00 -9.78 24.31
C LEU D 227 -33.38 -10.36 24.57
N ARG D 228 -33.41 -11.58 25.10
CA ARG D 228 -34.68 -12.25 25.41
C ARG D 228 -35.49 -11.40 26.39
N ARG D 229 -34.80 -10.86 27.39
CA ARG D 229 -35.43 -10.02 28.41
C ARG D 229 -36.06 -8.78 27.79
N LEU D 230 -35.38 -8.17 26.83
CA LEU D 230 -35.90 -6.99 26.17
C LEU D 230 -37.07 -7.33 25.25
N LEU D 231 -36.96 -8.45 24.55
CA LEU D 231 -38.03 -8.89 23.64
C LEU D 231 -39.28 -9.27 24.42
N GLU D 232 -39.10 -10.01 25.51
CA GLU D 232 -40.22 -10.45 26.34
C GLU D 232 -40.95 -9.30 27.01
N THR D 233 -40.25 -8.25 27.44
CA THR D 233 -40.91 -7.14 28.10
C THR D 233 -41.50 -6.11 27.15
N SER D 234 -40.91 -5.98 25.96
CA SER D 234 -41.38 -4.99 25.00
C SER D 234 -42.25 -5.60 23.91
N HIS D 235 -42.06 -6.89 23.65
CA HIS D 235 -42.79 -7.62 22.62
C HIS D 235 -42.75 -6.91 21.26
N ILE D 236 -41.71 -6.11 21.04
CA ILE D 236 -41.56 -5.40 19.78
C ILE D 236 -41.11 -6.38 18.69
N PRO D 237 -41.63 -6.23 17.46
CA PRO D 237 -41.26 -7.11 16.35
C PRO D 237 -39.75 -7.14 16.09
N VAL D 238 -39.25 -8.26 15.59
CA VAL D 238 -37.81 -8.36 15.32
C VAL D 238 -37.48 -9.02 13.99
N THR D 239 -36.50 -8.43 13.30
CA THR D 239 -36.03 -8.97 12.03
C THR D 239 -34.50 -8.98 12.16
N SER D 240 -33.84 -9.88 11.44
CA SER D 240 -32.39 -10.00 11.53
C SER D 240 -31.64 -10.15 10.22
N THR D 241 -30.36 -9.79 10.23
CA THR D 241 -29.50 -9.95 9.06
C THR D 241 -29.07 -11.39 9.15
N TYR D 242 -28.53 -11.95 8.09
CA TYR D 242 -28.10 -13.34 8.19
C TYR D 242 -26.94 -13.54 9.13
N GLN D 243 -26.12 -12.51 9.34
CA GLN D 243 -25.02 -12.64 10.29
C GLN D 243 -25.63 -12.89 11.67
N ALA D 244 -26.84 -12.35 11.88
CA ALA D 244 -27.56 -12.52 13.15
C ALA D 244 -28.69 -13.53 12.98
N ALA D 245 -28.56 -14.41 12.00
CA ALA D 245 -29.59 -15.41 11.72
C ALA D 245 -29.99 -16.27 12.93
N GLY D 246 -29.03 -16.53 13.82
CA GLY D 246 -29.31 -17.35 14.98
C GLY D 246 -29.66 -16.62 16.27
N ALA D 247 -29.72 -15.29 16.21
CA ALA D 247 -30.03 -14.49 17.41
C ALA D 247 -31.42 -14.85 17.92
N VAL D 248 -32.38 -14.88 17.00
CA VAL D 248 -33.77 -15.19 17.31
C VAL D 248 -34.34 -15.99 16.16
N ASN D 249 -35.22 -16.95 16.46
CA ASN D 249 -35.84 -17.74 15.40
C ASN D 249 -37.36 -17.72 15.60
N GLN D 250 -38.08 -18.22 14.60
CA GLN D 250 -39.54 -18.24 14.64
C GLN D 250 -40.17 -18.81 15.90
N ASP D 251 -39.70 -19.98 16.34
CA ASP D 251 -40.27 -20.65 17.50
C ASP D 251 -39.99 -20.08 18.89
N ASN D 252 -39.07 -19.14 19.00
CA ASN D 252 -38.79 -18.56 20.31
C ASN D 252 -39.34 -17.14 20.47
N PHE D 253 -40.00 -16.64 19.44
CA PHE D 253 -40.59 -15.30 19.50
C PHE D 253 -41.73 -15.15 18.50
N SER D 254 -42.95 -15.04 19.02
CA SER D 254 -44.14 -14.91 18.20
C SER D 254 -44.07 -13.81 17.15
N ARG D 255 -43.43 -12.69 17.48
CA ARG D 255 -43.34 -11.59 16.53
C ARG D 255 -42.04 -11.48 15.72
N PHE D 256 -41.43 -12.64 15.43
CA PHE D 256 -40.22 -12.67 14.62
C PHE D 256 -40.66 -12.46 13.16
N ALA D 257 -40.02 -11.53 12.46
CA ALA D 257 -40.40 -11.24 11.08
C ALA D 257 -39.48 -11.82 10.01
N GLY D 258 -38.61 -12.75 10.42
CA GLY D 258 -37.71 -13.39 9.49
C GLY D 258 -36.41 -12.65 9.24
N ARG D 259 -35.49 -13.32 8.54
CA ARG D 259 -34.21 -12.74 8.20
C ARG D 259 -34.27 -11.96 6.90
N VAL D 260 -33.69 -10.77 6.91
CA VAL D 260 -33.71 -9.92 5.72
C VAL D 260 -32.34 -9.82 5.04
N GLY D 261 -32.37 -9.73 3.72
CA GLY D 261 -31.16 -9.62 2.94
C GLY D 261 -31.15 -10.52 1.72
N LEU D 262 -31.99 -11.55 1.74
CA LEU D 262 -32.06 -12.49 0.63
C LEU D 262 -33.38 -12.49 -0.14
N PHE D 263 -34.48 -12.83 0.53
CA PHE D 263 -35.79 -12.89 -0.12
C PHE D 263 -36.53 -11.56 -0.18
N ASN D 264 -37.28 -11.37 -1.26
CA ASN D 264 -38.05 -10.14 -1.46
C ASN D 264 -39.47 -10.20 -0.92
N ASN D 265 -39.77 -11.25 -0.16
CA ASN D 265 -41.10 -11.42 0.40
C ASN D 265 -41.06 -11.54 1.92
N GLN D 266 -40.10 -10.88 2.55
CA GLN D 266 -39.97 -10.95 3.99
C GLN D 266 -40.80 -9.90 4.73
N ALA D 267 -41.34 -10.29 5.87
CA ALA D 267 -42.14 -9.42 6.69
C ALA D 267 -41.26 -8.35 7.34
N GLY D 268 -40.03 -8.74 7.68
CA GLY D 268 -39.10 -7.81 8.30
C GLY D 268 -38.95 -6.54 7.49
N ASP D 269 -38.84 -6.71 6.17
CA ASP D 269 -38.69 -5.56 5.28
C ASP D 269 -39.94 -4.69 5.27
N ARG D 270 -41.10 -5.32 5.19
CA ARG D 270 -42.35 -4.57 5.17
C ARG D 270 -42.46 -3.79 6.48
N LEU D 271 -42.18 -4.46 7.59
CA LEU D 271 -42.24 -3.82 8.89
C LEU D 271 -41.22 -2.69 9.00
N LEU D 272 -40.04 -2.87 8.41
CA LEU D 272 -39.02 -1.84 8.45
C LEU D 272 -39.47 -0.59 7.70
N GLN D 273 -40.11 -0.79 6.55
CA GLN D 273 -40.59 0.33 5.75
C GLN D 273 -41.78 1.05 6.40
N LEU D 274 -42.56 0.29 7.16
CA LEU D 274 -43.73 0.85 7.85
C LEU D 274 -43.29 1.59 9.11
N ALA D 275 -42.28 1.06 9.76
CA ALA D 275 -41.74 1.60 11.00
C ALA D 275 -41.54 3.10 11.08
N ASP D 276 -41.83 3.64 12.26
CA ASP D 276 -41.63 5.06 12.53
C ASP D 276 -40.45 5.13 13.50
N LEU D 277 -40.01 3.95 13.95
CA LEU D 277 -38.87 3.81 14.86
C LEU D 277 -38.17 2.48 14.60
N VAL D 278 -36.88 2.54 14.28
CA VAL D 278 -36.10 1.33 14.06
C VAL D 278 -34.93 1.32 15.02
N ILE D 279 -34.83 0.26 15.82
CA ILE D 279 -33.74 0.15 16.77
C ILE D 279 -32.82 -0.96 16.28
N CYS D 280 -31.63 -0.56 15.85
CA CYS D 280 -30.63 -1.50 15.35
C CYS D 280 -29.70 -1.91 16.48
N ILE D 281 -29.55 -3.22 16.65
CA ILE D 281 -28.70 -3.74 17.72
C ILE D 281 -27.56 -4.59 17.14
N GLY D 282 -26.33 -4.19 17.43
CA GLY D 282 -25.16 -4.91 16.94
C GLY D 282 -25.14 -5.00 15.42
N TYR D 283 -25.69 -3.99 14.76
CA TYR D 283 -25.78 -3.96 13.30
C TYR D 283 -24.86 -2.99 12.59
N SER D 284 -24.37 -3.41 11.43
CA SER D 284 -23.51 -2.60 10.59
C SER D 284 -24.12 -2.64 9.18
N PRO D 285 -24.15 -1.52 8.48
CA PRO D 285 -24.71 -1.45 7.12
C PRO D 285 -24.23 -2.55 6.16
N VAL D 286 -23.02 -3.07 6.39
CA VAL D 286 -22.46 -4.10 5.53
C VAL D 286 -23.27 -5.42 5.56
N GLU D 287 -23.98 -5.66 6.65
CA GLU D 287 -24.76 -6.89 6.80
C GLU D 287 -26.02 -6.91 5.92
N TYR D 288 -26.53 -5.73 5.61
CA TYR D 288 -27.73 -5.60 4.78
C TYR D 288 -27.84 -4.15 4.36
N GLU D 289 -27.67 -3.89 3.06
CA GLU D 289 -27.72 -2.54 2.53
C GLU D 289 -28.89 -1.69 3.03
N PRO D 290 -28.59 -0.59 3.72
CA PRO D 290 -29.63 0.31 4.26
C PRO D 290 -30.54 0.81 3.14
N ALA D 291 -29.99 0.92 1.94
CA ALA D 291 -30.76 1.38 0.79
C ALA D 291 -31.97 0.48 0.56
N MET D 292 -31.87 -0.76 1.02
CA MET D 292 -32.94 -1.73 0.84
C MET D 292 -34.07 -1.64 1.86
N TRP D 293 -33.85 -0.95 2.98
CA TRP D 293 -34.89 -0.86 4.01
C TRP D 293 -35.11 0.48 4.68
N ASN D 294 -34.14 1.38 4.62
CA ASN D 294 -34.28 2.68 5.28
C ASN D 294 -34.57 3.87 4.39
N SER D 295 -35.81 4.34 4.44
CA SER D 295 -36.23 5.50 3.65
C SER D 295 -35.83 6.78 4.38
N GLY D 296 -35.54 6.65 5.67
CA GLY D 296 -35.13 7.80 6.45
C GLY D 296 -36.25 8.43 7.26
N ASN D 297 -37.50 8.15 6.89
CA ASN D 297 -38.65 8.70 7.60
C ASN D 297 -38.82 8.17 9.02
N ALA D 298 -38.19 7.03 9.32
CA ALA D 298 -38.30 6.45 10.66
C ALA D 298 -37.17 6.95 11.55
N THR D 299 -37.48 7.16 12.82
CA THR D 299 -36.45 7.59 13.77
C THR D 299 -35.51 6.39 13.84
N LEU D 300 -34.21 6.63 13.75
CA LEU D 300 -33.24 5.54 13.76
C LEU D 300 -32.36 5.53 15.00
N VAL D 301 -32.38 4.43 15.72
CA VAL D 301 -31.57 4.28 16.93
C VAL D 301 -30.51 3.19 16.68
N HIS D 302 -29.28 3.51 17.04
CA HIS D 302 -28.16 2.58 16.86
C HIS D 302 -27.63 2.13 18.21
N ILE D 303 -27.57 0.83 18.42
CA ILE D 303 -27.02 0.28 19.66
C ILE D 303 -25.98 -0.76 19.30
N ASP D 304 -24.73 -0.51 19.68
CA ASP D 304 -23.65 -1.45 19.37
C ASP D 304 -22.42 -1.20 20.21
N VAL D 305 -21.46 -2.12 20.17
CA VAL D 305 -20.23 -1.97 20.94
C VAL D 305 -19.33 -0.90 20.35
N LEU D 306 -19.64 -0.50 19.12
CA LEU D 306 -18.84 0.52 18.45
C LEU D 306 -19.73 1.58 17.83
N PRO D 307 -19.15 2.77 17.57
CA PRO D 307 -19.93 3.85 16.95
C PRO D 307 -20.50 3.29 15.66
N ALA D 308 -21.51 3.96 15.11
CA ALA D 308 -22.12 3.49 13.88
C ALA D 308 -21.24 3.76 12.67
N TYR D 309 -21.25 2.84 11.71
CA TYR D 309 -20.50 3.01 10.47
C TYR D 309 -21.50 3.70 9.55
N GLU D 310 -21.65 5.01 9.73
CA GLU D 310 -22.61 5.78 8.94
C GLU D 310 -22.37 5.73 7.42
N GLU D 311 -23.44 6.00 6.68
CA GLU D 311 -23.41 6.03 5.22
C GLU D 311 -24.66 6.75 4.73
N ARG D 312 -24.73 7.01 3.43
CA ARG D 312 -25.86 7.73 2.84
C ARG D 312 -27.23 7.33 3.38
N ASN D 313 -27.43 6.04 3.67
CA ASN D 313 -28.72 5.58 4.17
C ASN D 313 -28.68 5.03 5.59
N TYR D 314 -27.70 5.46 6.38
CA TYR D 314 -27.61 5.01 7.76
C TYR D 314 -27.01 6.09 8.64
N THR D 315 -27.85 7.02 9.08
CA THR D 315 -27.42 8.11 9.95
C THR D 315 -28.31 8.19 11.18
N PRO D 316 -28.06 7.32 12.17
CA PRO D 316 -28.80 7.22 13.44
C PRO D 316 -29.09 8.53 14.15
N ASP D 317 -30.36 8.74 14.45
CA ASP D 317 -30.82 9.94 15.15
C ASP D 317 -30.30 9.89 16.60
N VAL D 318 -30.22 8.67 17.13
CA VAL D 318 -29.71 8.45 18.48
C VAL D 318 -28.66 7.36 18.33
N GLU D 319 -27.49 7.57 18.94
CA GLU D 319 -26.42 6.58 18.83
C GLU D 319 -25.93 6.19 20.21
N LEU D 320 -26.13 4.92 20.57
CA LEU D 320 -25.71 4.43 21.87
C LEU D 320 -24.56 3.45 21.70
N VAL D 321 -23.46 3.67 22.43
CA VAL D 321 -22.31 2.78 22.33
C VAL D 321 -21.95 2.29 23.72
N GLY D 322 -21.76 0.98 23.85
CA GLY D 322 -21.41 0.43 25.14
C GLY D 322 -21.68 -1.05 25.19
N ASP D 323 -21.63 -1.64 26.38
CA ASP D 323 -21.90 -3.05 26.54
C ASP D 323 -23.34 -3.25 26.06
N ILE D 324 -23.55 -4.12 25.09
CA ILE D 324 -24.89 -4.36 24.57
C ILE D 324 -25.83 -4.95 25.62
N ALA D 325 -25.36 -5.98 26.33
CA ALA D 325 -26.18 -6.63 27.35
C ALA D 325 -26.67 -5.63 28.41
N GLY D 326 -25.75 -4.83 28.95
CA GLY D 326 -26.11 -3.85 29.95
C GLY D 326 -27.06 -2.79 29.42
N THR D 327 -26.84 -2.39 28.17
CA THR D 327 -27.68 -1.38 27.54
C THR D 327 -29.08 -1.94 27.32
N LEU D 328 -29.17 -3.18 26.85
CA LEU D 328 -30.46 -3.81 26.61
C LEU D 328 -31.20 -4.10 27.91
N ASN D 329 -30.48 -4.53 28.95
CA ASN D 329 -31.11 -4.82 30.23
C ASN D 329 -31.73 -3.58 30.83
N LYS D 330 -30.99 -2.48 30.78
CA LYS D 330 -31.46 -1.22 31.33
C LYS D 330 -32.62 -0.69 30.51
N LEU D 331 -32.54 -0.85 29.19
CA LEU D 331 -33.61 -0.40 28.31
C LEU D 331 -34.89 -1.16 28.67
N ALA D 332 -34.73 -2.46 28.89
CA ALA D 332 -35.86 -3.32 29.25
C ALA D 332 -36.46 -2.91 30.58
N GLN D 333 -35.61 -2.40 31.48
CA GLN D 333 -36.09 -1.98 32.78
C GLN D 333 -36.84 -0.66 32.73
N ASN D 334 -36.80 0.01 31.58
CA ASN D 334 -37.48 1.27 31.39
C ASN D 334 -38.69 1.14 30.46
N ILE D 335 -39.11 -0.08 30.19
CA ILE D 335 -40.28 -0.32 29.36
C ILE D 335 -41.35 -0.90 30.28
N ASP D 336 -42.51 -0.27 30.29
CA ASP D 336 -43.60 -0.70 31.18
C ASP D 336 -44.69 -1.58 30.59
N HIS D 337 -44.86 -1.58 29.27
CA HIS D 337 -45.92 -2.40 28.67
C HIS D 337 -45.49 -3.05 27.38
N ARG D 338 -46.04 -4.23 27.11
CA ARG D 338 -45.73 -4.93 25.88
C ARG D 338 -46.41 -4.15 24.77
N LEU D 339 -45.89 -4.27 23.56
CA LEU D 339 -46.45 -3.56 22.42
C LEU D 339 -47.77 -4.15 21.91
N VAL D 340 -48.68 -3.26 21.54
CA VAL D 340 -49.95 -3.66 20.95
C VAL D 340 -49.76 -3.25 19.49
N LEU D 341 -49.74 -4.24 18.60
CA LEU D 341 -49.53 -4.00 17.18
C LEU D 341 -50.58 -3.09 16.52
N SER D 342 -50.12 -2.23 15.62
CA SER D 342 -51.02 -1.33 14.92
C SER D 342 -51.70 -2.16 13.83
N PRO D 343 -52.75 -1.61 13.19
CA PRO D 343 -53.43 -2.35 12.13
C PRO D 343 -52.48 -2.89 11.07
N GLN D 344 -51.71 -2.00 10.45
CA GLN D 344 -50.77 -2.40 9.40
C GLN D 344 -49.71 -3.36 9.91
N ALA D 345 -49.21 -3.14 11.12
CA ALA D 345 -48.19 -4.02 11.70
C ALA D 345 -48.73 -5.43 11.80
N ALA D 346 -49.91 -5.56 12.40
CA ALA D 346 -50.55 -6.87 12.55
C ALA D 346 -50.85 -7.47 11.19
N GLU D 347 -51.23 -6.62 10.24
CA GLU D 347 -51.54 -7.06 8.89
C GLU D 347 -50.31 -7.74 8.29
N ILE D 348 -49.18 -7.05 8.34
CA ILE D 348 -47.92 -7.58 7.81
C ILE D 348 -47.58 -8.94 8.43
N LEU D 349 -47.65 -9.01 9.75
CA LEU D 349 -47.35 -10.27 10.43
C LEU D 349 -48.45 -11.28 10.11
N ARG D 350 -49.62 -10.77 9.77
CA ARG D 350 -50.73 -11.65 9.40
C ARG D 350 -50.33 -12.30 8.09
N ASP D 351 -49.78 -11.50 7.19
CA ASP D 351 -49.32 -12.01 5.91
C ASP D 351 -48.23 -13.06 6.11
N ARG D 352 -47.27 -12.77 6.99
CA ARG D 352 -46.19 -13.74 7.24
C ARG D 352 -46.80 -15.02 7.77
N GLN D 353 -47.91 -14.88 8.50
CA GLN D 353 -48.61 -16.03 9.05
C GLN D 353 -49.01 -16.93 7.88
N HIS D 354 -49.71 -16.33 6.91
CA HIS D 354 -50.16 -17.06 5.73
C HIS D 354 -48.94 -17.63 5.00
N GLN D 355 -47.90 -16.80 4.91
CA GLN D 355 -46.66 -17.20 4.24
C GLN D 355 -46.10 -18.47 4.87
N ARG D 356 -46.00 -18.47 6.20
CA ARG D 356 -45.48 -19.62 6.92
C ARG D 356 -46.34 -20.86 6.61
N GLU D 357 -47.65 -20.65 6.60
CA GLU D 357 -48.60 -21.73 6.32
C GLU D 357 -48.34 -22.40 4.97
N LEU D 358 -48.19 -21.59 3.92
CA LEU D 358 -47.93 -22.12 2.60
C LEU D 358 -46.63 -22.90 2.53
N LEU D 359 -45.65 -22.51 3.34
CA LEU D 359 -44.36 -23.19 3.36
C LEU D 359 -44.41 -24.50 4.13
N ASP D 360 -45.27 -24.56 5.15
CA ASP D 360 -45.40 -25.76 5.97
C ASP D 360 -45.95 -26.93 5.13
N LEU D 366 -43.55 -35.94 -3.22
CA LEU D 366 -42.23 -35.65 -3.78
C LEU D 366 -41.37 -36.90 -3.78
N ASN D 367 -41.72 -37.86 -4.64
CA ASN D 367 -40.99 -39.11 -4.73
C ASN D 367 -40.13 -39.16 -5.99
N GLN D 368 -39.99 -38.02 -6.65
CA GLN D 368 -39.19 -37.95 -7.86
C GLN D 368 -37.73 -38.23 -7.56
N PHE D 369 -36.96 -38.49 -8.60
CA PHE D 369 -35.53 -38.77 -8.48
C PHE D 369 -34.86 -38.38 -9.79
N ALA D 370 -33.78 -37.61 -9.73
CA ALA D 370 -33.18 -37.09 -8.49
C ALA D 370 -34.14 -36.38 -7.56
N LEU D 371 -33.79 -36.37 -6.27
CA LEU D 371 -34.60 -35.75 -5.23
C LEU D 371 -34.92 -34.27 -5.45
N HIS D 372 -36.06 -33.85 -4.93
CA HIS D 372 -36.50 -32.47 -5.05
C HIS D 372 -35.88 -31.69 -3.89
N PRO D 373 -35.48 -30.44 -4.13
CA PRO D 373 -34.87 -29.65 -3.05
C PRO D 373 -35.65 -29.72 -1.73
N LEU D 374 -36.95 -29.46 -1.80
CA LEU D 374 -37.81 -29.49 -0.62
C LEU D 374 -37.77 -30.84 0.10
N ARG D 375 -37.72 -31.92 -0.66
CA ARG D 375 -37.69 -33.25 -0.05
C ARG D 375 -36.41 -33.34 0.79
N ILE D 376 -35.30 -32.88 0.21
CA ILE D 376 -34.01 -32.91 0.91
C ILE D 376 -34.04 -32.02 2.14
N VAL D 377 -34.51 -30.79 1.98
CA VAL D 377 -34.59 -29.86 3.09
C VAL D 377 -35.36 -30.48 4.25
N ARG D 378 -36.52 -31.05 3.94
CA ARG D 378 -37.35 -31.67 4.96
C ARG D 378 -36.64 -32.84 5.63
N ALA D 379 -35.93 -33.63 4.85
CA ALA D 379 -35.21 -34.77 5.39
C ALA D 379 -34.05 -34.30 6.29
N MET D 380 -33.52 -33.12 6.01
CA MET D 380 -32.43 -32.56 6.80
C MET D 380 -32.93 -32.04 8.14
N GLN D 381 -34.05 -31.33 8.11
CA GLN D 381 -34.63 -30.78 9.33
C GLN D 381 -34.96 -31.89 10.32
N ASP D 382 -35.28 -33.07 9.80
CA ASP D 382 -35.61 -34.20 10.65
C ASP D 382 -34.42 -34.78 11.42
N ILE D 383 -33.20 -34.61 10.90
CA ILE D 383 -32.03 -35.13 11.60
C ILE D 383 -31.29 -34.06 12.41
N VAL D 384 -31.49 -32.80 12.03
CA VAL D 384 -30.85 -31.68 12.71
C VAL D 384 -31.74 -31.22 13.86
N ASN D 385 -31.26 -31.34 15.09
CA ASN D 385 -32.02 -30.93 16.25
C ASN D 385 -31.24 -29.95 17.12
N SER D 386 -31.84 -29.54 18.24
CA SER D 386 -31.22 -28.58 19.15
C SER D 386 -29.88 -29.05 19.73
N ASP D 387 -29.50 -30.29 19.45
CA ASP D 387 -28.22 -30.81 19.94
C ASP D 387 -27.23 -30.88 18.79
N VAL D 388 -27.70 -30.56 17.59
CA VAL D 388 -26.84 -30.64 16.41
C VAL D 388 -26.47 -29.30 15.80
N THR D 389 -25.19 -29.15 15.45
CA THR D 389 -24.71 -27.93 14.82
C THR D 389 -24.78 -28.17 13.30
N LEU D 390 -25.26 -27.17 12.57
CA LEU D 390 -25.39 -27.26 11.13
C LEU D 390 -24.55 -26.19 10.44
N THR D 391 -23.70 -26.59 9.50
CA THR D 391 -22.90 -25.60 8.77
C THR D 391 -23.34 -25.69 7.32
N VAL D 392 -23.51 -24.53 6.69
CA VAL D 392 -23.98 -24.49 5.31
C VAL D 392 -23.01 -23.80 4.35
N ASP D 393 -22.72 -24.48 3.24
CA ASP D 393 -21.81 -23.96 2.21
C ASP D 393 -22.55 -23.02 1.28
N MET D 394 -21.90 -22.56 0.21
CA MET D 394 -22.55 -21.66 -0.73
C MET D 394 -22.93 -22.38 -2.03
N GLY D 395 -24.16 -22.17 -2.46
CA GLY D 395 -24.68 -22.80 -3.67
C GLY D 395 -26.19 -22.72 -3.65
N SER D 396 -26.85 -23.20 -4.69
CA SER D 396 -28.32 -23.13 -4.74
C SER D 396 -28.99 -23.72 -3.50
N PHE D 397 -28.43 -24.82 -3.00
CA PHE D 397 -28.94 -25.50 -1.81
C PHE D 397 -28.97 -24.50 -0.64
N HIS D 398 -28.07 -23.52 -0.69
CA HIS D 398 -27.98 -22.50 0.35
C HIS D 398 -29.26 -21.67 0.35
N ILE D 399 -29.73 -21.31 -0.85
CA ILE D 399 -30.94 -20.52 -0.94
C ILE D 399 -32.15 -21.31 -0.41
N TRP D 400 -32.22 -22.59 -0.76
CA TRP D 400 -33.31 -23.44 -0.28
C TRP D 400 -33.36 -23.53 1.23
N ILE D 401 -32.21 -23.81 1.84
CA ILE D 401 -32.12 -23.92 3.28
C ILE D 401 -32.45 -22.59 3.96
N ALA D 402 -32.05 -21.48 3.36
CA ALA D 402 -32.33 -20.18 3.94
C ALA D 402 -33.84 -19.89 3.86
N ARG D 403 -34.48 -20.38 2.80
CA ARG D 403 -35.91 -20.17 2.62
C ARG D 403 -36.67 -20.79 3.79
N TYR D 404 -36.18 -21.94 4.25
CA TYR D 404 -36.81 -22.67 5.34
C TYR D 404 -36.09 -22.62 6.67
N LEU D 405 -35.20 -21.65 6.84
CA LEU D 405 -34.45 -21.53 8.09
C LEU D 405 -35.38 -21.54 9.29
N TYR D 406 -36.53 -20.90 9.14
CA TYR D 406 -37.52 -20.81 10.21
C TYR D 406 -37.92 -22.16 10.81
N THR D 407 -37.80 -23.23 10.04
CA THR D 407 -38.17 -24.56 10.53
C THR D 407 -37.02 -25.44 10.97
N PHE D 408 -35.80 -24.96 10.83
CA PHE D 408 -34.66 -25.73 11.30
C PHE D 408 -34.54 -25.42 12.78
N ARG D 409 -34.24 -26.43 13.57
CA ARG D 409 -34.08 -26.25 15.01
C ARG D 409 -32.74 -26.82 15.42
N ALA D 410 -31.67 -26.11 15.08
CA ALA D 410 -30.33 -26.56 15.40
C ALA D 410 -29.71 -25.83 16.58
N ARG D 411 -28.74 -26.50 17.20
CA ARG D 411 -28.00 -25.93 18.34
C ARG D 411 -27.42 -24.60 17.87
N GLN D 412 -26.82 -24.64 16.69
CA GLN D 412 -26.21 -23.46 16.06
C GLN D 412 -26.18 -23.68 14.56
N VAL D 413 -26.27 -22.58 13.80
CA VAL D 413 -26.23 -22.66 12.35
C VAL D 413 -25.20 -21.67 11.81
N MET D 414 -24.19 -22.19 11.12
CA MET D 414 -23.18 -21.34 10.51
C MET D 414 -23.61 -21.28 9.05
N ILE D 415 -24.10 -20.11 8.63
CA ILE D 415 -24.56 -19.96 7.26
C ILE D 415 -24.18 -18.62 6.62
N SER D 416 -24.19 -17.54 7.41
CA SER D 416 -23.85 -16.22 6.89
C SER D 416 -22.55 -16.30 6.07
N ASN D 417 -22.57 -15.75 4.87
CA ASN D 417 -21.43 -15.83 3.97
C ASN D 417 -21.52 -14.69 2.95
N GLY D 418 -21.21 -13.47 3.40
CA GLY D 418 -21.28 -12.31 2.54
C GLY D 418 -20.44 -12.40 1.27
N GLN D 419 -19.28 -13.04 1.39
CA GLN D 419 -18.38 -13.20 0.26
C GLN D 419 -18.84 -14.33 -0.66
N GLN D 420 -19.78 -15.15 -0.19
CA GLN D 420 -20.32 -16.26 -0.96
C GLN D 420 -19.21 -17.27 -1.29
N THR D 421 -18.28 -17.41 -0.34
CA THR D 421 -17.15 -18.30 -0.49
C THR D 421 -17.55 -19.77 -0.41
N MET D 422 -17.31 -20.50 -1.49
CA MET D 422 -17.65 -21.92 -1.50
C MET D 422 -16.57 -22.71 -0.76
N GLY D 423 -16.95 -23.88 -0.24
CA GLY D 423 -16.02 -24.74 0.46
C GLY D 423 -15.96 -24.60 1.97
N VAL D 424 -16.64 -23.60 2.51
CA VAL D 424 -16.62 -23.36 3.95
C VAL D 424 -17.23 -24.41 4.87
N ALA D 425 -18.32 -25.05 4.44
CA ALA D 425 -19.04 -26.02 5.28
C ALA D 425 -18.26 -27.09 6.05
N LEU D 426 -17.54 -27.96 5.35
CA LEU D 426 -16.81 -29.03 6.03
C LEU D 426 -15.80 -28.52 7.07
N PRO D 427 -14.88 -27.61 6.68
CA PRO D 427 -13.93 -27.14 7.70
C PRO D 427 -14.62 -26.41 8.86
N TRP D 428 -15.70 -25.66 8.59
CA TRP D 428 -16.42 -24.98 9.66
C TRP D 428 -16.92 -26.04 10.64
N ALA D 429 -17.43 -27.13 10.09
CA ALA D 429 -17.96 -28.23 10.89
C ALA D 429 -16.89 -28.86 11.75
N ILE D 430 -15.71 -29.09 11.17
CA ILE D 430 -14.60 -29.69 11.92
C ILE D 430 -14.20 -28.79 13.08
N GLY D 431 -14.09 -27.49 12.82
CA GLY D 431 -13.73 -26.57 13.88
C GLY D 431 -14.80 -26.54 14.96
N ALA D 432 -16.05 -26.53 14.56
CA ALA D 432 -17.16 -26.50 15.50
C ALA D 432 -17.17 -27.77 16.35
N TRP D 433 -16.94 -28.90 15.72
CA TRP D 433 -16.93 -30.17 16.45
C TRP D 433 -15.84 -30.20 17.52
N LEU D 434 -14.68 -29.64 17.21
CA LEU D 434 -13.58 -29.62 18.16
C LEU D 434 -13.88 -28.82 19.44
N VAL D 435 -14.80 -27.86 19.35
CA VAL D 435 -15.16 -27.07 20.52
C VAL D 435 -16.06 -27.87 21.47
N ASN D 436 -16.95 -28.69 20.89
CA ASN D 436 -17.85 -29.55 21.67
C ASN D 436 -17.88 -30.92 21.00
N PRO D 437 -16.82 -31.72 21.21
CA PRO D 437 -16.62 -33.07 20.66
C PRO D 437 -17.71 -34.08 20.96
N GLU D 438 -18.46 -33.86 22.04
CA GLU D 438 -19.52 -34.79 22.43
C GLU D 438 -20.77 -34.67 21.57
N ARG D 439 -20.87 -33.59 20.79
CA ARG D 439 -22.03 -33.39 19.94
C ARG D 439 -21.75 -33.68 18.47
N LYS D 440 -22.81 -33.86 17.70
CA LYS D 440 -22.69 -34.13 16.28
C LYS D 440 -22.80 -32.86 15.45
N VAL D 441 -22.12 -32.84 14.31
CA VAL D 441 -22.17 -31.70 13.43
C VAL D 441 -22.57 -32.17 12.05
N VAL D 442 -23.47 -31.44 11.41
CA VAL D 442 -23.92 -31.78 10.07
C VAL D 442 -23.53 -30.60 9.18
N SER D 443 -22.85 -30.89 8.08
CA SER D 443 -22.46 -29.84 7.15
C SER D 443 -23.02 -30.20 5.79
N VAL D 444 -23.47 -29.20 5.04
CA VAL D 444 -24.05 -29.44 3.73
C VAL D 444 -23.42 -28.54 2.66
N SER D 445 -23.12 -29.13 1.50
CA SER D 445 -22.55 -28.36 0.41
C SER D 445 -22.99 -28.93 -0.93
N GLY D 446 -22.60 -28.26 -2.00
CA GLY D 446 -22.90 -28.74 -3.33
C GLY D 446 -21.66 -29.52 -3.72
N ASP D 447 -21.62 -30.06 -4.94
CA ASP D 447 -20.44 -30.82 -5.37
C ASP D 447 -19.24 -29.91 -5.66
N GLY D 448 -19.51 -28.70 -6.14
CA GLY D 448 -18.44 -27.76 -6.42
C GLY D 448 -17.74 -27.37 -5.13
N GLY D 449 -18.52 -26.93 -4.15
CA GLY D 449 -17.95 -26.53 -2.87
C GLY D 449 -17.28 -27.67 -2.13
N PHE D 450 -17.87 -28.86 -2.21
CA PHE D 450 -17.31 -30.03 -1.55
C PHE D 450 -15.85 -30.27 -1.93
N LEU D 451 -15.55 -30.23 -3.23
CA LEU D 451 -14.20 -30.47 -3.71
C LEU D 451 -13.19 -29.35 -3.43
N GLN D 452 -13.65 -28.15 -3.09
CA GLN D 452 -12.68 -27.11 -2.80
C GLN D 452 -12.07 -27.32 -1.41
N SER D 453 -12.76 -28.07 -0.55
CA SER D 453 -12.21 -28.31 0.78
C SER D 453 -12.30 -29.76 1.27
N SER D 454 -12.64 -30.70 0.39
CA SER D 454 -12.77 -32.10 0.77
C SER D 454 -11.48 -32.78 1.24
N MET D 455 -10.32 -32.17 0.96
CA MET D 455 -9.07 -32.79 1.41
C MET D 455 -9.08 -32.88 2.93
N GLU D 456 -9.93 -32.10 3.58
CA GLU D 456 -9.99 -32.14 5.05
C GLU D 456 -10.75 -33.35 5.58
N LEU D 457 -11.21 -34.22 4.70
CA LEU D 457 -11.90 -35.43 5.15
C LEU D 457 -10.85 -36.30 5.84
N GLU D 458 -9.61 -36.24 5.36
CA GLU D 458 -8.54 -37.02 5.98
C GLU D 458 -8.34 -36.50 7.39
N THR D 459 -8.38 -35.17 7.53
CA THR D 459 -8.22 -34.53 8.83
C THR D 459 -9.34 -34.98 9.77
N ALA D 460 -10.56 -35.02 9.23
CA ALA D 460 -11.72 -35.46 10.02
C ALA D 460 -11.57 -36.92 10.49
N VAL D 461 -11.13 -37.80 9.60
CA VAL D 461 -10.95 -39.21 9.96
C VAL D 461 -9.88 -39.33 11.02
N ARG D 462 -8.79 -38.59 10.84
CA ARG D 462 -7.68 -38.58 11.79
C ARG D 462 -8.11 -38.08 13.16
N LEU D 463 -9.04 -37.12 13.17
CA LEU D 463 -9.54 -36.56 14.43
C LEU D 463 -10.74 -37.33 14.93
N LYS D 464 -11.31 -38.17 14.05
CA LYS D 464 -12.50 -38.95 14.38
C LYS D 464 -13.62 -37.96 14.70
N ALA D 465 -13.67 -36.89 13.91
CA ALA D 465 -14.67 -35.85 14.09
C ALA D 465 -16.05 -36.41 13.77
N ASN D 466 -16.99 -36.24 14.70
CA ASN D 466 -18.35 -36.74 14.50
C ASN D 466 -19.09 -35.76 13.61
N VAL D 467 -18.68 -35.73 12.35
CA VAL D 467 -19.26 -34.84 11.36
C VAL D 467 -19.94 -35.60 10.22
N LEU D 468 -21.17 -35.21 9.90
CA LEU D 468 -21.89 -35.82 8.79
C LEU D 468 -21.97 -34.77 7.68
N HIS D 469 -21.33 -35.03 6.55
CA HIS D 469 -21.35 -34.10 5.44
C HIS D 469 -22.34 -34.56 4.37
N LEU D 470 -23.22 -33.67 3.97
CA LEU D 470 -24.21 -33.97 2.94
C LEU D 470 -23.88 -33.21 1.67
N ILE D 471 -23.83 -33.94 0.55
CA ILE D 471 -23.55 -33.32 -0.73
C ILE D 471 -24.75 -33.33 -1.67
N TRP D 472 -25.20 -32.15 -2.07
CA TRP D 472 -26.29 -32.05 -3.03
C TRP D 472 -25.60 -32.20 -4.38
N VAL D 473 -25.87 -33.30 -5.09
CA VAL D 473 -25.23 -33.57 -6.37
C VAL D 473 -26.06 -33.19 -7.60
N ASP D 474 -25.50 -32.32 -8.43
CA ASP D 474 -26.15 -31.86 -9.66
C ASP D 474 -25.13 -31.85 -10.80
N ASN D 475 -23.88 -32.19 -10.48
CA ASN D 475 -22.81 -32.21 -11.45
C ASN D 475 -22.56 -30.86 -12.10
N GLY D 476 -22.62 -29.80 -11.30
CA GLY D 476 -22.37 -28.47 -11.83
C GLY D 476 -22.36 -27.39 -10.78
N TYR D 477 -22.16 -26.16 -11.23
CA TYR D 477 -22.15 -24.99 -10.35
C TYR D 477 -23.53 -24.37 -10.59
N ASN D 478 -24.57 -24.97 -10.02
CA ASN D 478 -25.93 -24.48 -10.24
C ASN D 478 -26.22 -23.03 -9.87
N MET D 479 -25.77 -22.59 -8.69
CA MET D 479 -26.05 -21.21 -8.29
C MET D 479 -25.62 -20.18 -9.34
N VAL D 480 -24.57 -20.49 -10.09
CA VAL D 480 -24.09 -19.58 -11.13
C VAL D 480 -24.85 -19.89 -12.42
N ALA D 481 -25.12 -21.16 -12.66
CA ALA D 481 -25.83 -21.59 -13.86
C ALA D 481 -27.20 -20.92 -14.01
N ILE D 482 -27.97 -20.85 -12.93
CA ILE D 482 -29.30 -20.25 -12.99
C ILE D 482 -29.26 -18.74 -13.21
N GLN D 483 -28.21 -18.08 -12.76
CA GLN D 483 -28.10 -16.65 -12.97
C GLN D 483 -27.79 -16.41 -14.45
N GLU D 484 -26.98 -17.29 -15.03
CA GLU D 484 -26.63 -17.18 -16.45
C GLU D 484 -27.89 -17.52 -17.26
N GLU D 485 -28.61 -18.54 -16.82
CA GLU D 485 -29.82 -18.94 -17.50
C GLU D 485 -30.77 -17.75 -17.60
N LYS D 486 -31.00 -17.11 -16.44
CA LYS D 486 -31.88 -15.95 -16.36
C LYS D 486 -31.45 -14.83 -17.29
N LYS D 487 -30.16 -14.53 -17.31
CA LYS D 487 -29.65 -13.44 -18.13
C LYS D 487 -29.32 -13.75 -19.59
N TYR D 488 -28.78 -14.93 -19.86
CA TYR D 488 -28.39 -15.26 -21.23
C TYR D 488 -29.13 -16.42 -21.89
N GLN D 489 -29.94 -17.12 -21.12
CA GLN D 489 -30.70 -18.26 -21.66
C GLN D 489 -29.77 -19.38 -22.13
N ARG D 490 -28.50 -19.33 -21.70
CA ARG D 490 -27.53 -20.35 -22.06
C ARG D 490 -26.46 -20.45 -20.96
N LEU D 491 -25.85 -21.62 -20.86
CA LEU D 491 -24.84 -21.85 -19.83
C LEU D 491 -23.41 -21.85 -20.32
N SER D 492 -22.49 -21.48 -19.44
CA SER D 492 -21.07 -21.45 -19.75
C SER D 492 -20.21 -21.72 -18.51
N GLY D 493 -19.32 -22.71 -18.63
CA GLY D 493 -18.43 -23.08 -17.53
C GLY D 493 -19.08 -23.47 -16.22
N VAL D 494 -20.30 -24.02 -16.27
CA VAL D 494 -20.98 -24.40 -15.04
C VAL D 494 -21.30 -25.90 -14.94
N GLU D 495 -20.83 -26.67 -15.90
CA GLU D 495 -21.10 -28.11 -15.90
C GLU D 495 -19.82 -28.93 -15.88
N PHE D 496 -19.79 -29.95 -15.04
CA PHE D 496 -18.62 -30.81 -14.98
C PHE D 496 -19.07 -32.27 -14.88
N GLY D 497 -18.10 -33.17 -14.87
CA GLY D 497 -18.40 -34.59 -14.82
C GLY D 497 -18.91 -35.13 -13.49
N PRO D 498 -19.40 -36.38 -13.49
CA PRO D 498 -19.91 -37.00 -12.27
C PRO D 498 -18.82 -37.70 -11.48
N MET D 499 -19.12 -38.03 -10.23
CA MET D 499 -18.18 -38.73 -9.36
C MET D 499 -18.91 -39.71 -8.45
N ASP D 500 -18.17 -40.70 -7.97
CA ASP D 500 -18.71 -41.70 -7.04
C ASP D 500 -18.32 -41.24 -5.63
N PHE D 501 -19.08 -40.29 -5.09
CA PHE D 501 -18.82 -39.73 -3.78
C PHE D 501 -18.82 -40.73 -2.64
N LYS D 502 -19.54 -41.83 -2.82
CA LYS D 502 -19.57 -42.86 -1.77
C LYS D 502 -18.18 -43.46 -1.67
N ALA D 503 -17.64 -43.88 -2.81
CA ALA D 503 -16.31 -44.47 -2.85
C ALA D 503 -15.26 -43.41 -2.47
N TYR D 504 -15.45 -42.18 -2.96
CA TYR D 504 -14.54 -41.08 -2.68
C TYR D 504 -14.33 -40.96 -1.16
N ALA D 505 -15.43 -40.86 -0.42
CA ALA D 505 -15.36 -40.73 1.03
C ALA D 505 -14.73 -41.95 1.69
N GLU D 506 -15.11 -43.14 1.23
CA GLU D 506 -14.58 -44.36 1.82
C GLU D 506 -13.06 -44.49 1.63
N SER D 507 -12.52 -43.89 0.58
CA SER D 507 -11.09 -43.97 0.34
C SER D 507 -10.31 -43.24 1.45
N PHE D 508 -10.99 -42.36 2.18
CA PHE D 508 -10.40 -41.61 3.29
C PHE D 508 -10.53 -42.40 4.61
N GLY D 509 -11.39 -43.40 4.62
CA GLY D 509 -11.59 -44.15 5.84
C GLY D 509 -12.82 -43.63 6.55
N ALA D 510 -13.61 -42.84 5.82
CA ALA D 510 -14.84 -42.29 6.33
C ALA D 510 -15.95 -43.19 5.80
N LYS D 511 -17.15 -43.04 6.35
CA LYS D 511 -18.28 -43.85 5.91
C LYS D 511 -19.01 -43.08 4.81
N GLY D 512 -19.25 -43.74 3.68
CA GLY D 512 -19.93 -43.07 2.59
C GLY D 512 -21.28 -43.69 2.24
N PHE D 513 -22.17 -42.85 1.73
CA PHE D 513 -23.50 -43.29 1.33
C PHE D 513 -23.89 -42.55 0.08
N ALA D 514 -24.76 -43.17 -0.73
CA ALA D 514 -25.24 -42.56 -1.95
C ALA D 514 -26.73 -42.85 -2.09
N VAL D 515 -27.55 -41.81 -2.02
CA VAL D 515 -28.99 -41.97 -2.13
C VAL D 515 -29.35 -42.25 -3.58
N GLU D 516 -29.84 -43.45 -3.85
CA GLU D 516 -30.19 -43.84 -5.21
C GLU D 516 -31.69 -43.79 -5.53
N SER D 517 -32.49 -43.50 -4.50
CA SER D 517 -33.94 -43.38 -4.67
C SER D 517 -34.51 -42.48 -3.58
N ALA D 518 -35.68 -41.92 -3.83
CA ALA D 518 -36.30 -41.04 -2.85
C ALA D 518 -36.57 -41.73 -1.51
N GLU D 519 -37.07 -42.96 -1.58
CA GLU D 519 -37.39 -43.72 -0.38
C GLU D 519 -36.16 -43.92 0.50
N ALA D 520 -35.02 -44.10 -0.15
CA ALA D 520 -33.77 -44.33 0.56
C ALA D 520 -33.25 -43.11 1.32
N LEU D 521 -33.70 -41.93 0.94
CA LEU D 521 -33.24 -40.70 1.58
C LEU D 521 -33.21 -40.71 3.10
N GLU D 522 -34.39 -40.61 3.73
CA GLU D 522 -34.47 -40.59 5.19
C GLU D 522 -33.70 -41.72 5.87
N PRO D 523 -33.85 -42.96 5.37
CA PRO D 523 -33.15 -44.10 5.96
C PRO D 523 -31.63 -43.93 5.87
N THR D 524 -31.16 -43.45 4.72
CA THR D 524 -29.72 -43.24 4.53
C THR D 524 -29.20 -42.21 5.52
N LEU D 525 -29.87 -41.06 5.60
CA LEU D 525 -29.45 -40.01 6.52
C LEU D 525 -29.48 -40.49 7.96
N ARG D 526 -30.53 -41.24 8.31
CA ARG D 526 -30.66 -41.77 9.66
C ARG D 526 -29.48 -42.69 9.95
N ALA D 527 -29.15 -43.54 8.99
CA ALA D 527 -28.03 -44.47 9.13
C ALA D 527 -26.72 -43.70 9.28
N ALA D 528 -26.52 -42.70 8.42
CA ALA D 528 -25.29 -41.90 8.46
C ALA D 528 -25.16 -41.12 9.77
N MET D 529 -26.29 -40.66 10.31
CA MET D 529 -26.28 -39.91 11.56
C MET D 529 -25.83 -40.79 12.73
N ASP D 530 -26.11 -42.08 12.64
CA ASP D 530 -25.73 -43.02 13.70
C ASP D 530 -24.24 -43.30 13.71
N VAL D 531 -23.59 -43.12 12.58
CA VAL D 531 -22.15 -43.35 12.48
C VAL D 531 -21.39 -42.49 13.47
N ASP D 532 -20.56 -43.12 14.28
CA ASP D 532 -19.77 -42.40 15.27
C ASP D 532 -18.45 -42.02 14.63
N GLY D 533 -18.47 -40.93 13.86
CA GLY D 533 -17.27 -40.47 13.19
C GLY D 533 -17.64 -39.81 11.88
N PRO D 534 -16.67 -39.54 10.99
CA PRO D 534 -16.90 -38.90 9.70
C PRO D 534 -17.78 -39.74 8.76
N ALA D 535 -18.72 -39.08 8.08
CA ALA D 535 -19.61 -39.75 7.15
C ALA D 535 -20.02 -38.79 6.04
N VAL D 536 -20.17 -39.32 4.84
CA VAL D 536 -20.56 -38.51 3.69
C VAL D 536 -21.72 -39.15 2.94
N VAL D 537 -22.72 -38.33 2.59
CA VAL D 537 -23.88 -38.81 1.86
C VAL D 537 -24.11 -38.02 0.58
N ALA D 538 -23.99 -38.70 -0.56
CA ALA D 538 -24.23 -38.05 -1.83
C ALA D 538 -25.74 -38.08 -2.05
N ILE D 539 -26.31 -36.93 -2.41
CA ILE D 539 -27.76 -36.84 -2.62
C ILE D 539 -28.08 -36.22 -3.97
N PRO D 540 -28.41 -37.04 -4.97
CA PRO D 540 -28.74 -36.51 -6.31
C PRO D 540 -29.91 -35.55 -6.18
N VAL D 541 -29.82 -34.38 -6.80
CA VAL D 541 -30.89 -33.39 -6.72
C VAL D 541 -31.35 -32.88 -8.07
N ASP D 542 -32.63 -32.53 -8.15
CA ASP D 542 -33.24 -32.01 -9.38
C ASP D 542 -33.47 -30.52 -9.17
N TYR D 543 -32.67 -29.70 -9.84
CA TYR D 543 -32.77 -28.24 -9.71
C TYR D 543 -33.71 -27.55 -10.69
N ARG D 544 -34.51 -28.33 -11.43
CA ARG D 544 -35.42 -27.74 -12.41
C ARG D 544 -36.40 -26.71 -11.84
N ASP D 545 -36.71 -26.81 -10.56
CA ASP D 545 -37.64 -25.86 -9.94
C ASP D 545 -36.96 -24.58 -9.43
N ASN D 546 -35.64 -24.56 -9.47
CA ASN D 546 -34.89 -23.40 -8.99
C ASN D 546 -35.37 -22.05 -9.53
N PRO D 547 -35.64 -21.96 -10.84
CA PRO D 547 -36.10 -20.68 -11.38
C PRO D 547 -37.23 -20.10 -10.55
N LEU D 548 -38.06 -20.97 -10.00
CA LEU D 548 -39.19 -20.55 -9.17
C LEU D 548 -38.72 -19.89 -7.88
N LEU D 549 -37.79 -20.55 -7.18
CA LEU D 549 -37.26 -20.02 -5.94
C LEU D 549 -36.52 -18.72 -6.19
N MET D 550 -35.83 -18.63 -7.32
CA MET D 550 -35.08 -17.44 -7.68
C MET D 550 -36.02 -16.25 -7.79
N GLY D 551 -37.24 -16.51 -8.25
CA GLY D 551 -38.21 -15.45 -8.38
C GLY D 551 -38.54 -14.80 -7.05
N GLN D 552 -38.14 -15.44 -5.95
CA GLN D 552 -38.42 -14.90 -4.62
C GLN D 552 -37.26 -14.09 -4.06
N LEU D 553 -36.18 -13.98 -4.83
CA LEU D 553 -34.99 -13.24 -4.41
C LEU D 553 -35.06 -11.78 -4.83
N HIS D 554 -34.34 -10.92 -4.13
CA HIS D 554 -34.30 -9.50 -4.48
C HIS D 554 -33.76 -9.43 -5.91
N LEU D 555 -34.56 -8.88 -6.83
CA LEU D 555 -34.16 -8.78 -8.24
C LEU D 555 -33.30 -7.56 -8.52
#